data_2DM7
#
_entry.id   2DM7
#
_entity_poly.entity_id   1
_entity_poly.type   'polypeptide(L)'
_entity_poly.pdbx_seq_one_letter_code
;GSSGSSGPARFTQDLKTKEASEGATATLQCELSKVAPVEWKKGPETLRDGGRYSLKQDGTRCELQIHDLSVADAGEYSCM
CGQERTSATLTVRALPARFTEGSGPSSG
;
_entity_poly.pdbx_strand_id   A
#
# COMPACT_ATOMS: atom_id res chain seq x y z
N GLY A 1 -5.06 24.57 21.91
CA GLY A 1 -6.13 24.47 20.95
C GLY A 1 -7.28 23.61 21.44
N SER A 2 -7.88 22.84 20.54
CA SER A 2 -9.00 21.98 20.90
C SER A 2 -8.62 20.51 20.77
N SER A 3 -8.62 19.79 21.90
CA SER A 3 -8.27 18.38 21.91
C SER A 3 -9.29 17.58 22.71
N GLY A 4 -9.63 18.07 23.89
CA GLY A 4 -10.60 17.38 24.73
C GLY A 4 -12.01 17.47 24.18
N SER A 5 -12.27 16.73 23.10
CA SER A 5 -13.59 16.73 22.48
C SER A 5 -13.71 15.60 21.46
N SER A 6 -14.68 14.72 21.68
CA SER A 6 -14.90 13.59 20.79
C SER A 6 -14.87 14.03 19.33
N GLY A 7 -14.54 13.10 18.44
CA GLY A 7 -14.48 13.40 17.03
C GLY A 7 -13.80 12.32 16.23
N PRO A 8 -14.13 12.24 14.93
CA PRO A 8 -13.55 11.24 14.02
C PRO A 8 -12.07 11.50 13.73
N ALA A 9 -11.36 10.45 13.33
CA ALA A 9 -9.95 10.57 13.02
C ALA A 9 -9.72 10.90 11.55
N ARG A 10 -8.84 11.86 11.29
CA ARG A 10 -8.54 12.27 9.94
C ARG A 10 -7.06 12.08 9.61
N PHE A 11 -6.76 11.68 8.38
CA PHE A 11 -5.39 11.45 7.96
C PHE A 11 -4.55 12.72 8.14
N THR A 12 -3.29 12.53 8.49
CA THR A 12 -2.38 13.65 8.70
C THR A 12 -1.22 13.63 7.71
N GLN A 13 -0.78 12.42 7.36
CA GLN A 13 0.32 12.26 6.42
C GLN A 13 -0.12 11.46 5.19
N ASP A 14 -0.27 12.16 4.07
CA ASP A 14 -0.69 11.52 2.83
C ASP A 14 -0.10 10.12 2.71
N LEU A 15 -0.96 9.13 2.51
CA LEU A 15 -0.52 7.75 2.38
C LEU A 15 0.51 7.61 1.27
N LYS A 16 1.57 6.85 1.53
CA LYS A 16 2.62 6.63 0.55
C LYS A 16 2.86 5.14 0.33
N THR A 17 3.46 4.81 -0.81
CA THR A 17 3.75 3.42 -1.15
C THR A 17 5.19 3.24 -1.59
N LYS A 18 5.58 2.00 -1.84
CA LYS A 18 6.94 1.70 -2.29
C LYS A 18 6.93 0.95 -3.61
N GLU A 19 8.09 0.87 -4.25
CA GLU A 19 8.22 0.16 -5.52
C GLU A 19 8.98 -1.14 -5.36
N ALA A 20 8.28 -2.26 -5.51
CA ALA A 20 8.89 -3.58 -5.37
C ALA A 20 8.75 -4.38 -6.66
N SER A 21 9.48 -5.49 -6.75
CA SER A 21 9.43 -6.35 -7.93
C SER A 21 8.40 -7.45 -7.75
N GLU A 22 7.93 -8.00 -8.87
CA GLU A 22 6.93 -9.06 -8.84
C GLU A 22 7.33 -10.15 -7.86
N GLY A 23 6.33 -10.72 -7.18
CA GLY A 23 6.61 -11.77 -6.22
C GLY A 23 7.01 -11.23 -4.86
N ALA A 24 7.61 -10.04 -4.86
CA ALA A 24 8.06 -9.42 -3.63
C ALA A 24 6.87 -8.97 -2.78
N THR A 25 7.15 -8.29 -1.67
CA THR A 25 6.11 -7.82 -0.78
C THR A 25 6.19 -6.31 -0.59
N ALA A 26 5.11 -5.61 -0.93
CA ALA A 26 5.07 -4.17 -0.80
C ALA A 26 4.78 -3.75 0.64
N THR A 27 5.02 -2.49 0.95
CA THR A 27 4.79 -1.97 2.30
C THR A 27 4.41 -0.51 2.27
N LEU A 28 3.14 -0.22 2.56
CA LEU A 28 2.63 1.13 2.56
C LEU A 28 2.49 1.67 4.00
N GLN A 29 2.85 2.93 4.18
CA GLN A 29 2.76 3.55 5.50
C GLN A 29 1.89 4.81 5.45
N CYS A 30 1.12 5.02 6.51
CA CYS A 30 0.24 6.19 6.59
C CYS A 30 0.00 6.59 8.04
N GLU A 31 -0.11 7.89 8.28
CA GLU A 31 -0.33 8.42 9.62
C GLU A 31 -1.78 8.84 9.81
N LEU A 32 -2.16 9.11 11.05
CA LEU A 32 -3.52 9.54 11.36
C LEU A 32 -3.53 10.55 12.49
N SER A 33 -4.64 11.28 12.62
CA SER A 33 -4.77 12.29 13.67
C SER A 33 -4.83 11.64 15.05
N LYS A 34 -5.37 10.43 15.10
CA LYS A 34 -5.49 9.70 16.36
C LYS A 34 -5.82 8.24 16.10
N VAL A 35 -5.65 7.41 17.14
CA VAL A 35 -5.94 5.98 17.03
C VAL A 35 -7.39 5.73 16.63
N ALA A 36 -7.59 5.28 15.40
CA ALA A 36 -8.93 5.00 14.89
C ALA A 36 -8.91 3.85 13.90
N PRO A 37 -9.98 3.04 13.90
CA PRO A 37 -10.12 1.89 13.00
C PRO A 37 -10.31 2.31 11.55
N VAL A 38 -9.38 1.91 10.69
CA VAL A 38 -9.45 2.24 9.27
C VAL A 38 -9.81 1.01 8.45
N GLU A 39 -9.83 1.19 7.12
CA GLU A 39 -10.16 0.09 6.21
C GLU A 39 -9.49 0.30 4.85
N TRP A 40 -8.51 -0.53 4.55
CA TRP A 40 -7.80 -0.44 3.27
C TRP A 40 -8.68 -0.88 2.12
N LYS A 41 -8.46 -0.29 0.95
CA LYS A 41 -9.24 -0.62 -0.24
C LYS A 41 -8.37 -0.59 -1.49
N LYS A 42 -8.68 -1.46 -2.44
CA LYS A 42 -7.93 -1.54 -3.69
C LYS A 42 -8.82 -1.18 -4.88
N GLY A 43 -9.73 -0.25 -4.66
CA GLY A 43 -10.63 0.17 -5.73
C GLY A 43 -12.08 0.18 -5.30
N PRO A 44 -12.99 -0.15 -6.23
CA PRO A 44 -14.43 -0.19 -5.97
C PRO A 44 -14.82 -1.34 -5.05
N GLU A 45 -13.82 -2.08 -4.57
CA GLU A 45 -14.06 -3.21 -3.68
C GLU A 45 -13.36 -3.01 -2.34
N THR A 46 -13.79 -3.76 -1.34
CA THR A 46 -13.20 -3.67 -0.01
C THR A 46 -12.27 -4.85 0.27
N LEU A 47 -11.27 -4.61 1.11
CA LEU A 47 -10.30 -5.65 1.46
C LEU A 47 -10.36 -5.97 2.95
N ARG A 48 -9.59 -6.98 3.37
CA ARG A 48 -9.56 -7.38 4.77
C ARG A 48 -8.27 -8.13 5.08
N ASP A 49 -7.90 -8.15 6.36
CA ASP A 49 -6.69 -8.84 6.80
C ASP A 49 -6.88 -10.35 6.77
N GLY A 50 -5.90 -11.05 6.24
CA GLY A 50 -5.97 -12.50 6.17
C GLY A 50 -5.86 -13.02 4.74
N GLY A 51 -5.08 -14.08 4.56
CA GLY A 51 -4.89 -14.65 3.24
C GLY A 51 -3.63 -14.15 2.56
N ARG A 52 -3.79 -13.19 1.65
CA ARG A 52 -2.65 -12.63 0.93
C ARG A 52 -2.54 -11.13 1.16
N TYR A 53 -2.81 -10.71 2.39
CA TYR A 53 -2.75 -9.29 2.75
C TYR A 53 -2.53 -9.11 4.24
N SER A 54 -1.57 -8.26 4.60
CA SER A 54 -1.27 -8.00 6.01
C SER A 54 -1.39 -6.52 6.33
N LEU A 55 -2.32 -6.18 7.22
CA LEU A 55 -2.54 -4.79 7.61
C LEU A 55 -2.35 -4.62 9.12
N LYS A 56 -1.25 -4.00 9.51
CA LYS A 56 -0.96 -3.76 10.92
C LYS A 56 -1.22 -2.31 11.29
N GLN A 57 -1.76 -2.10 12.49
CA GLN A 57 -2.05 -0.75 12.97
C GLN A 57 -1.20 -0.40 14.19
N ASP A 58 -0.20 0.43 13.98
CA ASP A 58 0.69 0.84 15.06
C ASP A 58 0.25 2.19 15.64
N GLY A 59 -0.76 2.16 16.50
CA GLY A 59 -1.26 3.37 17.11
C GLY A 59 -1.94 4.28 16.11
N THR A 60 -1.23 5.31 15.66
CA THR A 60 -1.77 6.26 14.69
C THR A 60 -1.21 6.02 13.30
N ARG A 61 -0.61 4.84 13.10
CA ARG A 61 -0.03 4.49 11.82
C ARG A 61 -0.48 3.11 11.37
N CYS A 62 -0.55 2.91 10.06
CA CYS A 62 -0.97 1.62 9.51
C CYS A 62 -0.01 1.16 8.43
N GLU A 63 0.50 -0.07 8.58
CA GLU A 63 1.43 -0.63 7.62
C GLU A 63 0.79 -1.78 6.84
N LEU A 64 0.50 -1.56 5.57
CA LEU A 64 -0.11 -2.58 4.73
C LEU A 64 0.95 -3.38 4.00
N GLN A 65 0.67 -4.67 3.79
CA GLN A 65 1.61 -5.55 3.10
C GLN A 65 0.87 -6.45 2.11
N ILE A 66 1.50 -6.70 0.96
CA ILE A 66 0.90 -7.55 -0.07
C ILE A 66 1.87 -8.64 -0.49
N HIS A 67 1.76 -9.80 0.15
CA HIS A 67 2.62 -10.94 -0.17
C HIS A 67 2.37 -11.44 -1.59
N ASP A 68 3.42 -11.91 -2.25
CA ASP A 68 3.30 -12.42 -3.61
C ASP A 68 2.84 -11.33 -4.56
N LEU A 69 3.55 -10.20 -4.54
CA LEU A 69 3.23 -9.07 -5.40
C LEU A 69 3.03 -9.52 -6.85
N SER A 70 2.55 -8.61 -7.69
CA SER A 70 2.33 -8.91 -9.10
C SER A 70 2.08 -7.65 -9.89
N VAL A 71 2.29 -7.73 -11.21
CA VAL A 71 2.09 -6.58 -12.08
C VAL A 71 0.61 -6.19 -12.16
N ALA A 72 -0.26 -7.16 -11.88
CA ALA A 72 -1.70 -6.92 -11.90
C ALA A 72 -2.16 -6.26 -10.61
N ASP A 73 -1.31 -6.29 -9.59
CA ASP A 73 -1.65 -5.69 -8.30
C ASP A 73 -1.38 -4.20 -8.31
N ALA A 74 -0.43 -3.77 -9.14
CA ALA A 74 -0.07 -2.37 -9.25
C ALA A 74 -1.28 -1.52 -9.66
N GLY A 75 -1.87 -0.82 -8.70
CA GLY A 75 -3.02 0.01 -8.99
C GLY A 75 -3.11 1.20 -8.06
N GLU A 76 -4.23 1.31 -7.35
CA GLU A 76 -4.43 2.42 -6.42
C GLU A 76 -5.09 1.94 -5.13
N TYR A 77 -4.33 1.98 -4.05
CA TYR A 77 -4.82 1.55 -2.74
C TYR A 77 -5.28 2.74 -1.91
N SER A 78 -6.58 2.77 -1.60
CA SER A 78 -7.14 3.86 -0.80
C SER A 78 -7.46 3.39 0.61
N CYS A 79 -7.33 4.30 1.57
CA CYS A 79 -7.61 3.98 2.97
C CYS A 79 -8.63 4.95 3.56
N MET A 80 -9.76 4.41 4.01
CA MET A 80 -10.81 5.24 4.59
C MET A 80 -10.69 5.26 6.11
N CYS A 81 -10.60 6.46 6.68
CA CYS A 81 -10.48 6.63 8.12
C CYS A 81 -11.47 7.68 8.63
N GLY A 82 -12.56 7.23 9.24
CA GLY A 82 -13.55 8.14 9.75
C GLY A 82 -14.31 8.86 8.65
N GLN A 83 -13.84 10.06 8.30
CA GLN A 83 -14.48 10.84 7.25
C GLN A 83 -13.51 11.13 6.11
N GLU A 84 -12.23 11.29 6.46
CA GLU A 84 -11.20 11.57 5.46
C GLU A 84 -10.83 10.31 4.69
N ARG A 85 -10.11 10.49 3.60
CA ARG A 85 -9.69 9.36 2.77
C ARG A 85 -8.44 9.71 1.95
N THR A 86 -7.62 8.72 1.67
CA THR A 86 -6.41 8.92 0.90
C THR A 86 -6.09 7.72 0.03
N SER A 87 -5.22 7.90 -0.96
CA SER A 87 -4.84 6.83 -1.86
C SER A 87 -3.38 6.97 -2.31
N ALA A 88 -2.77 5.86 -2.68
CA ALA A 88 -1.38 5.87 -3.11
C ALA A 88 -1.14 4.82 -4.21
N THR A 89 -0.63 5.26 -5.35
CA THR A 89 -0.36 4.36 -6.45
C THR A 89 0.87 3.51 -6.18
N LEU A 90 0.66 2.19 -6.09
CA LEU A 90 1.75 1.25 -5.83
C LEU A 90 2.55 0.99 -7.11
N THR A 91 3.87 0.87 -6.96
CA THR A 91 4.75 0.61 -8.09
C THR A 91 5.22 -0.82 -8.09
N VAL A 92 4.91 -1.55 -9.16
CA VAL A 92 5.31 -2.94 -9.29
C VAL A 92 6.16 -3.16 -10.55
N ARG A 93 7.41 -3.54 -10.34
CA ARG A 93 8.33 -3.78 -11.46
C ARG A 93 8.18 -5.20 -11.99
N ALA A 94 7.93 -5.33 -13.29
CA ALA A 94 7.76 -6.63 -13.93
C ALA A 94 9.10 -7.35 -14.05
N LEU A 95 9.09 -8.65 -13.82
CA LEU A 95 10.30 -9.46 -13.91
C LEU A 95 10.97 -9.28 -15.26
N PRO A 96 12.29 -9.46 -15.30
CA PRO A 96 13.09 -9.33 -16.53
C PRO A 96 12.81 -10.45 -17.52
N ALA A 97 12.43 -10.08 -18.74
CA ALA A 97 12.14 -11.06 -19.78
C ALA A 97 13.14 -12.21 -19.75
N ARG A 98 14.41 -11.88 -19.95
CA ARG A 98 15.47 -12.88 -19.94
C ARG A 98 16.53 -12.55 -18.91
N PHE A 99 17.37 -13.54 -18.58
CA PHE A 99 18.43 -13.35 -17.60
C PHE A 99 19.76 -13.05 -18.29
N THR A 100 20.20 -11.81 -18.19
CA THR A 100 21.47 -11.40 -18.81
C THR A 100 22.51 -12.50 -18.71
N GLU A 101 23.25 -12.70 -19.79
CA GLU A 101 24.29 -13.73 -19.81
C GLU A 101 25.54 -13.26 -19.09
N GLY A 102 25.92 -12.00 -19.32
CA GLY A 102 27.10 -11.45 -18.68
C GLY A 102 28.30 -11.44 -19.60
N SER A 103 29.49 -11.42 -19.00
CA SER A 103 30.72 -11.40 -19.78
C SER A 103 31.83 -12.14 -19.04
N GLY A 104 32.88 -12.52 -19.78
CA GLY A 104 33.98 -13.24 -19.19
C GLY A 104 35.22 -12.37 -19.03
N PRO A 105 35.99 -12.61 -17.95
CA PRO A 105 37.21 -11.86 -17.67
C PRO A 105 38.33 -12.16 -18.66
N SER A 106 38.87 -11.11 -19.27
CA SER A 106 39.95 -11.27 -20.24
C SER A 106 41.17 -11.93 -19.60
N SER A 107 42.11 -12.34 -20.44
CA SER A 107 43.33 -12.98 -19.96
C SER A 107 44.56 -12.14 -20.29
N GLY A 108 45.67 -12.43 -19.62
CA GLY A 108 46.90 -11.69 -19.85
C GLY A 108 47.53 -12.04 -21.18
N GLY A 1 -9.34 26.60 15.57
CA GLY A 1 -9.13 25.45 14.71
C GLY A 1 -8.23 24.41 15.36
N SER A 2 -8.45 23.14 15.00
CA SER A 2 -7.66 22.05 15.56
C SER A 2 -7.58 22.16 17.08
N SER A 3 -8.71 22.49 17.70
CA SER A 3 -8.77 22.62 19.15
C SER A 3 -10.21 22.56 19.64
N GLY A 4 -10.41 21.90 20.78
CA GLY A 4 -11.75 21.78 21.34
C GLY A 4 -12.17 20.33 21.50
N SER A 5 -13.25 19.95 20.81
CA SER A 5 -13.76 18.59 20.89
C SER A 5 -13.97 18.01 19.49
N SER A 6 -12.98 17.30 18.99
CA SER A 6 -13.05 16.70 17.67
C SER A 6 -13.86 15.41 17.70
N GLY A 7 -14.07 14.81 16.53
CA GLY A 7 -14.83 13.58 16.45
C GLY A 7 -14.09 12.50 15.68
N PRO A 8 -14.39 12.39 14.38
CA PRO A 8 -13.76 11.39 13.51
C PRO A 8 -12.29 11.69 13.25
N ALA A 9 -11.49 10.64 13.13
CA ALA A 9 -10.06 10.78 12.88
C ALA A 9 -9.79 11.16 11.44
N ARG A 10 -8.66 11.82 11.19
CA ARG A 10 -8.29 12.24 9.85
C ARG A 10 -6.84 11.89 9.55
N PHE A 11 -6.44 12.06 8.30
CA PHE A 11 -5.07 11.75 7.87
C PHE A 11 -4.17 12.97 8.02
N THR A 12 -2.94 12.74 8.47
CA THR A 12 -1.99 13.82 8.66
C THR A 12 -0.84 13.72 7.65
N GLN A 13 -0.73 12.56 7.00
CA GLN A 13 0.32 12.35 6.01
C GLN A 13 -0.19 11.48 4.87
N ASP A 14 -0.28 12.06 3.67
CA ASP A 14 -0.75 11.35 2.50
C ASP A 14 -0.19 9.94 2.46
N LEU A 15 -1.06 8.95 2.28
CA LEU A 15 -0.63 7.55 2.22
C LEU A 15 0.72 7.42 1.55
N LYS A 16 1.53 6.49 2.05
CA LYS A 16 2.86 6.26 1.49
C LYS A 16 2.95 4.87 0.86
N THR A 17 3.68 4.77 -0.26
CA THR A 17 3.84 3.50 -0.95
C THR A 17 5.28 3.29 -1.38
N LYS A 18 5.61 2.07 -1.79
CA LYS A 18 6.95 1.74 -2.23
C LYS A 18 6.92 0.98 -3.56
N GLU A 19 8.04 1.00 -4.27
CA GLU A 19 8.14 0.31 -5.54
C GLU A 19 8.83 -1.04 -5.38
N ALA A 20 8.07 -2.11 -5.58
CA ALA A 20 8.61 -3.46 -5.46
C ALA A 20 8.45 -4.24 -6.76
N SER A 21 9.17 -5.35 -6.88
CA SER A 21 9.11 -6.18 -8.08
C SER A 21 8.09 -7.31 -7.91
N GLU A 22 7.82 -8.01 -9.01
CA GLU A 22 6.86 -9.11 -8.99
C GLU A 22 7.27 -10.17 -7.97
N GLY A 23 6.29 -10.68 -7.23
CA GLY A 23 6.58 -11.69 -6.23
C GLY A 23 6.96 -11.10 -4.89
N ALA A 24 7.41 -9.84 -4.90
CA ALA A 24 7.81 -9.16 -3.69
C ALA A 24 6.61 -8.77 -2.85
N THR A 25 6.85 -8.08 -1.74
CA THR A 25 5.79 -7.65 -0.85
C THR A 25 5.77 -6.13 -0.69
N ALA A 26 4.71 -5.50 -1.19
CA ALA A 26 4.58 -4.05 -1.09
C ALA A 26 4.22 -3.62 0.32
N THR A 27 4.93 -2.62 0.83
CA THR A 27 4.70 -2.12 2.17
C THR A 27 4.33 -0.64 2.15
N LEU A 28 3.11 -0.34 2.60
CA LEU A 28 2.64 1.04 2.62
C LEU A 28 2.41 1.51 4.06
N GLN A 29 2.55 2.82 4.27
CA GLN A 29 2.36 3.40 5.60
C GLN A 29 1.59 4.71 5.52
N CYS A 30 0.73 4.94 6.51
CA CYS A 30 -0.07 6.16 6.55
C CYS A 30 -0.22 6.66 7.98
N GLU A 31 -0.22 7.99 8.14
CA GLU A 31 -0.35 8.59 9.46
C GLU A 31 -1.79 9.06 9.70
N LEU A 32 -2.14 9.25 10.97
CA LEU A 32 -3.48 9.69 11.34
C LEU A 32 -3.43 10.67 12.50
N SER A 33 -4.48 11.46 12.64
CA SER A 33 -4.56 12.45 13.71
C SER A 33 -4.65 11.77 15.07
N LYS A 34 -5.22 10.57 15.09
CA LYS A 34 -5.36 9.80 16.33
C LYS A 34 -5.71 8.35 16.03
N VAL A 35 -5.60 7.50 17.05
CA VAL A 35 -5.90 6.08 16.90
C VAL A 35 -7.35 5.88 16.44
N ALA A 36 -7.51 5.35 15.23
CA ALA A 36 -8.83 5.09 14.68
C ALA A 36 -8.80 3.96 13.67
N PRO A 37 -9.90 3.21 13.58
CA PRO A 37 -10.03 2.08 12.65
C PRO A 37 -10.10 2.53 11.19
N VAL A 38 -9.38 1.84 10.33
CA VAL A 38 -9.36 2.17 8.90
C VAL A 38 -9.74 0.96 8.05
N GLU A 39 -9.68 1.14 6.74
CA GLU A 39 -10.02 0.06 5.82
C GLU A 39 -9.31 0.25 4.47
N TRP A 40 -8.39 -0.65 4.16
CA TRP A 40 -7.64 -0.58 2.92
C TRP A 40 -8.49 -1.03 1.75
N LYS A 41 -8.40 -0.31 0.62
CA LYS A 41 -9.17 -0.65 -0.57
C LYS A 41 -8.28 -0.64 -1.81
N LYS A 42 -8.56 -1.53 -2.74
CA LYS A 42 -7.79 -1.61 -3.97
C LYS A 42 -8.64 -1.23 -5.18
N GLY A 43 -9.72 -0.51 -4.92
CA GLY A 43 -10.61 -0.10 -5.99
C GLY A 43 -12.07 -0.11 -5.58
N PRO A 44 -12.96 -0.46 -6.51
CA PRO A 44 -14.40 -0.51 -6.27
C PRO A 44 -14.78 -1.65 -5.33
N GLU A 45 -13.78 -2.36 -4.82
CA GLU A 45 -14.01 -3.48 -3.91
C GLU A 45 -13.39 -3.20 -2.54
N THR A 46 -13.59 -4.13 -1.61
CA THR A 46 -13.06 -3.99 -0.26
C THR A 46 -12.14 -5.16 0.08
N LEU A 47 -11.18 -4.91 0.97
CA LEU A 47 -10.24 -5.94 1.39
C LEU A 47 -10.34 -6.19 2.89
N ARG A 48 -9.48 -7.08 3.40
CA ARG A 48 -9.48 -7.40 4.82
C ARG A 48 -8.09 -7.84 5.27
N ASP A 49 -7.98 -8.23 6.54
CA ASP A 49 -6.70 -8.66 7.09
C ASP A 49 -6.72 -10.16 7.37
N GLY A 50 -6.01 -10.92 6.53
CA GLY A 50 -5.95 -12.37 6.70
C GLY A 50 -5.55 -13.07 5.42
N GLY A 51 -4.24 -13.28 5.24
CA GLY A 51 -3.76 -13.95 4.06
C GLY A 51 -2.80 -13.09 3.26
N ARG A 52 -2.89 -13.18 1.93
CA ARG A 52 -2.02 -12.41 1.05
C ARG A 52 -1.89 -10.97 1.54
N TYR A 53 -2.97 -10.45 2.12
CA TYR A 53 -2.98 -9.09 2.62
C TYR A 53 -2.76 -9.06 4.13
N SER A 54 -1.67 -8.42 4.55
CA SER A 54 -1.34 -8.33 5.97
C SER A 54 -1.14 -6.88 6.39
N LEU A 55 -1.99 -6.42 7.31
CA LEU A 55 -1.92 -5.05 7.80
C LEU A 55 -1.90 -5.01 9.33
N LYS A 56 -1.21 -4.03 9.88
CA LYS A 56 -1.11 -3.88 11.32
C LYS A 56 -1.33 -2.43 11.74
N GLN A 57 -1.99 -2.23 12.88
CA GLN A 57 -2.25 -0.89 13.38
C GLN A 57 -1.33 -0.54 14.55
N ASP A 58 -0.47 0.44 14.34
CA ASP A 58 0.47 0.87 15.38
C ASP A 58 0.16 2.28 15.85
N GLY A 59 -0.65 2.37 16.92
CA GLY A 59 -1.01 3.67 17.46
C GLY A 59 -1.68 4.55 16.43
N THR A 60 -0.96 5.56 15.94
CA THR A 60 -1.48 6.48 14.95
C THR A 60 -0.84 6.26 13.59
N ARG A 61 -0.30 5.06 13.38
CA ARG A 61 0.36 4.73 12.12
C ARG A 61 0.00 3.32 11.69
N CYS A 62 -0.43 3.17 10.44
CA CYS A 62 -0.80 1.87 9.90
C CYS A 62 0.24 1.38 8.90
N GLU A 63 0.28 0.07 8.69
CA GLU A 63 1.24 -0.54 7.77
C GLU A 63 0.60 -1.70 7.01
N LEU A 64 0.46 -1.54 5.70
CA LEU A 64 -0.12 -2.58 4.86
C LEU A 64 0.95 -3.37 4.13
N GLN A 65 0.78 -4.69 4.09
CA GLN A 65 1.75 -5.56 3.42
C GLN A 65 1.04 -6.46 2.41
N ILE A 66 1.39 -6.29 1.14
CA ILE A 66 0.80 -7.10 0.08
C ILE A 66 1.77 -8.16 -0.42
N HIS A 67 1.68 -9.36 0.16
CA HIS A 67 2.55 -10.46 -0.21
C HIS A 67 2.18 -11.00 -1.60
N ASP A 68 3.17 -11.55 -2.29
CA ASP A 68 2.94 -12.10 -3.63
C ASP A 68 2.53 -11.00 -4.60
N LEU A 69 3.33 -9.95 -4.67
CA LEU A 69 3.05 -8.83 -5.57
C LEU A 69 2.97 -9.29 -7.02
N SER A 70 2.28 -8.52 -7.84
CA SER A 70 2.13 -8.85 -9.26
C SER A 70 1.80 -7.61 -10.08
N VAL A 71 2.44 -7.50 -11.24
CA VAL A 71 2.22 -6.36 -12.13
C VAL A 71 0.75 -5.97 -12.16
N ALA A 72 -0.13 -6.97 -12.05
CA ALA A 72 -1.57 -6.72 -12.07
C ALA A 72 -2.00 -5.90 -10.86
N ASP A 73 -1.45 -6.24 -9.70
CA ASP A 73 -1.78 -5.53 -8.47
C ASP A 73 -1.35 -4.06 -8.55
N ALA A 74 -0.54 -3.74 -9.55
CA ALA A 74 -0.06 -2.37 -9.74
C ALA A 74 -1.20 -1.45 -10.16
N GLY A 75 -1.68 -0.65 -9.21
CA GLY A 75 -2.76 0.28 -9.50
C GLY A 75 -2.85 1.40 -8.48
N GLU A 76 -3.95 1.43 -7.74
CA GLU A 76 -4.15 2.47 -6.73
C GLU A 76 -4.77 1.88 -5.47
N TYR A 77 -4.26 2.31 -4.31
CA TYR A 77 -4.77 1.83 -3.03
C TYR A 77 -5.23 2.99 -2.16
N SER A 78 -6.50 2.96 -1.76
CA SER A 78 -7.07 4.01 -0.92
C SER A 78 -7.37 3.48 0.48
N CYS A 79 -7.21 4.34 1.48
CA CYS A 79 -7.47 3.96 2.86
C CYS A 79 -8.48 4.90 3.50
N MET A 80 -9.62 4.34 3.92
CA MET A 80 -10.67 5.13 4.55
C MET A 80 -10.54 5.09 6.06
N CYS A 81 -10.49 6.27 6.67
CA CYS A 81 -10.36 6.38 8.12
C CYS A 81 -11.40 7.34 8.69
N GLY A 82 -12.53 6.79 9.14
CA GLY A 82 -13.58 7.62 9.70
C GLY A 82 -14.38 8.35 8.63
N GLN A 83 -13.86 9.50 8.18
CA GLN A 83 -14.53 10.28 7.17
C GLN A 83 -13.56 10.64 6.04
N GLU A 84 -12.32 10.96 6.40
CA GLU A 84 -11.31 11.31 5.42
C GLU A 84 -10.90 10.10 4.59
N ARG A 85 -10.00 10.32 3.63
CA ARG A 85 -9.52 9.24 2.77
C ARG A 85 -8.25 9.65 2.04
N THR A 86 -7.38 8.68 1.80
CA THR A 86 -6.12 8.94 1.11
C THR A 86 -5.83 7.86 0.08
N SER A 87 -5.19 8.25 -1.02
CA SER A 87 -4.85 7.32 -2.09
C SER A 87 -3.32 7.25 -2.29
N ALA A 88 -2.85 6.09 -2.75
CA ALA A 88 -1.44 5.89 -2.98
C ALA A 88 -1.19 4.89 -4.11
N THR A 89 -0.72 5.38 -5.24
CA THR A 89 -0.45 4.53 -6.39
C THR A 89 0.79 3.66 -6.16
N LEU A 90 0.60 2.35 -6.20
CA LEU A 90 1.72 1.42 -6.00
C LEU A 90 2.44 1.13 -7.32
N THR A 91 3.71 0.78 -7.22
CA THR A 91 4.51 0.48 -8.40
C THR A 91 5.01 -0.97 -8.37
N VAL A 92 4.73 -1.70 -9.45
CA VAL A 92 5.15 -3.09 -9.55
C VAL A 92 6.11 -3.30 -10.71
N ARG A 93 7.22 -3.97 -10.45
CA ARG A 93 8.22 -4.24 -11.48
C ARG A 93 8.11 -5.67 -11.99
N ALA A 94 8.09 -5.83 -13.30
CA ALA A 94 7.99 -7.14 -13.93
C ALA A 94 9.32 -7.89 -13.83
N LEU A 95 9.24 -9.19 -13.56
CA LEU A 95 10.43 -10.03 -13.45
C LEU A 95 11.35 -9.83 -14.65
N PRO A 96 12.65 -10.12 -14.44
CA PRO A 96 13.66 -9.98 -15.50
C PRO A 96 13.49 -11.03 -16.59
N ALA A 97 13.11 -10.59 -17.78
CA ALA A 97 12.93 -11.49 -18.91
C ALA A 97 14.27 -11.99 -19.44
N ARG A 98 14.22 -12.99 -20.33
CA ARG A 98 15.43 -13.56 -20.90
C ARG A 98 15.46 -13.35 -22.41
N PHE A 99 16.64 -13.08 -22.95
CA PHE A 99 16.79 -12.87 -24.38
C PHE A 99 17.40 -14.09 -25.06
N THR A 100 18.66 -14.38 -24.73
CA THR A 100 19.36 -15.52 -25.31
C THR A 100 20.21 -16.23 -24.26
N GLU A 101 20.54 -17.49 -24.53
CA GLU A 101 21.36 -18.28 -23.61
C GLU A 101 22.78 -18.45 -24.14
N GLY A 102 23.58 -19.23 -23.42
CA GLY A 102 24.95 -19.45 -23.84
C GLY A 102 25.95 -18.65 -23.03
N SER A 103 26.79 -19.35 -22.25
CA SER A 103 27.79 -18.69 -21.42
C SER A 103 29.20 -19.07 -21.87
N GLY A 104 29.85 -18.16 -22.58
CA GLY A 104 31.20 -18.41 -23.06
C GLY A 104 32.01 -19.23 -22.07
N PRO A 105 32.90 -20.08 -22.60
CA PRO A 105 33.77 -20.93 -21.77
C PRO A 105 34.83 -20.13 -21.02
N SER A 106 35.23 -20.64 -19.86
CA SER A 106 36.23 -19.96 -19.04
C SER A 106 37.60 -20.63 -19.21
N SER A 107 37.62 -21.95 -19.13
CA SER A 107 38.86 -22.71 -19.27
C SER A 107 39.83 -22.38 -18.13
N GLY A 108 39.30 -22.28 -16.92
CA GLY A 108 40.13 -21.97 -15.77
C GLY A 108 39.46 -22.33 -14.46
N GLY A 1 -14.18 24.53 24.79
CA GLY A 1 -13.19 24.55 25.86
C GLY A 1 -11.98 25.39 25.49
N SER A 2 -10.83 24.74 25.37
CA SER A 2 -9.59 25.44 25.04
C SER A 2 -8.87 24.74 23.90
N SER A 3 -8.76 23.41 24.00
CA SER A 3 -8.09 22.63 22.97
C SER A 3 -8.64 21.20 22.93
N GLY A 4 -8.82 20.68 21.73
CA GLY A 4 -9.34 19.33 21.58
C GLY A 4 -10.45 19.24 20.55
N SER A 5 -10.08 18.87 19.32
CA SER A 5 -11.05 18.76 18.24
C SER A 5 -12.05 17.64 18.52
N SER A 6 -13.10 17.56 17.70
CA SER A 6 -14.12 16.54 17.86
C SER A 6 -14.47 15.91 16.52
N GLY A 7 -14.96 14.68 16.56
CA GLY A 7 -15.35 13.99 15.34
C GLY A 7 -14.42 12.83 15.02
N PRO A 8 -14.57 12.26 13.82
CA PRO A 8 -13.75 11.13 13.37
C PRO A 8 -12.31 11.52 13.11
N ALA A 9 -11.43 10.53 13.04
CA ALA A 9 -10.01 10.78 12.80
C ALA A 9 -9.76 11.20 11.35
N ARG A 10 -8.80 12.09 11.15
CA ARG A 10 -8.47 12.57 9.82
C ARG A 10 -7.00 12.31 9.49
N PHE A 11 -6.74 11.90 8.26
CA PHE A 11 -5.38 11.61 7.82
C PHE A 11 -4.50 12.85 7.94
N THR A 12 -3.29 12.67 8.47
CA THR A 12 -2.36 13.78 8.63
C THR A 12 -1.15 13.63 7.70
N GLN A 13 -0.84 12.39 7.34
CA GLN A 13 0.28 12.12 6.45
C GLN A 13 -0.17 11.31 5.23
N ASP A 14 -0.18 11.96 4.07
CA ASP A 14 -0.59 11.31 2.84
C ASP A 14 -0.08 9.87 2.79
N LEU A 15 -0.95 8.96 2.36
CA LEU A 15 -0.59 7.55 2.26
C LEU A 15 0.75 7.37 1.57
N LYS A 16 1.60 6.52 2.14
CA LYS A 16 2.91 6.25 1.57
C LYS A 16 2.97 4.88 0.92
N THR A 17 3.83 4.73 -0.08
CA THR A 17 3.97 3.47 -0.79
C THR A 17 5.41 3.24 -1.24
N LYS A 18 5.70 2.03 -1.70
CA LYS A 18 7.04 1.68 -2.15
C LYS A 18 6.98 0.91 -3.47
N GLU A 19 8.13 0.82 -4.14
CA GLU A 19 8.21 0.11 -5.42
C GLU A 19 8.90 -1.24 -5.24
N ALA A 20 8.18 -2.31 -5.57
CA ALA A 20 8.71 -3.66 -5.45
C ALA A 20 8.52 -4.45 -6.75
N SER A 21 9.18 -5.59 -6.84
CA SER A 21 9.08 -6.44 -8.02
C SER A 21 7.98 -7.48 -7.86
N GLU A 22 7.62 -8.12 -8.96
CA GLU A 22 6.57 -9.15 -8.94
C GLU A 22 6.93 -10.27 -7.98
N GLY A 23 5.98 -10.63 -7.11
CA GLY A 23 6.21 -11.68 -6.16
C GLY A 23 6.68 -11.15 -4.81
N ALA A 24 7.16 -9.91 -4.80
CA ALA A 24 7.65 -9.29 -3.58
C ALA A 24 6.49 -8.77 -2.73
N THR A 25 6.83 -8.11 -1.62
CA THR A 25 5.81 -7.58 -0.72
C THR A 25 6.00 -6.08 -0.52
N ALA A 26 5.01 -5.30 -0.90
CA ALA A 26 5.06 -3.85 -0.76
C ALA A 26 4.86 -3.44 0.69
N THR A 27 4.98 -2.14 0.96
CA THR A 27 4.81 -1.61 2.31
C THR A 27 4.32 -0.17 2.27
N LEU A 28 3.03 0.02 2.59
CA LEU A 28 2.45 1.35 2.59
C LEU A 28 2.20 1.83 4.02
N GLN A 29 2.70 3.04 4.33
CA GLN A 29 2.54 3.61 5.65
C GLN A 29 1.70 4.88 5.60
N CYS A 30 0.87 5.08 6.62
CA CYS A 30 0.02 6.25 6.69
C CYS A 30 -0.26 6.64 8.14
N GLU A 31 -0.25 7.94 8.41
CA GLU A 31 -0.50 8.44 9.76
C GLU A 31 -1.94 8.95 9.89
N LEU A 32 -2.39 9.08 11.14
CA LEU A 32 -3.75 9.55 11.40
C LEU A 32 -3.76 10.58 12.54
N SER A 33 -4.86 11.32 12.65
CA SER A 33 -4.98 12.33 13.70
C SER A 33 -5.06 11.68 15.08
N LYS A 34 -5.46 10.41 15.11
CA LYS A 34 -5.57 9.67 16.36
C LYS A 34 -5.87 8.20 16.10
N VAL A 35 -5.76 7.38 17.13
CA VAL A 35 -6.02 5.96 17.02
C VAL A 35 -7.44 5.69 16.57
N ALA A 36 -7.61 5.29 15.32
CA ALA A 36 -8.92 5.00 14.77
C ALA A 36 -8.86 3.87 13.75
N PRO A 37 -9.93 3.05 13.69
CA PRO A 37 -10.01 1.93 12.76
C PRO A 37 -10.15 2.38 11.31
N VAL A 38 -9.37 1.76 10.42
CA VAL A 38 -9.40 2.10 9.01
C VAL A 38 -9.69 0.87 8.16
N GLU A 39 -9.83 1.07 6.85
CA GLU A 39 -10.11 -0.03 5.94
C GLU A 39 -9.45 0.22 4.58
N TRP A 40 -8.53 -0.66 4.21
CA TRP A 40 -7.82 -0.54 2.94
C TRP A 40 -8.69 -1.03 1.78
N LYS A 41 -8.67 -0.31 0.68
CA LYS A 41 -9.45 -0.68 -0.49
C LYS A 41 -8.60 -0.60 -1.76
N LYS A 42 -8.82 -1.54 -2.67
CA LYS A 42 -8.08 -1.58 -3.93
C LYS A 42 -8.99 -1.26 -5.10
N GLY A 43 -10.11 -0.60 -4.83
CA GLY A 43 -11.04 -0.25 -5.87
C GLY A 43 -12.49 -0.33 -5.42
N PRO A 44 -13.37 -0.75 -6.33
CA PRO A 44 -14.81 -0.88 -6.04
C PRO A 44 -15.10 -2.03 -5.08
N GLU A 45 -14.04 -2.66 -4.58
CA GLU A 45 -14.19 -3.78 -3.65
C GLU A 45 -13.56 -3.45 -2.31
N THR A 46 -13.87 -4.26 -1.30
CA THR A 46 -13.34 -4.05 0.05
C THR A 46 -12.42 -5.20 0.46
N LEU A 47 -11.30 -4.85 1.07
CA LEU A 47 -10.34 -5.85 1.52
C LEU A 47 -10.42 -6.06 3.03
N ARG A 48 -9.58 -6.95 3.55
CA ARG A 48 -9.57 -7.24 4.98
C ARG A 48 -8.17 -7.63 5.44
N ASP A 49 -8.04 -7.94 6.73
CA ASP A 49 -6.75 -8.32 7.29
C ASP A 49 -6.74 -9.80 7.68
N GLY A 50 -5.89 -10.57 7.01
CA GLY A 50 -5.80 -11.99 7.29
C GLY A 50 -5.58 -12.82 6.04
N GLY A 51 -4.31 -13.07 5.71
CA GLY A 51 -3.99 -13.85 4.53
C GLY A 51 -3.17 -13.07 3.52
N ARG A 52 -3.48 -13.25 2.25
CA ARG A 52 -2.77 -12.56 1.18
C ARG A 52 -2.53 -11.10 1.55
N TYR A 53 -3.51 -10.50 2.23
CA TYR A 53 -3.41 -9.10 2.64
C TYR A 53 -3.12 -8.99 4.13
N SER A 54 -1.93 -8.51 4.47
CA SER A 54 -1.53 -8.37 5.86
C SER A 54 -1.27 -6.90 6.19
N LEU A 55 -1.91 -6.42 7.26
CA LEU A 55 -1.74 -5.03 7.68
C LEU A 55 -1.61 -4.94 9.20
N LYS A 56 -0.86 -3.95 9.67
CA LYS A 56 -0.64 -3.75 11.10
C LYS A 56 -1.07 -2.35 11.52
N GLN A 57 -1.41 -2.19 12.79
CA GLN A 57 -1.82 -0.90 13.32
C GLN A 57 -1.00 -0.51 14.54
N ASP A 58 -0.12 0.47 14.37
CA ASP A 58 0.74 0.92 15.46
C ASP A 58 0.28 2.29 15.97
N GLY A 59 -0.69 2.27 16.89
CA GLY A 59 -1.20 3.51 17.45
C GLY A 59 -1.95 4.33 16.42
N THR A 60 -1.31 5.38 15.91
CA THR A 60 -1.92 6.25 14.92
C THR A 60 -1.36 5.99 13.54
N ARG A 61 -0.54 4.94 13.42
CA ARG A 61 0.06 4.58 12.14
C ARG A 61 -0.39 3.19 11.70
N CYS A 62 -0.32 2.95 10.40
CA CYS A 62 -0.73 1.65 9.84
C CYS A 62 0.17 1.26 8.68
N GLU A 63 0.52 -0.02 8.61
CA GLU A 63 1.37 -0.53 7.55
C GLU A 63 0.68 -1.65 6.77
N LEU A 64 0.42 -1.41 5.50
CA LEU A 64 -0.24 -2.40 4.65
C LEU A 64 0.78 -3.13 3.78
N GLN A 65 0.88 -4.44 3.99
CA GLN A 65 1.81 -5.26 3.23
C GLN A 65 1.07 -6.20 2.29
N ILE A 66 1.43 -6.16 1.01
CA ILE A 66 0.79 -7.00 0.01
C ILE A 66 1.70 -8.18 -0.37
N HIS A 67 1.37 -9.36 0.15
CA HIS A 67 2.14 -10.56 -0.14
C HIS A 67 1.81 -11.11 -1.52
N ASP A 68 2.82 -11.58 -2.23
CA ASP A 68 2.65 -12.14 -3.57
C ASP A 68 2.25 -11.04 -4.56
N LEU A 69 2.97 -9.93 -4.53
CA LEU A 69 2.70 -8.81 -5.42
C LEU A 69 2.56 -9.28 -6.86
N SER A 70 2.07 -8.41 -7.73
CA SER A 70 1.90 -8.73 -9.14
C SER A 70 1.66 -7.47 -9.96
N VAL A 71 2.04 -7.53 -11.24
CA VAL A 71 1.87 -6.39 -12.13
C VAL A 71 0.44 -5.89 -12.12
N ALA A 72 -0.51 -6.79 -11.88
CA ALA A 72 -1.92 -6.45 -11.83
C ALA A 72 -2.23 -5.62 -10.58
N ASP A 73 -1.53 -5.91 -9.49
CA ASP A 73 -1.73 -5.19 -8.24
C ASP A 73 -1.37 -3.72 -8.38
N ALA A 74 -0.35 -3.44 -9.17
CA ALA A 74 0.10 -2.07 -9.40
C ALA A 74 -1.06 -1.19 -9.83
N GLY A 75 -1.58 -0.41 -8.88
CA GLY A 75 -2.70 0.48 -9.18
C GLY A 75 -2.81 1.61 -8.18
N GLU A 76 -3.95 1.69 -7.50
CA GLU A 76 -4.19 2.75 -6.52
C GLU A 76 -4.91 2.20 -5.29
N TYR A 77 -4.26 2.30 -4.14
CA TYR A 77 -4.83 1.81 -2.89
C TYR A 77 -5.33 2.97 -2.03
N SER A 78 -6.63 2.97 -1.76
CA SER A 78 -7.24 4.03 -0.94
C SER A 78 -7.55 3.52 0.46
N CYS A 79 -7.37 4.38 1.45
CA CYS A 79 -7.64 4.01 2.84
C CYS A 79 -8.68 4.94 3.46
N MET A 80 -9.83 4.39 3.83
CA MET A 80 -10.90 5.16 4.43
C MET A 80 -10.82 5.12 5.95
N CYS A 81 -10.71 6.29 6.57
CA CYS A 81 -10.62 6.38 8.03
C CYS A 81 -11.66 7.36 8.56
N GLY A 82 -12.82 6.85 8.96
CA GLY A 82 -13.87 7.69 9.49
C GLY A 82 -14.59 8.47 8.41
N GLN A 83 -13.99 9.56 7.96
CA GLN A 83 -14.59 10.39 6.92
C GLN A 83 -13.57 10.71 5.83
N GLU A 84 -12.34 11.03 6.24
CA GLU A 84 -11.28 11.36 5.30
C GLU A 84 -10.84 10.13 4.51
N ARG A 85 -10.02 10.35 3.50
CA ARG A 85 -9.53 9.26 2.66
C ARG A 85 -8.19 9.61 2.02
N THR A 86 -7.40 8.60 1.70
CA THR A 86 -6.10 8.81 1.08
C THR A 86 -5.74 7.65 0.15
N SER A 87 -5.18 7.98 -1.01
CA SER A 87 -4.79 6.98 -1.98
C SER A 87 -3.28 7.00 -2.22
N ALA A 88 -2.73 5.84 -2.58
CA ALA A 88 -1.30 5.74 -2.84
C ALA A 88 -1.03 4.86 -4.06
N THR A 89 -0.40 5.44 -5.08
CA THR A 89 -0.09 4.72 -6.29
C THR A 89 1.11 3.79 -6.09
N LEU A 90 0.86 2.49 -6.14
CA LEU A 90 1.92 1.50 -5.97
C LEU A 90 2.52 1.10 -7.31
N THR A 91 3.82 0.80 -7.31
CA THR A 91 4.51 0.40 -8.53
C THR A 91 5.06 -1.01 -8.41
N VAL A 92 4.70 -1.87 -9.36
CA VAL A 92 5.15 -3.25 -9.36
C VAL A 92 6.02 -3.54 -10.58
N ARG A 93 7.28 -3.84 -10.35
CA ARG A 93 8.22 -4.14 -11.43
C ARG A 93 8.07 -5.59 -11.89
N ALA A 94 7.67 -5.77 -13.14
CA ALA A 94 7.49 -7.10 -13.70
C ALA A 94 8.80 -7.88 -13.71
N LEU A 95 8.74 -9.15 -13.30
CA LEU A 95 9.93 -10.00 -13.25
C LEU A 95 10.73 -9.87 -14.53
N PRO A 96 12.05 -10.13 -14.43
CA PRO A 96 12.96 -10.06 -15.58
C PRO A 96 12.71 -11.18 -16.58
N ALA A 97 12.23 -10.82 -17.76
CA ALA A 97 11.96 -11.79 -18.81
C ALA A 97 13.14 -12.73 -19.01
N ARG A 98 12.93 -13.79 -19.79
CA ARG A 98 13.98 -14.76 -20.05
C ARG A 98 14.53 -14.60 -21.47
N PHE A 99 14.61 -13.35 -21.93
CA PHE A 99 15.11 -13.07 -23.27
C PHE A 99 16.63 -13.21 -23.33
N THR A 100 17.13 -13.74 -24.43
CA THR A 100 18.56 -13.94 -24.61
C THR A 100 19.26 -12.63 -24.94
N GLU A 101 20.42 -12.40 -24.35
CA GLU A 101 21.18 -11.18 -24.57
C GLU A 101 22.28 -11.42 -25.62
N GLY A 102 23.12 -12.43 -25.36
CA GLY A 102 24.20 -12.74 -26.29
C GLY A 102 25.50 -13.06 -25.57
N SER A 103 26.60 -13.04 -26.31
CA SER A 103 27.91 -13.33 -25.74
C SER A 103 28.99 -12.45 -26.36
N GLY A 104 30.08 -12.26 -25.64
CA GLY A 104 31.16 -11.44 -26.14
C GLY A 104 31.65 -10.43 -25.12
N PRO A 105 32.57 -10.88 -24.24
CA PRO A 105 33.14 -10.03 -23.19
C PRO A 105 34.06 -8.96 -23.75
N SER A 106 34.61 -8.13 -22.87
CA SER A 106 35.51 -7.06 -23.27
C SER A 106 36.92 -7.31 -22.76
N SER A 107 37.88 -6.51 -23.23
CA SER A 107 39.27 -6.66 -22.83
C SER A 107 39.90 -5.29 -22.55
N GLY A 108 40.95 -5.28 -21.74
CA GLY A 108 41.63 -4.04 -21.42
C GLY A 108 40.66 -2.95 -20.98
N GLY A 1 -9.87 21.91 28.62
CA GLY A 1 -10.35 22.44 27.36
C GLY A 1 -11.16 21.42 26.58
N SER A 2 -10.91 21.36 25.27
CA SER A 2 -11.64 20.42 24.41
C SER A 2 -10.73 19.93 23.28
N SER A 3 -10.87 18.65 22.93
CA SER A 3 -10.07 18.06 21.86
C SER A 3 -10.96 17.47 20.78
N GLY A 4 -12.10 18.12 20.54
CA GLY A 4 -13.02 17.65 19.52
C GLY A 4 -13.55 18.77 18.65
N SER A 5 -12.72 19.21 17.70
CA SER A 5 -13.11 20.28 16.80
C SER A 5 -13.85 19.74 15.58
N SER A 6 -13.29 18.70 14.97
CA SER A 6 -13.89 18.09 13.79
C SER A 6 -14.76 16.89 14.19
N GLY A 7 -14.15 15.96 14.92
CA GLY A 7 -14.87 14.77 15.34
C GLY A 7 -14.12 13.49 15.07
N PRO A 8 -14.34 12.91 13.88
CA PRO A 8 -13.68 11.67 13.47
C PRO A 8 -12.19 11.87 13.20
N ALA A 9 -11.42 10.80 13.34
CA ALA A 9 -9.98 10.85 13.11
C ALA A 9 -9.67 11.25 11.67
N ARG A 10 -8.72 12.16 11.49
CA ARG A 10 -8.34 12.62 10.17
C ARG A 10 -6.86 12.32 9.89
N PHE A 11 -6.55 12.06 8.63
CA PHE A 11 -5.17 11.75 8.24
C PHE A 11 -4.27 12.97 8.46
N THR A 12 -3.03 12.70 8.88
CA THR A 12 -2.07 13.76 9.14
C THR A 12 -0.90 13.68 8.16
N GLN A 13 -0.59 12.47 7.71
CA GLN A 13 0.51 12.25 6.77
C GLN A 13 0.03 11.50 5.54
N ASP A 14 -0.08 12.19 4.43
CA ASP A 14 -0.52 11.58 3.18
C ASP A 14 0.07 10.19 3.02
N LEU A 15 -0.79 9.20 2.81
CA LEU A 15 -0.35 7.81 2.65
C LEU A 15 0.58 7.68 1.44
N LYS A 16 1.56 6.79 1.56
CA LYS A 16 2.52 6.57 0.49
C LYS A 16 2.79 5.07 0.32
N THR A 17 3.48 4.73 -0.77
CA THR A 17 3.81 3.34 -1.05
C THR A 17 5.25 3.20 -1.54
N LYS A 18 5.65 1.96 -1.82
CA LYS A 18 7.00 1.70 -2.31
C LYS A 18 6.97 0.94 -3.62
N GLU A 19 8.13 0.84 -4.28
CA GLU A 19 8.23 0.12 -5.54
C GLU A 19 8.96 -1.20 -5.36
N ALA A 20 8.40 -2.25 -5.95
CA ALA A 20 9.00 -3.58 -5.86
C ALA A 20 8.78 -4.37 -7.14
N SER A 21 9.49 -5.50 -7.27
CA SER A 21 9.38 -6.33 -8.46
C SER A 21 8.41 -7.48 -8.23
N GLU A 22 7.81 -7.97 -9.31
CA GLU A 22 6.85 -9.07 -9.22
C GLU A 22 7.33 -10.11 -8.21
N GLY A 23 6.41 -10.53 -7.33
CA GLY A 23 6.76 -11.52 -6.33
C GLY A 23 7.14 -10.90 -5.01
N ALA A 24 7.82 -9.76 -5.06
CA ALA A 24 8.26 -9.06 -3.86
C ALA A 24 7.05 -8.66 -3.00
N THR A 25 7.32 -7.92 -1.93
CA THR A 25 6.27 -7.48 -1.03
C THR A 25 6.39 -5.98 -0.74
N ALA A 26 5.33 -5.24 -1.04
CA ALA A 26 5.33 -3.80 -0.81
C ALA A 26 5.02 -3.47 0.65
N THR A 27 5.14 -2.20 1.01
CA THR A 27 4.88 -1.77 2.37
C THR A 27 4.44 -0.30 2.40
N LEU A 28 3.16 -0.08 2.62
CA LEU A 28 2.62 1.27 2.68
C LEU A 28 2.45 1.74 4.12
N GLN A 29 2.67 3.02 4.36
CA GLN A 29 2.55 3.60 5.69
C GLN A 29 1.67 4.85 5.68
N CYS A 30 0.91 5.04 6.75
CA CYS A 30 0.02 6.19 6.85
C CYS A 30 -0.18 6.59 8.31
N GLU A 31 -0.26 7.90 8.56
CA GLU A 31 -0.45 8.41 9.91
C GLU A 31 -1.88 8.92 10.11
N LEU A 32 -2.33 8.92 11.36
CA LEU A 32 -3.67 9.38 11.68
C LEU A 32 -3.65 10.39 12.83
N SER A 33 -4.66 11.24 12.88
CA SER A 33 -4.74 12.26 13.93
C SER A 33 -4.86 11.61 15.31
N LYS A 34 -5.49 10.45 15.35
CA LYS A 34 -5.66 9.73 16.61
C LYS A 34 -6.02 8.26 16.35
N VAL A 35 -5.74 7.41 17.33
CA VAL A 35 -6.05 5.98 17.21
C VAL A 35 -7.50 5.76 16.80
N ALA A 36 -7.71 5.28 15.58
CA ALA A 36 -9.05 5.04 15.08
C ALA A 36 -9.04 3.89 14.05
N PRO A 37 -10.18 3.18 13.95
CA PRO A 37 -10.33 2.06 13.02
C PRO A 37 -10.37 2.52 11.57
N VAL A 38 -9.58 1.86 10.72
CA VAL A 38 -9.52 2.21 9.31
C VAL A 38 -9.79 0.98 8.44
N GLU A 39 -9.92 1.20 7.13
CA GLU A 39 -10.18 0.12 6.19
C GLU A 39 -9.48 0.36 4.86
N TRP A 40 -8.54 -0.51 4.53
CA TRP A 40 -7.79 -0.40 3.29
C TRP A 40 -8.62 -0.88 2.10
N LYS A 41 -8.42 -0.25 0.95
CA LYS A 41 -9.15 -0.62 -0.27
C LYS A 41 -8.21 -0.67 -1.47
N LYS A 42 -8.51 -1.56 -2.40
CA LYS A 42 -7.69 -1.71 -3.60
C LYS A 42 -8.47 -1.27 -4.84
N GLY A 43 -9.53 -0.50 -4.62
CA GLY A 43 -10.34 -0.03 -5.74
C GLY A 43 -11.81 0.06 -5.39
N PRO A 44 -12.67 -0.27 -6.36
CA PRO A 44 -14.13 -0.23 -6.18
C PRO A 44 -14.62 -1.33 -5.24
N GLU A 45 -13.68 -2.09 -4.68
CA GLU A 45 -14.03 -3.17 -3.77
C GLU A 45 -13.38 -2.95 -2.40
N THR A 46 -13.68 -3.85 -1.46
CA THR A 46 -13.14 -3.75 -0.12
C THR A 46 -12.14 -4.87 0.16
N LEU A 47 -11.06 -4.52 0.85
CA LEU A 47 -10.02 -5.51 1.18
C LEU A 47 -10.20 -6.03 2.60
N ARG A 48 -9.35 -6.98 2.99
CA ARG A 48 -9.42 -7.56 4.32
C ARG A 48 -8.06 -8.10 4.76
N ASP A 49 -7.90 -8.33 6.04
CA ASP A 49 -6.65 -8.84 6.59
C ASP A 49 -6.64 -10.37 6.61
N GLY A 50 -5.77 -10.97 5.81
CA GLY A 50 -5.68 -12.41 5.75
C GLY A 50 -5.33 -12.92 4.36
N GLY A 51 -4.93 -14.17 4.27
CA GLY A 51 -4.56 -14.76 2.99
C GLY A 51 -3.26 -14.20 2.45
N ARG A 52 -3.37 -13.20 1.57
CA ARG A 52 -2.19 -12.59 0.98
C ARG A 52 -2.18 -11.08 1.22
N TYR A 53 -2.59 -10.68 2.42
CA TYR A 53 -2.65 -9.26 2.77
C TYR A 53 -2.45 -9.07 4.28
N SER A 54 -1.55 -8.17 4.63
CA SER A 54 -1.26 -7.89 6.04
C SER A 54 -1.43 -6.41 6.35
N LEU A 55 -2.33 -6.10 7.28
CA LEU A 55 -2.60 -4.72 7.67
C LEU A 55 -2.55 -4.56 9.18
N LYS A 56 -1.45 -4.00 9.68
CA LYS A 56 -1.28 -3.80 11.12
C LYS A 56 -1.56 -2.34 11.49
N GLN A 57 -1.87 -2.11 12.76
CA GLN A 57 -2.16 -0.77 13.24
C GLN A 57 -1.26 -0.42 14.43
N ASP A 58 -0.24 0.39 14.16
CA ASP A 58 0.69 0.81 15.21
C ASP A 58 0.26 2.14 15.83
N GLY A 59 -0.60 2.07 16.83
CA GLY A 59 -1.08 3.27 17.49
C GLY A 59 -1.93 4.13 16.58
N THR A 60 -1.33 5.15 15.99
CA THR A 60 -2.05 6.05 15.10
C THR A 60 -1.58 5.88 13.65
N ARG A 61 -0.86 4.80 13.40
CA ARG A 61 -0.35 4.51 12.06
C ARG A 61 -0.81 3.13 11.59
N CYS A 62 -0.69 2.89 10.29
CA CYS A 62 -1.09 1.62 9.71
C CYS A 62 -0.13 1.20 8.60
N GLU A 63 0.42 0.00 8.72
CA GLU A 63 1.36 -0.52 7.72
C GLU A 63 0.74 -1.68 6.95
N LEU A 64 0.56 -1.48 5.65
CA LEU A 64 -0.02 -2.51 4.79
C LEU A 64 1.06 -3.24 4.00
N GLN A 65 0.90 -4.55 3.88
CA GLN A 65 1.87 -5.37 3.15
C GLN A 65 1.17 -6.26 2.13
N ILE A 66 1.77 -6.38 0.96
CA ILE A 66 1.21 -7.21 -0.10
C ILE A 66 2.19 -8.30 -0.54
N HIS A 67 1.97 -9.51 -0.04
CA HIS A 67 2.83 -10.64 -0.37
C HIS A 67 2.47 -11.20 -1.75
N ASP A 68 3.49 -11.58 -2.52
CA ASP A 68 3.28 -12.13 -3.85
C ASP A 68 2.84 -11.05 -4.83
N LEU A 69 3.56 -9.94 -4.85
CA LEU A 69 3.25 -8.83 -5.74
C LEU A 69 3.12 -9.31 -7.18
N SER A 70 2.34 -8.59 -7.97
CA SER A 70 2.14 -8.94 -9.37
C SER A 70 1.75 -7.71 -10.19
N VAL A 71 2.32 -7.62 -11.39
CA VAL A 71 2.03 -6.49 -12.28
C VAL A 71 0.57 -6.09 -12.21
N ALA A 72 -0.31 -7.07 -12.01
CA ALA A 72 -1.74 -6.82 -11.92
C ALA A 72 -2.08 -6.04 -10.65
N ASP A 73 -1.47 -6.43 -9.54
CA ASP A 73 -1.71 -5.76 -8.26
C ASP A 73 -1.45 -4.26 -8.38
N ALA A 74 -0.40 -3.90 -9.09
CA ALA A 74 -0.05 -2.49 -9.27
C ALA A 74 -1.27 -1.67 -9.65
N GLY A 75 -1.83 -0.96 -8.66
CA GLY A 75 -3.00 -0.15 -8.91
C GLY A 75 -3.07 1.06 -7.99
N GLU A 76 -4.21 1.24 -7.33
CA GLU A 76 -4.40 2.36 -6.42
C GLU A 76 -5.05 1.91 -5.12
N TYR A 77 -4.29 1.94 -4.04
CA TYR A 77 -4.79 1.53 -2.73
C TYR A 77 -5.24 2.73 -1.92
N SER A 78 -6.51 2.75 -1.54
CA SER A 78 -7.07 3.85 -0.76
C SER A 78 -7.47 3.37 0.63
N CYS A 79 -7.25 4.22 1.63
CA CYS A 79 -7.58 3.88 3.01
C CYS A 79 -8.53 4.91 3.59
N MET A 80 -9.71 4.46 4.02
CA MET A 80 -10.71 5.35 4.60
C MET A 80 -10.63 5.33 6.13
N CYS A 81 -10.57 6.52 6.71
CA CYS A 81 -10.49 6.65 8.17
C CYS A 81 -11.47 7.69 8.68
N GLY A 82 -12.65 7.22 9.10
CA GLY A 82 -13.66 8.12 9.60
C GLY A 82 -14.41 8.84 8.50
N GLN A 83 -13.86 9.98 8.07
CA GLN A 83 -14.49 10.76 7.01
C GLN A 83 -13.50 11.03 5.88
N GLU A 84 -12.25 11.31 6.24
CA GLU A 84 -11.21 11.58 5.27
C GLU A 84 -10.89 10.33 4.45
N ARG A 85 -10.09 10.50 3.40
CA ARG A 85 -9.71 9.39 2.54
C ARG A 85 -8.41 9.68 1.82
N THR A 86 -7.55 8.66 1.69
CA THR A 86 -6.27 8.82 1.01
C THR A 86 -6.02 7.67 0.04
N SER A 87 -5.06 7.86 -0.86
CA SER A 87 -4.72 6.84 -1.85
C SER A 87 -3.24 6.87 -2.17
N ALA A 88 -2.72 5.74 -2.65
CA ALA A 88 -1.30 5.64 -3.00
C ALA A 88 -1.10 4.67 -4.15
N THR A 89 -0.43 5.14 -5.21
CA THR A 89 -0.16 4.31 -6.37
C THR A 89 1.09 3.45 -6.17
N LEU A 90 0.90 2.15 -6.12
CA LEU A 90 2.02 1.23 -5.93
C LEU A 90 2.71 0.93 -7.26
N THR A 91 4.03 0.77 -7.21
CA THR A 91 4.82 0.49 -8.40
C THR A 91 5.24 -0.97 -8.45
N VAL A 92 4.94 -1.63 -9.57
CA VAL A 92 5.29 -3.03 -9.74
C VAL A 92 6.14 -3.23 -11.00
N ARG A 93 7.27 -3.90 -10.84
CA ARG A 93 8.18 -4.16 -11.95
C ARG A 93 8.08 -5.61 -12.41
N ALA A 94 7.74 -5.80 -13.68
CA ALA A 94 7.61 -7.15 -14.24
C ALA A 94 8.92 -7.93 -14.10
N LEU A 95 8.81 -9.24 -14.01
CA LEU A 95 9.99 -10.10 -13.88
C LEU A 95 10.96 -9.87 -15.03
N PRO A 96 12.24 -10.22 -14.80
CA PRO A 96 13.29 -10.06 -15.80
C PRO A 96 13.14 -11.02 -16.97
N ALA A 97 13.16 -10.50 -18.18
CA ALA A 97 13.04 -11.32 -19.38
C ALA A 97 14.36 -11.43 -20.12
N ARG A 98 14.96 -12.61 -20.10
CA ARG A 98 16.23 -12.84 -20.77
C ARG A 98 16.07 -12.69 -22.28
N PHE A 99 14.97 -13.21 -22.81
CA PHE A 99 14.71 -13.13 -24.24
C PHE A 99 14.86 -11.70 -24.75
N THR A 100 16.04 -11.38 -25.28
CA THR A 100 16.32 -10.06 -25.80
C THR A 100 15.45 -9.74 -27.00
N GLU A 101 14.17 -9.48 -26.75
CA GLU A 101 13.23 -9.18 -27.83
C GLU A 101 13.88 -8.28 -28.87
N GLY A 102 14.05 -8.81 -30.08
CA GLY A 102 14.66 -8.04 -31.15
C GLY A 102 15.45 -8.90 -32.11
N SER A 103 16.78 -8.87 -31.99
CA SER A 103 17.64 -9.65 -32.87
C SER A 103 18.43 -10.68 -32.07
N GLY A 104 18.34 -11.94 -32.49
CA GLY A 104 19.04 -13.00 -31.79
C GLY A 104 20.53 -13.00 -32.08
N PRO A 105 20.95 -13.78 -33.09
CA PRO A 105 22.35 -13.88 -33.48
C PRO A 105 22.86 -12.60 -34.14
N SER A 106 24.08 -12.22 -33.80
CA SER A 106 24.68 -11.00 -34.36
C SER A 106 25.11 -11.23 -35.80
N SER A 107 24.53 -10.45 -36.72
CA SER A 107 24.85 -10.57 -38.14
C SER A 107 25.14 -12.03 -38.51
N GLY A 108 24.25 -12.93 -38.09
CA GLY A 108 24.43 -14.33 -38.39
C GLY A 108 23.11 -15.06 -38.56
N GLY A 1 -5.63 28.70 12.46
CA GLY A 1 -6.94 28.24 12.90
C GLY A 1 -6.93 27.76 14.34
N SER A 2 -7.57 26.62 14.58
CA SER A 2 -7.65 26.06 15.93
C SER A 2 -7.06 24.65 15.96
N SER A 3 -6.59 24.24 17.13
CA SER A 3 -6.00 22.92 17.30
C SER A 3 -6.65 22.18 18.46
N GLY A 4 -6.50 20.86 18.47
CA GLY A 4 -7.08 20.05 19.53
C GLY A 4 -7.52 18.69 19.05
N SER A 5 -8.19 17.93 19.92
CA SER A 5 -8.67 16.61 19.58
C SER A 5 -10.19 16.52 19.68
N SER A 6 -10.83 16.09 18.60
CA SER A 6 -12.27 15.97 18.57
C SER A 6 -12.74 15.29 17.29
N GLY A 7 -13.90 14.65 17.35
CA GLY A 7 -14.44 13.98 16.18
C GLY A 7 -13.59 12.80 15.75
N PRO A 8 -13.85 12.29 14.54
CA PRO A 8 -13.10 11.15 13.99
C PRO A 8 -11.67 11.51 13.63
N ALA A 9 -10.83 10.49 13.47
CA ALA A 9 -9.43 10.71 13.12
C ALA A 9 -9.28 11.03 11.63
N ARG A 10 -8.51 12.08 11.34
CA ARG A 10 -8.28 12.50 9.97
C ARG A 10 -6.81 12.33 9.58
N PHE A 11 -6.57 11.82 8.37
CA PHE A 11 -5.22 11.60 7.89
C PHE A 11 -4.39 12.89 7.99
N THR A 12 -3.14 12.75 8.40
CA THR A 12 -2.25 13.90 8.54
C THR A 12 -1.10 13.82 7.55
N GLN A 13 -0.75 12.61 7.14
CA GLN A 13 0.33 12.41 6.18
C GLN A 13 -0.12 11.53 5.02
N ASP A 14 -0.18 12.12 3.83
CA ASP A 14 -0.61 11.39 2.64
C ASP A 14 -0.05 9.97 2.64
N LEU A 15 -0.82 9.04 2.08
CA LEU A 15 -0.40 7.65 2.02
C LEU A 15 0.74 7.46 1.02
N LYS A 16 1.77 6.73 1.44
CA LYS A 16 2.92 6.48 0.58
C LYS A 16 3.09 4.98 0.33
N THR A 17 3.98 4.63 -0.59
CA THR A 17 4.24 3.24 -0.93
C THR A 17 5.65 3.05 -1.48
N LYS A 18 5.98 1.81 -1.83
CA LYS A 18 7.30 1.50 -2.37
C LYS A 18 7.18 0.77 -3.70
N GLU A 19 8.31 0.58 -4.37
CA GLU A 19 8.34 -0.11 -5.65
C GLU A 19 9.03 -1.46 -5.53
N ALA A 20 8.27 -2.54 -5.76
CA ALA A 20 8.81 -3.89 -5.66
C ALA A 20 8.55 -4.66 -6.96
N SER A 21 9.22 -5.79 -7.10
CA SER A 21 9.07 -6.63 -8.29
C SER A 21 7.99 -7.68 -8.08
N GLU A 22 7.49 -8.24 -9.19
CA GLU A 22 6.45 -9.25 -9.12
C GLU A 22 6.82 -10.35 -8.12
N GLY A 23 5.87 -10.69 -7.25
CA GLY A 23 6.12 -11.73 -6.26
C GLY A 23 6.63 -11.16 -4.95
N ALA A 24 7.29 -10.00 -5.02
CA ALA A 24 7.84 -9.36 -3.83
C ALA A 24 6.71 -8.90 -2.90
N THR A 25 7.10 -8.20 -1.83
CA THR A 25 6.13 -7.71 -0.86
C THR A 25 6.25 -6.20 -0.69
N ALA A 26 5.13 -5.49 -0.90
CA ALA A 26 5.12 -4.04 -0.77
C ALA A 26 4.88 -3.63 0.69
N THR A 27 4.98 -2.33 0.95
CA THR A 27 4.78 -1.81 2.30
C THR A 27 4.29 -0.37 2.25
N LEU A 28 3.04 -0.16 2.64
CA LEU A 28 2.45 1.18 2.65
C LEU A 28 2.22 1.66 4.08
N GLN A 29 2.87 2.77 4.43
CA GLN A 29 2.73 3.33 5.78
C GLN A 29 2.13 4.73 5.72
N CYS A 30 1.23 5.02 6.64
CA CYS A 30 0.56 6.32 6.69
C CYS A 30 0.43 6.80 8.14
N GLU A 31 -0.17 7.97 8.31
CA GLU A 31 -0.37 8.55 9.64
C GLU A 31 -1.82 8.97 9.84
N LEU A 32 -2.19 9.21 11.10
CA LEU A 32 -3.55 9.61 11.42
C LEU A 32 -3.55 10.61 12.57
N SER A 33 -4.60 11.44 12.63
CA SER A 33 -4.72 12.44 13.69
C SER A 33 -4.79 11.78 15.06
N LYS A 34 -5.33 10.57 15.10
CA LYS A 34 -5.47 9.83 16.34
C LYS A 34 -5.73 8.34 16.07
N VAL A 35 -5.33 7.49 17.02
CA VAL A 35 -5.53 6.06 16.89
C VAL A 35 -6.99 5.73 16.60
N ALA A 36 -7.24 5.18 15.41
CA ALA A 36 -8.59 4.82 15.01
C ALA A 36 -8.58 3.68 13.99
N PRO A 37 -9.66 2.89 13.96
CA PRO A 37 -9.79 1.77 13.04
C PRO A 37 -9.97 2.21 11.59
N VAL A 38 -9.16 1.65 10.70
CA VAL A 38 -9.22 1.99 9.29
C VAL A 38 -9.33 0.75 8.42
N GLU A 39 -9.61 0.95 7.13
CA GLU A 39 -9.74 -0.17 6.19
C GLU A 39 -9.13 0.18 4.84
N TRP A 40 -8.33 -0.73 4.30
CA TRP A 40 -7.69 -0.51 3.01
C TRP A 40 -8.58 -1.01 1.88
N LYS A 41 -8.52 -0.30 0.75
CA LYS A 41 -9.32 -0.67 -0.42
C LYS A 41 -8.50 -0.55 -1.70
N LYS A 42 -8.80 -1.41 -2.66
CA LYS A 42 -8.09 -1.40 -3.93
C LYS A 42 -9.01 -1.00 -5.07
N GLY A 43 -10.14 -0.38 -4.72
CA GLY A 43 -11.10 0.05 -5.73
C GLY A 43 -12.53 -0.04 -5.24
N PRO A 44 -13.45 -0.41 -6.14
CA PRO A 44 -14.88 -0.54 -5.82
C PRO A 44 -15.15 -1.73 -4.91
N GLU A 45 -14.10 -2.41 -4.48
CA GLU A 45 -14.24 -3.56 -3.61
C GLU A 45 -13.56 -3.31 -2.26
N THR A 46 -13.74 -4.24 -1.33
CA THR A 46 -13.15 -4.12 -0.01
C THR A 46 -12.14 -5.22 0.25
N LEU A 47 -11.01 -4.87 0.87
CA LEU A 47 -9.97 -5.84 1.17
C LEU A 47 -10.06 -6.30 2.63
N ARG A 48 -9.18 -7.23 3.00
CA ARG A 48 -9.16 -7.76 4.36
C ARG A 48 -7.75 -8.20 4.74
N ASP A 49 -7.55 -8.48 6.03
CA ASP A 49 -6.26 -8.92 6.53
C ASP A 49 -6.25 -10.42 6.77
N GLY A 50 -5.47 -11.14 5.98
CA GLY A 50 -5.38 -12.58 6.12
C GLY A 50 -4.81 -13.26 4.89
N GLY A 51 -5.56 -13.21 3.80
CA GLY A 51 -5.11 -13.83 2.57
C GLY A 51 -3.84 -13.20 2.03
N ARG A 52 -3.88 -12.77 0.77
CA ARG A 52 -2.74 -12.14 0.13
C ARG A 52 -2.63 -10.68 0.52
N TYR A 53 -2.85 -10.39 1.81
CA TYR A 53 -2.79 -9.02 2.31
C TYR A 53 -2.63 -9.01 3.82
N SER A 54 -1.49 -8.49 4.28
CA SER A 54 -1.21 -8.42 5.71
C SER A 54 -1.04 -6.98 6.16
N LEU A 55 -1.91 -6.53 7.05
CA LEU A 55 -1.85 -5.16 7.56
C LEU A 55 -1.88 -5.15 9.10
N LYS A 56 -1.16 -4.21 9.68
CA LYS A 56 -1.09 -4.08 11.14
C LYS A 56 -1.33 -2.64 11.56
N GLN A 57 -2.00 -2.46 12.70
CA GLN A 57 -2.30 -1.13 13.23
C GLN A 57 -1.24 -0.70 14.22
N ASP A 58 -1.06 0.61 14.37
CA ASP A 58 -0.08 1.16 15.30
C ASP A 58 -0.47 2.56 15.74
N GLY A 59 0.16 3.04 16.81
CA GLY A 59 -0.12 4.38 17.30
C GLY A 59 -0.18 5.42 16.20
N THR A 60 -1.39 5.86 15.87
CA THR A 60 -1.58 6.85 14.82
C THR A 60 -0.78 6.49 13.56
N ARG A 61 -0.59 5.20 13.35
CA ARG A 61 0.16 4.72 12.19
C ARG A 61 -0.40 3.39 11.68
N CYS A 62 -0.43 3.23 10.37
CA CYS A 62 -0.95 2.01 9.76
C CYS A 62 -0.01 1.51 8.66
N GLU A 63 0.32 0.23 8.71
CA GLU A 63 1.21 -0.37 7.72
C GLU A 63 0.50 -1.50 6.95
N LEU A 64 0.53 -1.41 5.63
CA LEU A 64 -0.10 -2.41 4.79
C LEU A 64 0.93 -3.13 3.93
N GLN A 65 0.97 -4.46 4.04
CA GLN A 65 1.91 -5.26 3.26
C GLN A 65 1.17 -6.15 2.27
N ILE A 66 1.67 -6.21 1.05
CA ILE A 66 1.07 -7.02 0.00
C ILE A 66 2.01 -8.15 -0.43
N HIS A 67 1.79 -9.33 0.12
CA HIS A 67 2.61 -10.49 -0.21
C HIS A 67 2.27 -11.02 -1.60
N ASP A 68 3.22 -11.71 -2.22
CA ASP A 68 3.02 -12.26 -3.55
C ASP A 68 2.53 -11.19 -4.53
N LEU A 69 3.20 -10.04 -4.51
CA LEU A 69 2.83 -8.93 -5.39
C LEU A 69 2.62 -9.41 -6.81
N SER A 70 2.12 -8.53 -7.67
CA SER A 70 1.86 -8.86 -9.07
C SER A 70 1.56 -7.61 -9.88
N VAL A 71 2.02 -7.60 -11.12
CA VAL A 71 1.80 -6.46 -12.01
C VAL A 71 0.33 -6.05 -12.02
N ALA A 72 -0.56 -7.04 -11.90
CA ALA A 72 -1.98 -6.80 -11.90
C ALA A 72 -2.41 -6.08 -10.62
N ASP A 73 -1.67 -6.31 -9.54
CA ASP A 73 -1.98 -5.68 -8.26
C ASP A 73 -1.65 -4.20 -8.29
N ALA A 74 -0.63 -3.83 -9.07
CA ALA A 74 -0.20 -2.44 -9.18
C ALA A 74 -1.37 -1.56 -9.61
N GLY A 75 -1.87 -0.76 -8.67
CA GLY A 75 -2.98 0.12 -8.97
C GLY A 75 -3.04 1.32 -8.04
N GLU A 76 -4.17 1.47 -7.36
CA GLU A 76 -4.36 2.59 -6.43
C GLU A 76 -5.00 2.10 -5.13
N TYR A 77 -4.22 2.11 -4.05
CA TYR A 77 -4.71 1.67 -2.75
C TYR A 77 -5.14 2.86 -1.90
N SER A 78 -6.42 2.89 -1.53
CA SER A 78 -6.96 3.97 -0.72
C SER A 78 -7.31 3.48 0.69
N CYS A 79 -7.21 4.38 1.66
CA CYS A 79 -7.52 4.04 3.04
C CYS A 79 -8.59 4.97 3.61
N MET A 80 -9.69 4.38 4.06
CA MET A 80 -10.79 5.15 4.62
C MET A 80 -10.71 5.18 6.15
N CYS A 81 -10.63 6.38 6.71
CA CYS A 81 -10.55 6.54 8.15
C CYS A 81 -11.52 7.62 8.64
N GLY A 82 -12.60 7.17 9.30
CA GLY A 82 -13.58 8.10 9.79
C GLY A 82 -14.40 8.74 8.69
N GLN A 83 -13.94 9.89 8.21
CA GLN A 83 -14.64 10.60 7.15
C GLN A 83 -13.68 10.93 6.00
N GLU A 84 -12.41 11.12 6.34
CA GLU A 84 -11.40 11.44 5.33
C GLU A 84 -11.08 10.22 4.47
N ARG A 85 -10.20 10.41 3.49
CA ARG A 85 -9.82 9.32 2.59
C ARG A 85 -8.59 9.70 1.79
N THR A 86 -7.66 8.75 1.65
CA THR A 86 -6.43 8.99 0.90
C THR A 86 -6.15 7.86 -0.08
N SER A 87 -5.27 8.11 -1.04
CA SER A 87 -4.93 7.11 -2.05
C SER A 87 -3.44 7.18 -2.39
N ALA A 88 -2.85 6.02 -2.69
CA ALA A 88 -1.44 5.95 -3.04
C ALA A 88 -1.21 4.95 -4.18
N THR A 89 -0.56 5.41 -5.23
CA THR A 89 -0.27 4.55 -6.38
C THR A 89 0.98 3.72 -6.14
N LEU A 90 0.79 2.41 -6.07
CA LEU A 90 1.90 1.48 -5.84
C LEU A 90 2.62 1.17 -7.15
N THR A 91 3.91 0.87 -7.05
CA THR A 91 4.71 0.53 -8.23
C THR A 91 5.16 -0.92 -8.20
N VAL A 92 4.88 -1.64 -9.28
CA VAL A 92 5.25 -3.05 -9.38
C VAL A 92 6.02 -3.32 -10.66
N ARG A 93 7.29 -3.70 -10.52
CA ARG A 93 8.15 -3.99 -11.67
C ARG A 93 8.01 -5.45 -12.09
N ALA A 94 7.74 -5.67 -13.37
CA ALA A 94 7.59 -7.02 -13.89
C ALA A 94 8.89 -7.81 -13.77
N LEU A 95 8.76 -9.12 -13.64
CA LEU A 95 9.92 -10.00 -13.51
C LEU A 95 10.81 -9.91 -14.74
N PRO A 96 12.11 -10.17 -14.55
CA PRO A 96 13.09 -10.13 -15.65
C PRO A 96 12.91 -11.29 -16.62
N ALA A 97 12.46 -10.97 -17.84
CA ALA A 97 12.25 -11.99 -18.86
C ALA A 97 13.49 -12.14 -19.74
N ARG A 98 13.55 -13.25 -20.47
CA ARG A 98 14.68 -13.52 -21.35
C ARG A 98 14.43 -12.95 -22.75
N PHE A 99 15.48 -12.89 -23.55
CA PHE A 99 15.37 -12.37 -24.91
C PHE A 99 16.52 -12.88 -25.78
N THR A 100 16.16 -13.51 -26.90
CA THR A 100 17.16 -14.05 -27.82
C THR A 100 18.01 -12.93 -28.42
N GLU A 101 19.17 -12.67 -27.81
CA GLU A 101 20.07 -11.63 -28.28
C GLU A 101 20.50 -11.90 -29.72
N GLY A 102 21.09 -10.89 -30.35
CA GLY A 102 21.54 -11.04 -31.72
C GLY A 102 22.62 -10.04 -32.09
N SER A 103 22.24 -8.99 -32.80
CA SER A 103 23.19 -7.96 -33.22
C SER A 103 22.79 -6.60 -32.66
N GLY A 104 23.73 -5.66 -32.69
CA GLY A 104 23.47 -4.32 -32.18
C GLY A 104 24.02 -3.24 -33.09
N PRO A 105 23.68 -1.98 -32.79
CA PRO A 105 24.13 -0.83 -33.57
C PRO A 105 25.64 -0.57 -33.40
N SER A 106 26.24 0.01 -34.43
CA SER A 106 27.67 0.31 -34.39
C SER A 106 28.03 1.38 -35.43
N SER A 107 29.28 1.80 -35.42
CA SER A 107 29.75 2.82 -36.36
C SER A 107 29.95 2.22 -37.75
N GLY A 108 29.98 3.09 -38.76
CA GLY A 108 30.17 2.64 -40.12
C GLY A 108 30.02 3.75 -41.13
N GLY A 1 -14.97 28.61 12.44
CA GLY A 1 -15.24 27.28 12.99
C GLY A 1 -14.04 26.70 13.69
N SER A 2 -14.24 25.55 14.33
CA SER A 2 -13.16 24.88 15.06
C SER A 2 -12.45 23.88 14.15
N SER A 3 -11.29 23.40 14.61
CA SER A 3 -10.51 22.43 13.85
C SER A 3 -10.26 21.16 14.66
N GLY A 4 -11.32 20.65 15.28
CA GLY A 4 -11.20 19.45 16.08
C GLY A 4 -12.42 18.55 15.96
N SER A 5 -12.21 17.24 16.11
CA SER A 5 -13.29 16.27 16.02
C SER A 5 -13.52 15.59 17.36
N SER A 6 -14.69 14.99 17.51
CA SER A 6 -15.05 14.30 18.75
C SER A 6 -15.58 12.89 18.45
N GLY A 7 -14.89 12.18 17.57
CA GLY A 7 -15.31 10.84 17.21
C GLY A 7 -14.31 10.14 16.31
N PRO A 8 -14.57 10.15 15.00
CA PRO A 8 -13.70 9.52 14.01
C PRO A 8 -12.36 10.25 13.86
N ALA A 9 -11.43 9.63 13.15
CA ALA A 9 -10.12 10.21 12.93
C ALA A 9 -9.94 10.63 11.48
N ARG A 10 -8.77 11.16 11.15
CA ARG A 10 -8.47 11.59 9.79
C ARG A 10 -7.01 11.33 9.44
N PHE A 11 -6.62 11.70 8.23
CA PHE A 11 -5.25 11.51 7.77
C PHE A 11 -4.44 12.80 7.91
N THR A 12 -3.23 12.67 8.46
CA THR A 12 -2.36 13.83 8.65
C THR A 12 -1.15 13.78 7.73
N GLN A 13 -0.94 12.61 7.11
CA GLN A 13 0.17 12.42 6.20
C GLN A 13 -0.22 11.54 5.01
N ASP A 14 -0.33 12.15 3.84
CA ASP A 14 -0.71 11.41 2.64
C ASP A 14 -0.11 10.01 2.65
N LEU A 15 -0.96 9.01 2.50
CA LEU A 15 -0.52 7.62 2.49
C LEU A 15 0.67 7.43 1.55
N LYS A 16 1.73 6.83 2.06
CA LYS A 16 2.93 6.58 1.27
C LYS A 16 3.03 5.11 0.88
N THR A 17 3.58 4.85 -0.31
CA THR A 17 3.74 3.49 -0.80
C THR A 17 5.17 3.23 -1.24
N LYS A 18 5.45 1.98 -1.59
CA LYS A 18 6.80 1.59 -2.03
C LYS A 18 6.73 0.80 -3.33
N GLU A 19 7.82 0.85 -4.09
CA GLU A 19 7.88 0.13 -5.37
C GLU A 19 8.64 -1.18 -5.21
N ALA A 20 8.01 -2.27 -5.64
CA ALA A 20 8.62 -3.59 -5.56
C ALA A 20 8.45 -4.37 -6.87
N SER A 21 9.18 -5.48 -6.99
CA SER A 21 9.11 -6.30 -8.19
C SER A 21 8.12 -7.44 -8.00
N GLU A 22 7.82 -8.15 -9.09
CA GLU A 22 6.90 -9.27 -9.04
C GLU A 22 7.35 -10.32 -8.03
N GLY A 23 6.39 -10.81 -7.24
CA GLY A 23 6.72 -11.81 -6.23
C GLY A 23 7.16 -11.19 -4.92
N ALA A 24 7.67 -9.97 -4.99
CA ALA A 24 8.14 -9.27 -3.80
C ALA A 24 6.96 -8.80 -2.94
N THR A 25 7.27 -8.10 -1.86
CA THR A 25 6.24 -7.60 -0.96
C THR A 25 6.30 -6.08 -0.85
N ALA A 26 5.14 -5.44 -0.94
CA ALA A 26 5.06 -3.98 -0.86
C ALA A 26 4.96 -3.53 0.58
N THR A 27 4.88 -2.22 0.79
CA THR A 27 4.78 -1.64 2.13
C THR A 27 4.23 -0.23 2.08
N LEU A 28 2.99 -0.06 2.55
CA LEU A 28 2.34 1.24 2.56
C LEU A 28 2.16 1.74 3.99
N GLN A 29 2.50 2.99 4.23
CA GLN A 29 2.37 3.59 5.55
C GLN A 29 1.49 4.85 5.50
N CYS A 30 0.66 5.01 6.52
CA CYS A 30 -0.23 6.17 6.58
C CYS A 30 -0.42 6.63 8.03
N GLU A 31 -0.38 7.94 8.24
CA GLU A 31 -0.54 8.50 9.58
C GLU A 31 -2.00 8.83 9.85
N LEU A 32 -2.29 9.20 11.10
CA LEU A 32 -3.65 9.53 11.50
C LEU A 32 -3.65 10.52 12.66
N SER A 33 -4.69 11.34 12.74
CA SER A 33 -4.81 12.34 13.81
C SER A 33 -4.93 11.66 15.17
N LYS A 34 -5.48 10.45 15.17
CA LYS A 34 -5.66 9.70 16.41
C LYS A 34 -5.86 8.21 16.11
N VAL A 35 -5.45 7.37 17.05
CA VAL A 35 -5.59 5.92 16.90
C VAL A 35 -7.04 5.54 16.61
N ALA A 36 -7.29 5.04 15.40
CA ALA A 36 -8.62 4.63 15.00
C ALA A 36 -8.57 3.51 13.97
N PRO A 37 -9.62 2.67 13.95
CA PRO A 37 -9.72 1.54 13.02
C PRO A 37 -9.92 2.00 11.58
N VAL A 38 -8.94 1.71 10.73
CA VAL A 38 -9.02 2.09 9.32
C VAL A 38 -9.24 0.88 8.44
N GLU A 39 -9.75 1.11 7.23
CA GLU A 39 -10.00 0.02 6.29
C GLU A 39 -9.31 0.29 4.96
N TRP A 40 -8.61 -0.72 4.45
CA TRP A 40 -7.90 -0.60 3.18
C TRP A 40 -8.79 -1.04 2.02
N LYS A 41 -8.64 -0.37 0.88
CA LYS A 41 -9.42 -0.69 -0.30
C LYS A 41 -8.54 -0.69 -1.55
N LYS A 42 -8.86 -1.56 -2.50
CA LYS A 42 -8.11 -1.66 -3.74
C LYS A 42 -8.94 -1.19 -4.92
N GLY A 43 -9.99 -0.42 -4.64
CA GLY A 43 -10.85 0.08 -5.69
C GLY A 43 -12.31 0.14 -5.27
N PRO A 44 -13.21 -0.16 -6.21
CA PRO A 44 -14.65 -0.15 -5.96
C PRO A 44 -15.09 -1.28 -5.03
N GLU A 45 -14.12 -2.05 -4.54
CA GLU A 45 -14.41 -3.16 -3.64
C GLU A 45 -13.68 -2.99 -2.31
N THR A 46 -14.02 -3.83 -1.35
CA THR A 46 -13.40 -3.77 -0.03
C THR A 46 -12.54 -4.99 0.23
N LEU A 47 -11.39 -4.77 0.85
CA LEU A 47 -10.46 -5.86 1.17
C LEU A 47 -10.58 -6.28 2.62
N ARG A 48 -9.74 -7.22 3.03
CA ARG A 48 -9.75 -7.71 4.41
C ARG A 48 -8.40 -8.32 4.78
N ASP A 49 -8.09 -8.33 6.07
CA ASP A 49 -6.83 -8.89 6.55
C ASP A 49 -6.93 -10.40 6.69
N GLY A 50 -6.02 -11.11 6.02
CA GLY A 50 -6.02 -12.57 6.08
C GLY A 50 -5.35 -13.19 4.88
N GLY A 51 -5.92 -12.98 3.70
CA GLY A 51 -5.35 -13.54 2.48
C GLY A 51 -3.96 -13.01 2.20
N ARG A 52 -3.70 -12.67 0.94
CA ARG A 52 -2.40 -12.17 0.54
C ARG A 52 -2.28 -10.67 0.87
N TYR A 53 -2.73 -10.30 2.05
CA TYR A 53 -2.68 -8.90 2.48
C TYR A 53 -2.57 -8.81 4.00
N SER A 54 -1.40 -8.36 4.46
CA SER A 54 -1.16 -8.22 5.90
C SER A 54 -1.23 -6.75 6.32
N LEU A 55 -2.28 -6.40 7.05
CA LEU A 55 -2.47 -5.03 7.52
C LEU A 55 -2.31 -4.95 9.04
N LYS A 56 -1.31 -4.20 9.48
CA LYS A 56 -1.06 -4.03 10.91
C LYS A 56 -1.31 -2.58 11.35
N GLN A 57 -1.92 -2.42 12.51
CA GLN A 57 -2.21 -1.09 13.04
C GLN A 57 -1.17 -0.68 14.07
N ASP A 58 -0.93 0.62 14.18
CA ASP A 58 0.03 1.15 15.13
C ASP A 58 -0.38 2.54 15.62
N GLY A 59 0.25 2.99 16.71
CA GLY A 59 -0.08 4.30 17.25
C GLY A 59 -0.17 5.36 16.19
N THR A 60 -1.38 5.83 15.91
CA THR A 60 -1.60 6.85 14.90
C THR A 60 -0.81 6.57 13.63
N ARG A 61 -0.61 5.28 13.35
CA ARG A 61 0.13 4.87 12.17
C ARG A 61 -0.34 3.51 11.67
N CYS A 62 -0.16 3.25 10.38
CA CYS A 62 -0.57 1.99 9.79
C CYS A 62 0.47 1.49 8.79
N GLU A 63 0.54 0.16 8.63
CA GLU A 63 1.51 -0.44 7.73
C GLU A 63 0.89 -1.63 6.99
N LEU A 64 0.61 -1.44 5.70
CA LEU A 64 0.02 -2.49 4.89
C LEU A 64 1.08 -3.22 4.08
N GLN A 65 0.89 -4.53 3.89
CA GLN A 65 1.83 -5.34 3.14
C GLN A 65 1.12 -6.19 2.10
N ILE A 66 1.72 -6.33 0.93
CA ILE A 66 1.14 -7.12 -0.15
C ILE A 66 2.08 -8.25 -0.57
N HIS A 67 1.93 -9.40 0.08
CA HIS A 67 2.76 -10.56 -0.23
C HIS A 67 2.47 -11.07 -1.64
N ASP A 68 3.48 -11.70 -2.25
CA ASP A 68 3.33 -12.23 -3.60
C ASP A 68 2.83 -11.16 -4.55
N LEU A 69 3.54 -10.04 -4.61
CA LEU A 69 3.16 -8.93 -5.48
C LEU A 69 2.98 -9.41 -6.92
N SER A 70 2.47 -8.53 -7.78
CA SER A 70 2.25 -8.87 -9.17
C SER A 70 1.94 -7.62 -9.99
N VAL A 71 2.03 -7.74 -11.31
CA VAL A 71 1.77 -6.62 -12.20
C VAL A 71 0.29 -6.25 -12.20
N ALA A 72 -0.55 -7.18 -11.75
CA ALA A 72 -1.99 -6.97 -11.69
C ALA A 72 -2.37 -6.23 -10.41
N ASP A 73 -1.54 -6.35 -9.38
CA ASP A 73 -1.79 -5.70 -8.10
C ASP A 73 -1.41 -4.23 -8.16
N ALA A 74 -0.49 -3.89 -9.06
CA ALA A 74 -0.05 -2.52 -9.21
C ALA A 74 -1.18 -1.61 -9.66
N GLY A 75 -1.74 -0.85 -8.72
CA GLY A 75 -2.83 0.05 -9.03
C GLY A 75 -2.90 1.23 -8.09
N GLU A 76 -4.03 1.39 -7.42
CA GLU A 76 -4.22 2.49 -6.49
C GLU A 76 -4.92 2.02 -5.21
N TYR A 77 -4.17 1.96 -4.11
CA TYR A 77 -4.73 1.53 -2.84
C TYR A 77 -5.09 2.72 -1.96
N SER A 78 -6.36 2.81 -1.60
CA SER A 78 -6.84 3.90 -0.75
C SER A 78 -7.27 3.38 0.62
N CYS A 79 -7.05 4.21 1.64
CA CYS A 79 -7.41 3.84 3.01
C CYS A 79 -8.43 4.82 3.58
N MET A 80 -9.58 4.30 3.98
CA MET A 80 -10.64 5.12 4.55
C MET A 80 -10.58 5.11 6.07
N CYS A 81 -10.43 6.30 6.67
CA CYS A 81 -10.37 6.42 8.12
C CYS A 81 -11.28 7.54 8.61
N GLY A 82 -12.48 7.16 9.03
CA GLY A 82 -13.43 8.14 9.52
C GLY A 82 -14.21 8.82 8.40
N GLN A 83 -13.83 10.05 8.09
CA GLN A 83 -14.50 10.81 7.04
C GLN A 83 -13.52 11.16 5.92
N GLU A 84 -12.23 11.11 6.24
CA GLU A 84 -11.20 11.43 5.26
C GLU A 84 -10.80 10.18 4.47
N ARG A 85 -9.91 10.36 3.50
CA ARG A 85 -9.45 9.26 2.67
C ARG A 85 -8.19 9.65 1.90
N THR A 86 -7.32 8.67 1.67
CA THR A 86 -6.07 8.91 0.95
C THR A 86 -5.73 7.72 0.05
N SER A 87 -4.97 7.99 -1.01
CA SER A 87 -4.56 6.95 -1.94
C SER A 87 -3.09 7.07 -2.30
N ALA A 88 -2.41 5.94 -2.45
CA ALA A 88 -1.00 5.92 -2.78
C ALA A 88 -0.71 4.91 -3.89
N THR A 89 -0.66 5.38 -5.13
CA THR A 89 -0.39 4.51 -6.26
C THR A 89 0.84 3.65 -6.03
N LEU A 90 0.66 2.33 -6.05
CA LEU A 90 1.77 1.41 -5.84
C LEU A 90 2.48 1.09 -7.15
N THR A 91 3.78 0.83 -7.07
CA THR A 91 4.57 0.51 -8.24
C THR A 91 5.02 -0.94 -8.24
N VAL A 92 4.79 -1.64 -9.35
CA VAL A 92 5.18 -3.03 -9.47
C VAL A 92 6.03 -3.27 -10.72
N ARG A 93 7.21 -3.86 -10.52
CA ARG A 93 8.11 -4.14 -11.62
C ARG A 93 7.96 -5.58 -12.09
N ALA A 94 7.74 -5.75 -13.39
CA ALA A 94 7.58 -7.08 -13.97
C ALA A 94 8.93 -7.78 -14.14
N LEU A 95 9.05 -8.96 -13.53
CA LEU A 95 10.30 -9.72 -13.61
C LEU A 95 10.95 -9.58 -14.98
N PRO A 96 12.27 -9.77 -15.04
CA PRO A 96 13.03 -9.66 -16.28
C PRO A 96 12.74 -10.82 -17.24
N ALA A 97 12.88 -10.56 -18.54
CA ALA A 97 12.63 -11.58 -19.55
C ALA A 97 13.54 -12.79 -19.35
N ARG A 98 14.85 -12.53 -19.31
CA ARG A 98 15.82 -13.60 -19.13
C ARG A 98 16.21 -13.74 -17.65
N PHE A 99 16.78 -14.88 -17.30
CA PHE A 99 17.19 -15.14 -15.93
C PHE A 99 18.65 -15.62 -15.88
N THR A 100 19.58 -14.68 -15.82
CA THR A 100 21.00 -15.01 -15.78
C THR A 100 21.25 -16.22 -14.89
N GLU A 101 22.21 -17.05 -15.29
CA GLU A 101 22.54 -18.26 -14.53
C GLU A 101 23.88 -18.83 -14.99
N GLY A 102 24.91 -18.64 -14.18
CA GLY A 102 26.22 -19.14 -14.52
C GLY A 102 26.75 -20.14 -13.50
N SER A 103 28.01 -19.98 -13.11
CA SER A 103 28.63 -20.88 -12.14
C SER A 103 28.57 -20.28 -10.73
N GLY A 104 29.02 -21.05 -9.75
CA GLY A 104 29.02 -20.58 -8.37
C GLY A 104 30.26 -19.78 -8.03
N PRO A 105 30.35 -19.34 -6.78
CA PRO A 105 31.49 -18.56 -6.29
C PRO A 105 32.77 -19.38 -6.20
N SER A 106 33.91 -18.72 -6.35
CA SER A 106 35.20 -19.40 -6.29
C SER A 106 36.03 -18.88 -5.12
N SER A 107 36.17 -17.56 -5.04
CA SER A 107 36.94 -16.93 -3.97
C SER A 107 36.70 -17.65 -2.65
N GLY A 108 35.43 -17.79 -2.27
CA GLY A 108 35.09 -18.45 -1.03
C GLY A 108 35.93 -17.96 0.14
N GLY A 1 -22.90 20.23 18.37
CA GLY A 1 -23.65 21.04 17.44
C GLY A 1 -23.59 20.50 16.02
N SER A 2 -23.47 21.40 15.05
CA SER A 2 -23.41 21.00 13.65
C SER A 2 -21.98 21.13 13.10
N SER A 3 -21.33 22.24 13.44
CA SER A 3 -19.97 22.48 12.99
C SER A 3 -19.01 22.55 14.17
N GLY A 4 -17.71 22.47 13.88
CA GLY A 4 -16.71 22.53 14.93
C GLY A 4 -15.80 21.32 14.93
N SER A 5 -14.74 21.37 15.73
CA SER A 5 -13.77 20.28 15.81
C SER A 5 -14.35 19.12 16.62
N SER A 6 -15.09 18.25 15.94
CA SER A 6 -15.70 17.09 16.59
C SER A 6 -16.04 16.02 15.57
N GLY A 7 -15.42 14.85 15.71
CA GLY A 7 -15.67 13.75 14.80
C GLY A 7 -14.59 12.70 14.84
N PRO A 8 -14.52 11.87 13.79
CA PRO A 8 -13.52 10.79 13.69
C PRO A 8 -12.11 11.33 13.48
N ALA A 9 -11.17 10.42 13.25
CA ALA A 9 -9.78 10.80 13.03
C ALA A 9 -9.55 11.27 11.60
N ARG A 10 -8.59 12.16 11.41
CA ARG A 10 -8.28 12.68 10.08
C ARG A 10 -6.81 12.43 9.73
N PHE A 11 -6.57 12.02 8.49
CA PHE A 11 -5.22 11.74 8.03
C PHE A 11 -4.35 12.99 8.10
N THR A 12 -3.13 12.83 8.61
CA THR A 12 -2.21 13.95 8.73
C THR A 12 -1.02 13.80 7.78
N GLN A 13 -0.84 12.58 7.26
CA GLN A 13 0.24 12.31 6.34
C GLN A 13 -0.24 11.48 5.15
N ASP A 14 -0.38 12.12 4.00
CA ASP A 14 -0.83 11.43 2.80
C ASP A 14 -0.21 10.04 2.69
N LEU A 15 -1.05 9.03 2.51
CA LEU A 15 -0.59 7.66 2.39
C LEU A 15 0.32 7.49 1.17
N LYS A 16 1.42 6.76 1.35
CA LYS A 16 2.37 6.52 0.27
C LYS A 16 2.58 5.03 0.05
N THR A 17 3.44 4.70 -0.91
CA THR A 17 3.73 3.29 -1.21
C THR A 17 5.17 3.13 -1.68
N LYS A 18 5.53 1.91 -2.05
CA LYS A 18 6.88 1.61 -2.52
C LYS A 18 6.84 0.82 -3.82
N GLU A 19 8.00 0.73 -4.49
CA GLU A 19 8.10 0.01 -5.75
C GLU A 19 8.88 -1.29 -5.57
N ALA A 20 8.18 -2.41 -5.66
CA ALA A 20 8.81 -3.72 -5.50
C ALA A 20 8.70 -4.54 -6.79
N SER A 21 9.45 -5.64 -6.85
CA SER A 21 9.43 -6.50 -8.03
C SER A 21 8.37 -7.59 -7.88
N GLU A 22 7.99 -8.18 -9.01
CA GLU A 22 6.98 -9.23 -9.01
C GLU A 22 7.32 -10.32 -8.00
N GLY A 23 6.32 -10.78 -7.27
CA GLY A 23 6.53 -11.82 -6.28
C GLY A 23 7.00 -11.26 -4.94
N ALA A 24 7.24 -9.96 -4.91
CA ALA A 24 7.69 -9.29 -3.69
C ALA A 24 6.52 -8.86 -2.83
N THR A 25 6.81 -8.16 -1.74
CA THR A 25 5.78 -7.67 -0.83
C THR A 25 5.95 -6.19 -0.54
N ALA A 26 5.08 -5.37 -1.13
CA ALA A 26 5.13 -3.93 -0.92
C ALA A 26 4.89 -3.57 0.54
N THR A 27 4.83 -2.27 0.82
CA THR A 27 4.62 -1.79 2.19
C THR A 27 4.24 -0.32 2.19
N LEU A 28 2.99 -0.04 2.52
CA LEU A 28 2.50 1.34 2.56
C LEU A 28 2.38 1.82 4.01
N GLN A 29 2.50 3.14 4.20
CA GLN A 29 2.41 3.72 5.53
C GLN A 29 1.54 4.97 5.51
N CYS A 30 0.70 5.13 6.53
CA CYS A 30 -0.18 6.29 6.63
C CYS A 30 -0.36 6.71 8.07
N GLU A 31 -0.37 8.01 8.31
CA GLU A 31 -0.54 8.55 9.66
C GLU A 31 -1.97 9.02 9.88
N LEU A 32 -2.33 9.21 11.15
CA LEU A 32 -3.68 9.65 11.51
C LEU A 32 -3.63 10.67 12.63
N SER A 33 -4.70 11.45 12.76
CA SER A 33 -4.78 12.47 13.81
C SER A 33 -4.84 11.83 15.19
N LYS A 34 -5.40 10.63 15.25
CA LYS A 34 -5.53 9.91 16.52
C LYS A 34 -5.87 8.44 16.27
N VAL A 35 -5.68 7.62 17.30
CA VAL A 35 -5.96 6.19 17.20
C VAL A 35 -7.41 5.95 16.79
N ALA A 36 -7.60 5.39 15.59
CA ALA A 36 -8.93 5.11 15.08
C ALA A 36 -8.91 3.94 14.09
N PRO A 37 -10.01 3.17 14.05
CA PRO A 37 -10.13 2.02 13.16
C PRO A 37 -10.25 2.44 11.70
N VAL A 38 -9.35 1.91 10.86
CA VAL A 38 -9.35 2.24 9.44
C VAL A 38 -9.72 1.00 8.60
N GLU A 39 -9.73 1.19 7.29
CA GLU A 39 -10.06 0.09 6.38
C GLU A 39 -9.45 0.32 5.00
N TRP A 40 -8.57 -0.58 4.58
CA TRP A 40 -7.92 -0.47 3.29
C TRP A 40 -8.85 -0.92 2.17
N LYS A 41 -8.68 -0.35 0.98
CA LYS A 41 -9.49 -0.70 -0.16
C LYS A 41 -8.67 -0.68 -1.45
N LYS A 42 -9.10 -1.45 -2.44
CA LYS A 42 -8.42 -1.52 -3.71
C LYS A 42 -9.35 -1.17 -4.87
N GLY A 43 -10.50 -0.60 -4.53
CA GLY A 43 -11.47 -0.22 -5.55
C GLY A 43 -12.89 -0.28 -5.04
N PRO A 44 -13.81 -0.74 -5.90
CA PRO A 44 -15.23 -0.86 -5.56
C PRO A 44 -15.49 -1.96 -4.55
N GLU A 45 -14.43 -2.60 -4.09
CA GLU A 45 -14.54 -3.68 -3.11
C GLU A 45 -13.86 -3.31 -1.80
N THR A 46 -14.12 -4.09 -0.76
CA THR A 46 -13.53 -3.84 0.55
C THR A 46 -12.52 -4.92 0.90
N LEU A 47 -11.41 -4.51 1.51
CA LEU A 47 -10.36 -5.44 1.91
C LEU A 47 -10.23 -5.51 3.43
N ARG A 48 -9.65 -6.59 3.93
CA ARG A 48 -9.47 -6.78 5.36
C ARG A 48 -8.26 -7.65 5.65
N ASP A 49 -7.48 -7.27 6.66
CA ASP A 49 -6.29 -8.02 7.04
C ASP A 49 -6.61 -9.50 7.17
N GLY A 50 -6.02 -10.31 6.28
CA GLY A 50 -6.24 -11.75 6.31
C GLY A 50 -5.77 -12.44 5.05
N GLY A 51 -6.43 -12.14 3.93
CA GLY A 51 -6.05 -12.76 2.68
C GLY A 51 -4.65 -12.39 2.24
N ARG A 52 -4.51 -11.93 1.00
CA ARG A 52 -3.21 -11.53 0.48
C ARG A 52 -2.85 -10.11 0.89
N TYR A 53 -3.23 -9.73 2.10
CA TYR A 53 -2.96 -8.40 2.62
C TYR A 53 -2.70 -8.43 4.11
N SER A 54 -1.53 -7.96 4.52
CA SER A 54 -1.16 -7.93 5.93
C SER A 54 -1.17 -6.51 6.47
N LEU A 55 -2.28 -6.13 7.09
CA LEU A 55 -2.42 -4.79 7.66
C LEU A 55 -2.05 -4.78 9.14
N LYS A 56 -1.10 -3.92 9.50
CA LYS A 56 -0.65 -3.81 10.88
C LYS A 56 -0.86 -2.40 11.41
N GLN A 57 -1.63 -2.29 12.49
CA GLN A 57 -1.91 -0.99 13.09
C GLN A 57 -1.01 -0.75 14.30
N ASP A 58 -0.41 0.45 14.36
CA ASP A 58 0.47 0.80 15.46
C ASP A 58 0.09 2.17 16.03
N GLY A 59 -1.06 2.22 16.69
CA GLY A 59 -1.52 3.48 17.28
C GLY A 59 -2.11 4.42 16.25
N THR A 60 -1.39 5.48 15.93
CA THR A 60 -1.85 6.46 14.96
C THR A 60 -1.21 6.23 13.60
N ARG A 61 -0.85 4.99 13.32
CA ARG A 61 -0.21 4.63 12.05
C ARG A 61 -0.64 3.24 11.61
N CYS A 62 -0.57 3.00 10.30
CA CYS A 62 -0.95 1.70 9.74
C CYS A 62 0.03 1.28 8.64
N GLU A 63 0.36 0.00 8.62
CA GLU A 63 1.28 -0.53 7.62
C GLU A 63 0.64 -1.65 6.82
N LEU A 64 0.36 -1.39 5.55
CA LEU A 64 -0.26 -2.37 4.68
C LEU A 64 0.80 -3.18 3.93
N GLN A 65 0.58 -4.49 3.85
CA GLN A 65 1.51 -5.38 3.17
C GLN A 65 0.79 -6.24 2.13
N ILE A 66 1.39 -6.38 0.96
CA ILE A 66 0.81 -7.17 -0.11
C ILE A 66 1.76 -8.26 -0.57
N HIS A 67 1.61 -9.46 -0.01
CA HIS A 67 2.46 -10.59 -0.37
C HIS A 67 2.13 -11.09 -1.77
N ASP A 68 3.11 -11.72 -2.42
CA ASP A 68 2.93 -12.24 -3.77
C ASP A 68 2.52 -11.14 -4.74
N LEU A 69 3.32 -10.09 -4.78
CA LEU A 69 3.05 -8.95 -5.66
C LEU A 69 2.96 -9.41 -7.11
N SER A 70 2.41 -8.55 -7.96
CA SER A 70 2.25 -8.87 -9.38
C SER A 70 2.02 -7.60 -10.20
N VAL A 71 2.27 -7.69 -11.50
CA VAL A 71 2.09 -6.54 -12.39
C VAL A 71 0.63 -6.10 -12.41
N ALA A 72 -0.28 -7.05 -12.24
CA ALA A 72 -1.71 -6.76 -12.23
C ALA A 72 -2.13 -6.11 -10.91
N ASP A 73 -1.38 -6.41 -9.85
CA ASP A 73 -1.68 -5.86 -8.54
C ASP A 73 -1.33 -4.37 -8.48
N ALA A 74 -0.48 -3.94 -9.39
CA ALA A 74 -0.06 -2.54 -9.44
C ALA A 74 -1.22 -1.63 -9.81
N GLY A 75 -1.78 -0.96 -8.80
CA GLY A 75 -2.90 -0.08 -9.03
C GLY A 75 -2.93 1.10 -8.06
N GLU A 76 -4.10 1.36 -7.49
CA GLU A 76 -4.25 2.45 -6.54
C GLU A 76 -5.01 2.00 -5.30
N TYR A 77 -4.32 1.96 -4.16
CA TYR A 77 -4.93 1.53 -2.91
C TYR A 77 -5.32 2.74 -2.07
N SER A 78 -6.60 2.82 -1.71
CA SER A 78 -7.10 3.92 -0.90
C SER A 78 -7.43 3.45 0.51
N CYS A 79 -7.19 4.32 1.49
CA CYS A 79 -7.46 3.99 2.88
C CYS A 79 -8.47 4.97 3.48
N MET A 80 -9.64 4.45 3.84
CA MET A 80 -10.70 5.27 4.42
C MET A 80 -10.67 5.19 5.95
N CYS A 81 -10.65 6.36 6.59
CA CYS A 81 -10.62 6.42 8.04
C CYS A 81 -11.65 7.41 8.57
N GLY A 82 -12.81 6.90 8.97
CA GLY A 82 -13.86 7.76 9.48
C GLY A 82 -14.49 8.61 8.40
N GLN A 83 -13.87 9.75 8.11
CA GLN A 83 -14.38 10.67 7.11
C GLN A 83 -13.32 10.93 6.03
N GLU A 84 -12.09 11.16 6.48
CA GLU A 84 -10.99 11.43 5.55
C GLU A 84 -10.56 10.16 4.84
N ARG A 85 -9.77 10.32 3.77
CA ARG A 85 -9.29 9.18 3.00
C ARG A 85 -8.03 9.55 2.21
N THR A 86 -7.21 8.55 1.92
CA THR A 86 -5.98 8.77 1.17
C THR A 86 -5.78 7.68 0.12
N SER A 87 -4.94 7.98 -0.87
CA SER A 87 -4.66 7.03 -1.94
C SER A 87 -3.17 7.00 -2.27
N ALA A 88 -2.70 5.86 -2.75
CA ALA A 88 -1.29 5.70 -3.10
C ALA A 88 -1.12 4.68 -4.22
N THR A 89 -0.58 5.12 -5.35
CA THR A 89 -0.36 4.25 -6.49
C THR A 89 0.85 3.34 -6.27
N LEU A 90 0.60 2.05 -6.14
CA LEU A 90 1.67 1.08 -5.93
C LEU A 90 2.42 0.79 -7.22
N THR A 91 3.74 0.70 -7.14
CA THR A 91 4.56 0.43 -8.31
C THR A 91 5.10 -1.00 -8.29
N VAL A 92 4.98 -1.69 -9.41
CA VAL A 92 5.44 -3.07 -9.52
C VAL A 92 6.36 -3.25 -10.73
N ARG A 93 7.63 -3.53 -10.46
CA ARG A 93 8.60 -3.74 -11.53
C ARG A 93 8.56 -5.16 -12.06
N ALA A 94 8.05 -5.32 -13.28
CA ALA A 94 7.96 -6.64 -13.89
C ALA A 94 9.33 -7.29 -14.03
N LEU A 95 9.40 -8.59 -13.73
CA LEU A 95 10.66 -9.32 -13.82
C LEU A 95 11.35 -9.08 -15.16
N PRO A 96 12.68 -9.14 -15.15
CA PRO A 96 13.49 -8.93 -16.36
C PRO A 96 13.33 -10.06 -17.37
N ALA A 97 12.98 -9.71 -18.60
CA ALA A 97 12.80 -10.70 -19.66
C ALA A 97 14.13 -11.00 -20.36
N ARG A 98 14.98 -9.99 -20.44
CA ARG A 98 16.28 -10.14 -21.09
C ARG A 98 17.40 -9.61 -20.21
N PHE A 99 18.63 -9.66 -20.72
CA PHE A 99 19.78 -9.17 -19.97
C PHE A 99 20.43 -7.99 -20.69
N THR A 100 20.87 -7.01 -19.90
CA THR A 100 21.51 -5.82 -20.45
C THR A 100 22.89 -5.60 -19.85
N GLU A 101 23.75 -4.90 -20.59
CA GLU A 101 25.10 -4.63 -20.12
C GLU A 101 25.33 -3.12 -19.98
N GLY A 102 25.32 -2.63 -18.74
CA GLY A 102 25.53 -1.23 -18.50
C GLY A 102 27.00 -0.86 -18.38
N SER A 103 27.77 -1.14 -19.43
CA SER A 103 29.19 -0.86 -19.43
C SER A 103 29.45 0.57 -18.95
N GLY A 104 30.48 0.74 -18.12
CA GLY A 104 30.82 2.05 -17.61
C GLY A 104 31.31 2.00 -16.17
N PRO A 105 32.23 2.91 -15.83
CA PRO A 105 32.80 2.99 -14.48
C PRO A 105 31.80 3.48 -13.45
N SER A 106 31.54 2.66 -12.43
CA SER A 106 30.59 3.01 -11.38
C SER A 106 30.85 4.42 -10.86
N SER A 107 32.06 4.65 -10.36
CA SER A 107 32.43 5.95 -9.83
C SER A 107 33.94 6.06 -9.66
N GLY A 108 34.56 6.96 -10.43
CA GLY A 108 35.99 7.15 -10.34
C GLY A 108 36.59 7.57 -11.66
N GLY A 1 -17.41 32.07 22.94
CA GLY A 1 -18.18 30.92 22.47
C GLY A 1 -17.48 30.20 21.33
N SER A 2 -16.53 29.34 21.67
CA SER A 2 -15.79 28.58 20.68
C SER A 2 -16.30 27.15 20.60
N SER A 3 -16.81 26.77 19.42
CA SER A 3 -17.33 25.42 19.21
C SER A 3 -16.31 24.55 18.48
N GLY A 4 -15.69 23.63 19.22
CA GLY A 4 -14.71 22.74 18.61
C GLY A 4 -14.92 21.30 19.00
N SER A 5 -15.89 20.66 18.37
CA SER A 5 -16.20 19.26 18.67
C SER A 5 -15.97 18.39 17.43
N SER A 6 -14.79 17.78 17.36
CA SER A 6 -14.44 16.92 16.24
C SER A 6 -15.12 15.55 16.36
N GLY A 7 -14.99 14.74 15.33
CA GLY A 7 -15.59 13.42 15.34
C GLY A 7 -14.64 12.34 14.85
N PRO A 8 -14.75 11.99 13.55
CA PRO A 8 -13.91 10.97 12.93
C PRO A 8 -12.46 11.42 12.79
N ALA A 9 -11.54 10.47 12.91
CA ALA A 9 -10.12 10.78 12.78
C ALA A 9 -9.77 11.19 11.36
N ARG A 10 -8.91 12.20 11.23
CA ARG A 10 -8.49 12.70 9.93
C ARG A 10 -7.02 12.40 9.67
N PHE A 11 -6.67 12.17 8.42
CA PHE A 11 -5.29 11.87 8.05
C PHE A 11 -4.40 13.11 8.18
N THR A 12 -3.18 12.92 8.64
CA THR A 12 -2.24 14.02 8.83
C THR A 12 -1.05 13.88 7.89
N GLN A 13 -0.71 12.64 7.52
CA GLN A 13 0.41 12.39 6.63
C GLN A 13 -0.03 11.55 5.44
N ASP A 14 -0.07 12.16 4.27
CA ASP A 14 -0.48 11.46 3.05
C ASP A 14 0.04 10.02 3.05
N LEU A 15 -0.73 9.13 2.45
CA LEU A 15 -0.35 7.73 2.38
C LEU A 15 0.97 7.56 1.63
N LYS A 16 1.79 6.61 2.09
CA LYS A 16 3.08 6.35 1.48
C LYS A 16 3.14 4.93 0.92
N THR A 17 3.86 4.76 -0.18
CA THR A 17 3.99 3.46 -0.82
C THR A 17 5.41 3.24 -1.33
N LYS A 18 5.67 2.04 -1.87
CA LYS A 18 6.98 1.71 -2.39
C LYS A 18 6.86 0.87 -3.67
N GLU A 19 7.98 0.68 -4.35
CA GLU A 19 8.00 -0.09 -5.58
C GLU A 19 8.74 -1.41 -5.39
N ALA A 20 8.11 -2.50 -5.83
CA ALA A 20 8.71 -3.83 -5.70
C ALA A 20 8.53 -4.63 -6.98
N SER A 21 9.24 -5.76 -7.07
CA SER A 21 9.16 -6.62 -8.24
C SER A 21 8.06 -7.67 -8.07
N GLU A 22 7.73 -8.35 -9.16
CA GLU A 22 6.70 -9.39 -9.13
C GLU A 22 7.06 -10.49 -8.14
N GLY A 23 6.20 -10.68 -7.14
CA GLY A 23 6.46 -11.70 -6.13
C GLY A 23 6.93 -11.11 -4.82
N ALA A 24 7.49 -9.91 -4.87
CA ALA A 24 7.98 -9.24 -3.67
C ALA A 24 6.84 -8.80 -2.78
N THR A 25 7.17 -8.11 -1.68
CA THR A 25 6.16 -7.62 -0.75
C THR A 25 6.21 -6.11 -0.63
N ALA A 26 5.05 -5.47 -0.80
CA ALA A 26 4.95 -4.02 -0.71
C ALA A 26 4.84 -3.57 0.75
N THR A 27 4.84 -2.26 0.95
CA THR A 27 4.73 -1.70 2.30
C THR A 27 4.21 -0.27 2.25
N LEU A 28 2.97 -0.07 2.68
CA LEU A 28 2.35 1.25 2.69
C LEU A 28 2.18 1.76 4.12
N GLN A 29 2.79 2.89 4.41
CA GLN A 29 2.69 3.48 5.75
C GLN A 29 1.91 4.79 5.71
N CYS A 30 1.03 4.98 6.68
CA CYS A 30 0.23 6.19 6.76
C CYS A 30 0.09 6.66 8.21
N GLU A 31 -0.53 7.83 8.39
CA GLU A 31 -0.71 8.40 9.72
C GLU A 31 -2.15 8.88 9.90
N LEU A 32 -2.52 9.15 11.16
CA LEU A 32 -3.86 9.62 11.47
C LEU A 32 -3.84 10.60 12.64
N SER A 33 -4.83 11.48 12.69
CA SER A 33 -4.92 12.47 13.75
C SER A 33 -5.01 11.80 15.11
N LYS A 34 -5.53 10.58 15.14
CA LYS A 34 -5.67 9.83 16.38
C LYS A 34 -6.01 8.37 16.09
N VAL A 35 -5.68 7.49 17.03
CA VAL A 35 -5.95 6.07 16.89
C VAL A 35 -7.41 5.83 16.49
N ALA A 36 -7.62 5.40 15.25
CA ALA A 36 -8.96 5.12 14.76
C ALA A 36 -8.95 3.99 13.75
N PRO A 37 -10.08 3.25 13.69
CA PRO A 37 -10.22 2.11 12.77
C PRO A 37 -10.30 2.56 11.31
N VAL A 38 -9.65 1.81 10.43
CA VAL A 38 -9.66 2.12 9.01
C VAL A 38 -9.83 0.87 8.16
N GLU A 39 -10.02 1.05 6.87
CA GLU A 39 -10.19 -0.07 5.94
C GLU A 39 -9.57 0.23 4.59
N TRP A 40 -8.56 -0.55 4.22
CA TRP A 40 -7.87 -0.37 2.95
C TRP A 40 -8.74 -0.87 1.79
N LYS A 41 -8.61 -0.20 0.64
CA LYS A 41 -9.38 -0.57 -0.54
C LYS A 41 -8.54 -0.39 -1.81
N LYS A 42 -8.85 -1.18 -2.83
CA LYS A 42 -8.14 -1.11 -4.10
C LYS A 42 -9.09 -0.78 -5.25
N GLY A 43 -10.23 -0.20 -4.91
CA GLY A 43 -11.22 0.14 -5.92
C GLY A 43 -12.64 -0.07 -5.44
N PRO A 44 -13.52 -0.51 -6.37
CA PRO A 44 -14.93 -0.75 -6.06
C PRO A 44 -15.12 -1.96 -5.16
N GLU A 45 -14.01 -2.57 -4.74
CA GLU A 45 -14.06 -3.74 -3.88
C GLU A 45 -13.39 -3.45 -2.53
N THR A 46 -13.60 -4.36 -1.57
CA THR A 46 -13.02 -4.21 -0.25
C THR A 46 -12.01 -5.31 0.04
N LEU A 47 -10.98 -4.98 0.82
CA LEU A 47 -9.95 -5.94 1.17
C LEU A 47 -9.97 -6.25 2.66
N ARG A 48 -9.04 -7.08 3.11
CA ARG A 48 -8.96 -7.46 4.52
C ARG A 48 -7.63 -8.14 4.82
N ASP A 49 -7.23 -8.12 6.08
CA ASP A 49 -5.98 -8.74 6.50
C ASP A 49 -6.01 -10.25 6.25
N GLY A 50 -4.83 -10.86 6.17
CA GLY A 50 -4.74 -12.29 5.94
C GLY A 50 -4.33 -12.61 4.52
N GLY A 51 -3.77 -13.80 4.32
CA GLY A 51 -3.33 -14.20 2.99
C GLY A 51 -2.22 -13.33 2.45
N ARG A 52 -2.41 -12.81 1.25
CA ARG A 52 -1.42 -11.95 0.62
C ARG A 52 -1.64 -10.49 1.00
N TYR A 53 -2.05 -10.27 2.24
CA TYR A 53 -2.30 -8.92 2.73
C TYR A 53 -2.18 -8.86 4.26
N SER A 54 -1.19 -8.12 4.74
CA SER A 54 -0.97 -7.98 6.17
C SER A 54 -1.01 -6.51 6.60
N LEU A 55 -1.97 -6.19 7.45
CA LEU A 55 -2.12 -4.82 7.94
C LEU A 55 -1.91 -4.75 9.45
N LYS A 56 -0.99 -3.91 9.88
CA LYS A 56 -0.71 -3.74 11.30
C LYS A 56 -1.02 -2.32 11.76
N GLN A 57 -1.85 -2.20 12.79
CA GLN A 57 -2.22 -0.90 13.33
C GLN A 57 -1.35 -0.53 14.52
N ASP A 58 -0.45 0.43 14.31
CA ASP A 58 0.44 0.89 15.37
C ASP A 58 0.00 2.24 15.92
N GLY A 59 -0.98 2.21 16.82
CA GLY A 59 -1.49 3.44 17.40
C GLY A 59 -2.13 4.35 16.37
N THR A 60 -1.38 5.32 15.87
CA THR A 60 -1.89 6.26 14.88
C THR A 60 -1.22 6.04 13.52
N ARG A 61 -0.78 4.82 13.28
CA ARG A 61 -0.13 4.49 12.02
C ARG A 61 -0.54 3.10 11.54
N CYS A 62 -0.53 2.90 10.23
CA CYS A 62 -0.90 1.62 9.64
C CYS A 62 0.13 1.17 8.61
N GLU A 63 0.46 -0.11 8.64
CA GLU A 63 1.44 -0.67 7.71
C GLU A 63 0.85 -1.86 6.95
N LEU A 64 0.58 -1.65 5.67
CA LEU A 64 0.01 -2.69 4.82
C LEU A 64 1.10 -3.38 4.00
N GLN A 65 1.09 -4.71 4.00
CA GLN A 65 2.08 -5.48 3.26
C GLN A 65 1.40 -6.39 2.25
N ILE A 66 1.73 -6.21 0.97
CA ILE A 66 1.15 -7.01 -0.09
C ILE A 66 2.08 -8.15 -0.49
N HIS A 67 1.93 -9.30 0.18
CA HIS A 67 2.76 -10.47 -0.10
C HIS A 67 2.40 -11.07 -1.45
N ASP A 68 3.42 -11.45 -2.21
CA ASP A 68 3.23 -12.04 -3.53
C ASP A 68 2.77 -10.99 -4.54
N LEU A 69 3.46 -9.85 -4.54
CA LEU A 69 3.13 -8.75 -5.45
C LEU A 69 2.95 -9.27 -6.87
N SER A 70 2.34 -8.45 -7.72
CA SER A 70 2.11 -8.82 -9.12
C SER A 70 1.81 -7.58 -9.96
N VAL A 71 2.26 -7.61 -11.21
CA VAL A 71 2.03 -6.50 -12.13
C VAL A 71 0.56 -6.09 -12.15
N ALA A 72 -0.31 -7.02 -11.75
CA ALA A 72 -1.74 -6.75 -11.73
C ALA A 72 -2.13 -5.94 -10.49
N ASP A 73 -1.51 -6.27 -9.35
CA ASP A 73 -1.79 -5.57 -8.11
C ASP A 73 -1.43 -4.09 -8.23
N ALA A 74 -0.44 -3.79 -9.05
CA ALA A 74 -0.01 -2.41 -9.27
C ALA A 74 -1.18 -1.53 -9.68
N GLY A 75 -1.69 -0.74 -8.74
CA GLY A 75 -2.81 0.14 -9.03
C GLY A 75 -2.88 1.32 -8.08
N GLU A 76 -3.99 1.46 -7.38
CA GLU A 76 -4.17 2.56 -6.44
C GLU A 76 -4.88 2.08 -5.18
N TYR A 77 -4.15 2.10 -4.06
CA TYR A 77 -4.69 1.67 -2.79
C TYR A 77 -5.18 2.86 -1.97
N SER A 78 -6.48 2.88 -1.67
CA SER A 78 -7.07 3.97 -0.90
C SER A 78 -7.36 3.52 0.52
N CYS A 79 -7.22 4.44 1.47
CA CYS A 79 -7.48 4.14 2.87
C CYS A 79 -8.56 5.05 3.44
N MET A 80 -9.68 4.45 3.82
CA MET A 80 -10.79 5.21 4.38
C MET A 80 -10.75 5.21 5.91
N CYS A 81 -10.77 6.40 6.50
CA CYS A 81 -10.73 6.54 7.95
C CYS A 81 -11.81 7.49 8.44
N GLY A 82 -12.94 6.93 8.87
CA GLY A 82 -14.03 7.75 9.36
C GLY A 82 -14.70 8.55 8.25
N GLN A 83 -14.17 9.74 7.98
CA GLN A 83 -14.72 10.60 6.95
C GLN A 83 -13.66 10.91 5.88
N GLU A 84 -12.42 11.10 6.33
CA GLU A 84 -11.33 11.40 5.41
C GLU A 84 -10.96 10.18 4.58
N ARG A 85 -10.04 10.37 3.63
CA ARG A 85 -9.61 9.28 2.76
C ARG A 85 -8.32 9.66 2.03
N THR A 86 -7.48 8.66 1.78
CA THR A 86 -6.21 8.89 1.09
C THR A 86 -5.98 7.82 0.02
N SER A 87 -5.05 8.11 -0.89
CA SER A 87 -4.73 7.17 -1.96
C SER A 87 -3.24 7.23 -2.31
N ALA A 88 -2.66 6.06 -2.58
CA ALA A 88 -1.24 5.98 -2.92
C ALA A 88 -1.01 4.95 -4.02
N THR A 89 -0.65 5.44 -5.21
CA THR A 89 -0.39 4.57 -6.34
C THR A 89 0.87 3.74 -6.13
N LEU A 90 0.73 2.42 -6.24
CA LEU A 90 1.85 1.52 -6.06
C LEU A 90 2.50 1.18 -7.40
N THR A 91 3.81 0.92 -7.37
CA THR A 91 4.54 0.59 -8.58
C THR A 91 5.12 -0.82 -8.50
N VAL A 92 4.75 -1.67 -9.46
CA VAL A 92 5.23 -3.04 -9.49
C VAL A 92 6.04 -3.30 -10.76
N ARG A 93 7.25 -3.83 -10.56
CA ARG A 93 8.14 -4.12 -11.69
C ARG A 93 7.97 -5.57 -12.14
N ALA A 94 7.97 -5.78 -13.45
CA ALA A 94 7.82 -7.11 -14.01
C ALA A 94 9.16 -7.86 -14.04
N LEU A 95 9.11 -9.14 -13.75
CA LEU A 95 10.32 -9.96 -13.74
C LEU A 95 11.10 -9.79 -15.03
N PRO A 96 12.42 -10.05 -14.96
CA PRO A 96 13.31 -9.92 -16.13
C PRO A 96 13.06 -11.02 -17.16
N ALA A 97 12.57 -10.62 -18.33
CA ALA A 97 12.30 -11.56 -19.41
C ALA A 97 13.59 -12.15 -19.97
N ARG A 98 13.46 -13.23 -20.72
CA ARG A 98 14.62 -13.89 -21.33
C ARG A 98 14.84 -13.39 -22.75
N PHE A 99 16.10 -13.26 -23.14
CA PHE A 99 16.45 -12.80 -24.48
C PHE A 99 17.44 -13.75 -25.14
N THR A 100 17.14 -14.12 -26.39
CA THR A 100 18.00 -15.03 -27.14
C THR A 100 18.55 -14.36 -28.39
N GLU A 101 19.75 -14.77 -28.80
CA GLU A 101 20.38 -14.20 -29.99
C GLU A 101 21.15 -15.27 -30.75
N GLY A 102 20.87 -15.39 -32.05
CA GLY A 102 21.55 -16.39 -32.87
C GLY A 102 20.60 -17.37 -33.50
N SER A 103 20.94 -17.85 -34.68
CA SER A 103 20.11 -18.82 -35.39
C SER A 103 20.78 -20.18 -35.47
N GLY A 104 22.01 -20.20 -36.00
CA GLY A 104 22.74 -21.44 -36.12
C GLY A 104 24.16 -21.23 -36.64
N PRO A 105 24.99 -20.58 -35.82
CA PRO A 105 26.39 -20.30 -36.17
C PRO A 105 27.24 -21.56 -36.21
N SER A 106 28.34 -21.51 -36.96
CA SER A 106 29.24 -22.64 -37.08
C SER A 106 30.65 -22.28 -36.63
N SER A 107 31.25 -23.12 -35.81
CA SER A 107 32.60 -22.88 -35.30
C SER A 107 33.45 -24.14 -35.42
N GLY A 108 34.76 -23.97 -35.30
CA GLY A 108 35.67 -25.09 -35.41
C GLY A 108 35.69 -25.69 -36.80
N GLY A 1 -13.98 33.83 11.73
CA GLY A 1 -14.63 33.39 12.96
C GLY A 1 -14.17 32.02 13.40
N SER A 2 -14.27 31.75 14.70
CA SER A 2 -13.86 30.47 15.25
C SER A 2 -14.56 29.32 14.52
N SER A 3 -13.77 28.53 13.78
CA SER A 3 -14.33 27.40 13.03
C SER A 3 -13.67 26.10 13.47
N GLY A 4 -14.49 25.16 13.95
CA GLY A 4 -13.98 23.88 14.39
C GLY A 4 -15.02 23.08 15.15
N SER A 5 -14.89 21.75 15.09
CA SER A 5 -15.82 20.87 15.77
C SER A 5 -15.25 19.46 15.89
N SER A 6 -15.23 18.94 17.12
CA SER A 6 -14.71 17.60 17.37
C SER A 6 -15.37 16.57 16.45
N GLY A 7 -14.64 16.15 15.42
CA GLY A 7 -15.16 15.17 14.49
C GLY A 7 -14.34 13.92 14.44
N PRO A 8 -14.44 13.16 13.33
CA PRO A 8 -13.71 11.91 13.14
C PRO A 8 -12.22 12.15 12.95
N ALA A 9 -11.44 11.08 13.01
CA ALA A 9 -10.00 11.16 12.84
C ALA A 9 -9.63 11.45 11.39
N ARG A 10 -8.75 12.44 11.20
CA ARG A 10 -8.32 12.82 9.86
C ARG A 10 -6.87 12.44 9.62
N PHE A 11 -6.48 12.37 8.36
CA PHE A 11 -5.11 12.00 7.99
C PHE A 11 -4.16 13.18 8.19
N THR A 12 -2.96 12.90 8.67
CA THR A 12 -1.97 13.94 8.90
C THR A 12 -0.77 13.78 7.98
N GLN A 13 -0.57 12.55 7.49
CA GLN A 13 0.55 12.27 6.59
C GLN A 13 0.08 11.41 5.42
N ASP A 14 0.01 12.02 4.24
CA ASP A 14 -0.42 11.32 3.04
C ASP A 14 0.09 9.88 3.04
N LEU A 15 -0.62 9.00 2.33
CA LEU A 15 -0.25 7.60 2.26
C LEU A 15 1.15 7.43 1.67
N LYS A 16 1.81 6.34 2.03
CA LYS A 16 3.16 6.07 1.54
C LYS A 16 3.21 4.73 0.80
N THR A 17 4.16 4.60 -0.11
CA THR A 17 4.32 3.38 -0.88
C THR A 17 5.62 3.38 -1.67
N LYS A 18 5.91 2.27 -2.33
CA LYS A 18 7.13 2.13 -3.12
C LYS A 18 6.90 1.21 -4.31
N GLU A 19 7.96 1.01 -5.11
CA GLU A 19 7.88 0.15 -6.29
C GLU A 19 8.76 -1.07 -6.12
N ALA A 20 8.12 -2.24 -5.96
CA ALA A 20 8.85 -3.49 -5.79
C ALA A 20 8.73 -4.36 -7.03
N SER A 21 9.53 -5.42 -7.09
CA SER A 21 9.51 -6.34 -8.22
C SER A 21 8.46 -7.42 -8.02
N GLU A 22 8.19 -8.18 -9.08
CA GLU A 22 7.20 -9.25 -9.01
C GLU A 22 7.60 -10.30 -7.99
N GLY A 23 6.69 -10.61 -7.07
CA GLY A 23 6.96 -11.59 -6.05
C GLY A 23 7.44 -10.97 -4.75
N ALA A 24 7.92 -9.73 -4.83
CA ALA A 24 8.41 -9.02 -3.66
C ALA A 24 7.27 -8.68 -2.70
N THR A 25 7.59 -7.94 -1.65
CA THR A 25 6.59 -7.55 -0.66
C THR A 25 6.59 -6.04 -0.45
N ALA A 26 5.46 -5.41 -0.73
CA ALA A 26 5.32 -3.97 -0.55
C ALA A 26 5.05 -3.61 0.90
N THR A 27 4.83 -2.33 1.15
CA THR A 27 4.57 -1.85 2.51
C THR A 27 4.06 -0.40 2.49
N LEU A 28 2.76 -0.23 2.71
CA LEU A 28 2.16 1.10 2.73
C LEU A 28 2.00 1.60 4.15
N GLN A 29 2.63 2.74 4.45
CA GLN A 29 2.55 3.33 5.78
C GLN A 29 1.78 4.65 5.75
N CYS A 30 0.81 4.79 6.65
CA CYS A 30 0.02 6.00 6.72
C CYS A 30 -0.16 6.45 8.16
N GLU A 31 -0.42 7.74 8.34
CA GLU A 31 -0.62 8.31 9.68
C GLU A 31 -2.01 8.89 9.83
N LEU A 32 -2.43 9.09 11.08
CA LEU A 32 -3.74 9.63 11.36
C LEU A 32 -3.68 10.64 12.51
N SER A 33 -4.73 11.45 12.65
CA SER A 33 -4.79 12.45 13.70
C SER A 33 -5.11 11.82 15.05
N LYS A 34 -5.78 10.67 15.01
CA LYS A 34 -6.15 9.95 16.22
C LYS A 34 -6.16 8.45 15.99
N VAL A 35 -6.51 7.69 17.02
CA VAL A 35 -6.55 6.24 16.93
C VAL A 35 -7.95 5.75 16.57
N ALA A 36 -8.16 5.48 15.29
CA ALA A 36 -9.47 5.00 14.82
C ALA A 36 -9.30 3.85 13.84
N PRO A 37 -10.27 2.92 13.86
CA PRO A 37 -10.26 1.74 12.98
C PRO A 37 -10.49 2.11 11.52
N VAL A 38 -9.47 1.89 10.69
CA VAL A 38 -9.57 2.20 9.27
C VAL A 38 -9.69 0.92 8.44
N GLU A 39 -9.86 1.08 7.13
CA GLU A 39 -9.99 -0.05 6.23
C GLU A 39 -9.37 0.26 4.87
N TRP A 40 -8.55 -0.67 4.37
CA TRP A 40 -7.90 -0.48 3.07
C TRP A 40 -8.79 -1.00 1.94
N LYS A 41 -8.72 -0.32 0.81
CA LYS A 41 -9.52 -0.72 -0.36
C LYS A 41 -8.66 -0.72 -1.62
N LYS A 42 -8.95 -1.66 -2.52
CA LYS A 42 -8.21 -1.77 -3.78
C LYS A 42 -9.09 -1.39 -4.96
N GLY A 43 -10.16 -0.65 -4.68
CA GLY A 43 -11.07 -0.23 -5.74
C GLY A 43 -12.52 -0.23 -5.29
N PRO A 44 -13.43 -0.62 -6.21
CA PRO A 44 -14.86 -0.67 -5.93
C PRO A 44 -15.22 -1.79 -4.96
N GLU A 45 -14.21 -2.49 -4.46
CA GLU A 45 -14.42 -3.59 -3.52
C GLU A 45 -13.73 -3.31 -2.19
N THR A 46 -13.95 -4.18 -1.22
CA THR A 46 -13.35 -4.03 0.10
C THR A 46 -12.33 -5.13 0.37
N LEU A 47 -11.21 -4.75 0.96
CA LEU A 47 -10.15 -5.70 1.29
C LEU A 47 -10.21 -6.11 2.75
N ARG A 48 -9.37 -7.07 3.13
CA ARG A 48 -9.34 -7.55 4.51
C ARG A 48 -7.93 -8.05 4.86
N ASP A 49 -7.68 -8.22 6.16
CA ASP A 49 -6.39 -8.69 6.64
C ASP A 49 -6.41 -10.20 6.86
N GLY A 50 -5.28 -10.85 6.61
CA GLY A 50 -5.19 -12.28 6.79
C GLY A 50 -4.56 -12.97 5.60
N GLY A 51 -5.27 -12.99 4.48
CA GLY A 51 -4.76 -13.63 3.28
C GLY A 51 -3.46 -13.01 2.80
N ARG A 52 -3.42 -12.63 1.52
CA ARG A 52 -2.23 -12.04 0.94
C ARG A 52 -2.17 -10.54 1.25
N TYR A 53 -2.46 -10.19 2.50
CA TYR A 53 -2.45 -8.80 2.93
C TYR A 53 -2.28 -8.69 4.44
N SER A 54 -1.11 -8.24 4.87
CA SER A 54 -0.82 -8.11 6.30
C SER A 54 -0.94 -6.64 6.73
N LEU A 55 -1.99 -6.34 7.48
CA LEU A 55 -2.23 -4.98 7.96
C LEU A 55 -2.02 -4.90 9.47
N LYS A 56 -1.29 -3.88 9.91
CA LYS A 56 -1.02 -3.68 11.32
C LYS A 56 -1.25 -2.24 11.73
N GLN A 57 -2.00 -2.04 12.81
CA GLN A 57 -2.31 -0.69 13.29
C GLN A 57 -1.44 -0.35 14.51
N ASP A 58 -0.48 0.55 14.31
CA ASP A 58 0.41 0.96 15.38
C ASP A 58 -0.06 2.27 16.01
N GLY A 59 -1.15 2.19 16.77
CA GLY A 59 -1.69 3.38 17.42
C GLY A 59 -2.33 4.34 16.42
N THR A 60 -1.56 5.28 15.92
CA THR A 60 -2.06 6.26 14.96
C THR A 60 -1.43 6.07 13.59
N ARG A 61 -1.09 4.83 13.26
CA ARG A 61 -0.47 4.52 11.98
C ARG A 61 -0.82 3.10 11.54
N CYS A 62 -0.80 2.87 10.23
CA CYS A 62 -1.12 1.56 9.68
C CYS A 62 -0.06 1.13 8.67
N GLU A 63 0.21 -0.18 8.63
CA GLU A 63 1.20 -0.72 7.70
C GLU A 63 0.63 -1.90 6.92
N LEU A 64 0.39 -1.68 5.64
CA LEU A 64 -0.17 -2.72 4.77
C LEU A 64 0.93 -3.37 3.94
N GLN A 65 1.09 -4.68 4.08
CA GLN A 65 2.10 -5.42 3.33
C GLN A 65 1.46 -6.32 2.28
N ILE A 66 1.95 -6.23 1.05
CA ILE A 66 1.43 -7.04 -0.04
C ILE A 66 2.43 -8.11 -0.47
N HIS A 67 2.33 -9.28 0.15
CA HIS A 67 3.22 -10.39 -0.17
C HIS A 67 2.94 -10.93 -1.57
N ASP A 68 3.99 -11.38 -2.25
CA ASP A 68 3.86 -11.93 -3.59
C ASP A 68 3.34 -10.86 -4.57
N LEU A 69 4.02 -9.73 -4.60
CA LEU A 69 3.63 -8.63 -5.48
C LEU A 69 3.47 -9.12 -6.91
N SER A 70 2.72 -8.35 -7.71
CA SER A 70 2.50 -8.72 -9.11
C SER A 70 2.08 -7.49 -9.91
N VAL A 71 2.22 -7.57 -11.23
CA VAL A 71 1.84 -6.48 -12.11
C VAL A 71 0.35 -6.19 -12.04
N ALA A 72 -0.43 -7.21 -11.69
CA ALA A 72 -1.87 -7.07 -11.57
C ALA A 72 -2.25 -6.33 -10.29
N ASP A 73 -1.36 -6.37 -9.32
CA ASP A 73 -1.60 -5.70 -8.04
C ASP A 73 -1.28 -4.21 -8.13
N ALA A 74 -0.34 -3.87 -9.00
CA ALA A 74 0.06 -2.48 -9.20
C ALA A 74 -1.13 -1.62 -9.64
N GLY A 75 -1.70 -0.88 -8.71
CA GLY A 75 -2.83 -0.03 -9.03
C GLY A 75 -2.92 1.19 -8.13
N GLU A 76 -4.04 1.33 -7.44
CA GLU A 76 -4.25 2.46 -6.54
C GLU A 76 -4.95 2.03 -5.26
N TYR A 77 -4.24 2.10 -4.16
CA TYR A 77 -4.78 1.71 -2.86
C TYR A 77 -5.23 2.93 -2.07
N SER A 78 -6.47 2.90 -1.59
CA SER A 78 -7.01 4.01 -0.81
C SER A 78 -7.37 3.56 0.60
N CYS A 79 -7.24 4.47 1.56
CA CYS A 79 -7.56 4.17 2.95
C CYS A 79 -8.55 5.18 3.52
N MET A 80 -9.75 4.69 3.84
CA MET A 80 -10.79 5.55 4.39
C MET A 80 -10.81 5.48 5.91
N CYS A 81 -10.70 6.63 6.55
CA CYS A 81 -10.70 6.70 8.01
C CYS A 81 -11.69 7.75 8.51
N GLY A 82 -12.89 7.31 8.87
CA GLY A 82 -13.90 8.22 9.36
C GLY A 82 -14.55 9.01 8.24
N GLN A 83 -13.96 10.15 7.89
CA GLN A 83 -14.48 11.00 6.83
C GLN A 83 -13.42 11.28 5.77
N GLU A 84 -12.16 11.28 6.20
CA GLU A 84 -11.05 11.54 5.28
C GLU A 84 -10.60 10.25 4.61
N ARG A 85 -9.80 10.40 3.55
CA ARG A 85 -9.31 9.24 2.81
C ARG A 85 -8.06 9.62 2.01
N THR A 86 -7.11 8.68 1.92
CA THR A 86 -5.88 8.91 1.18
C THR A 86 -5.62 7.77 0.19
N SER A 87 -4.92 8.10 -0.89
CA SER A 87 -4.60 7.12 -1.92
C SER A 87 -3.10 7.04 -2.16
N ALA A 88 -2.62 5.86 -2.51
CA ALA A 88 -1.20 5.65 -2.76
C ALA A 88 -0.99 4.70 -3.94
N THR A 89 -0.60 5.27 -5.09
CA THR A 89 -0.36 4.47 -6.28
C THR A 89 0.89 3.61 -6.13
N LEU A 90 0.70 2.30 -6.11
CA LEU A 90 1.81 1.36 -5.98
C LEU A 90 2.31 0.91 -7.34
N THR A 91 3.63 0.78 -7.47
CA THR A 91 4.24 0.35 -8.73
C THR A 91 4.86 -1.03 -8.59
N VAL A 92 4.75 -1.83 -9.65
CA VAL A 92 5.29 -3.18 -9.65
C VAL A 92 6.16 -3.43 -10.89
N ARG A 93 7.43 -3.72 -10.67
CA ARG A 93 8.35 -3.98 -11.77
C ARG A 93 8.28 -5.44 -12.21
N ALA A 94 7.92 -5.64 -13.48
CA ALA A 94 7.82 -6.99 -14.02
C ALA A 94 9.20 -7.57 -14.32
N LEU A 95 9.44 -8.78 -13.83
CA LEU A 95 10.72 -9.45 -14.04
C LEU A 95 11.26 -9.16 -15.44
N PRO A 96 12.60 -9.21 -15.58
CA PRO A 96 13.27 -8.96 -16.85
C PRO A 96 13.01 -10.07 -17.87
N ALA A 97 12.70 -9.68 -19.10
CA ALA A 97 12.44 -10.65 -20.16
C ALA A 97 13.68 -11.50 -20.45
N ARG A 98 13.46 -12.67 -21.02
CA ARG A 98 14.55 -13.58 -21.34
C ARG A 98 14.56 -13.92 -22.83
N PHE A 99 15.71 -14.36 -23.33
CA PHE A 99 15.86 -14.72 -24.73
C PHE A 99 17.20 -15.38 -25.00
N THR A 100 17.32 -16.05 -26.14
CA THR A 100 18.56 -16.71 -26.51
C THR A 100 19.60 -15.72 -27.02
N GLU A 101 19.79 -14.65 -26.26
CA GLU A 101 20.76 -13.62 -26.63
C GLU A 101 22.06 -13.79 -25.85
N GLY A 102 21.95 -13.83 -24.52
CA GLY A 102 23.11 -14.00 -23.68
C GLY A 102 23.10 -15.30 -22.92
N SER A 103 24.01 -16.20 -23.30
CA SER A 103 24.10 -17.51 -22.65
C SER A 103 24.47 -17.35 -21.17
N GLY A 104 25.30 -16.36 -20.87
CA GLY A 104 25.70 -16.13 -19.49
C GLY A 104 27.09 -16.68 -19.20
N PRO A 105 28.12 -15.89 -19.54
CA PRO A 105 29.51 -16.29 -19.31
C PRO A 105 29.89 -16.31 -17.83
N SER A 106 30.43 -17.44 -17.38
CA SER A 106 30.82 -17.58 -15.98
C SER A 106 32.05 -18.48 -15.85
N SER A 107 32.50 -18.67 -14.62
CA SER A 107 33.67 -19.51 -14.36
C SER A 107 33.25 -20.83 -13.73
N GLY A 108 33.79 -21.93 -14.27
CA GLY A 108 33.47 -23.24 -13.75
C GLY A 108 33.74 -24.35 -14.75
N GLY A 1 -12.45 20.75 8.05
CA GLY A 1 -12.70 19.90 9.20
C GLY A 1 -13.38 20.64 10.33
N SER A 2 -14.00 19.89 11.24
CA SER A 2 -14.70 20.49 12.37
C SER A 2 -13.94 20.23 13.67
N SER A 3 -13.94 21.22 14.55
CA SER A 3 -13.24 21.11 15.83
C SER A 3 -14.22 20.70 16.95
N GLY A 4 -15.12 19.78 16.62
CA GLY A 4 -16.09 19.32 17.60
C GLY A 4 -15.54 18.24 18.51
N SER A 5 -16.43 17.45 19.10
CA SER A 5 -16.03 16.37 20.00
C SER A 5 -16.35 15.01 19.39
N SER A 6 -17.54 14.89 18.82
CA SER A 6 -17.98 13.64 18.22
C SER A 6 -17.52 13.56 16.77
N GLY A 7 -16.55 12.69 16.50
CA GLY A 7 -16.04 12.53 15.15
C GLY A 7 -14.81 11.66 15.10
N PRO A 8 -14.66 10.89 14.00
CA PRO A 8 -13.53 9.99 13.81
C PRO A 8 -12.22 10.75 13.57
N ALA A 9 -11.13 10.01 13.44
CA ALA A 9 -9.82 10.61 13.21
C ALA A 9 -9.70 11.11 11.77
N ARG A 10 -8.63 11.86 11.50
CA ARG A 10 -8.41 12.41 10.17
C ARG A 10 -6.94 12.24 9.76
N PHE A 11 -6.72 11.88 8.51
CA PHE A 11 -5.37 11.69 7.99
C PHE A 11 -4.54 12.96 8.14
N THR A 12 -3.27 12.81 8.49
CA THR A 12 -2.38 13.95 8.66
C THR A 12 -1.23 13.90 7.66
N GLN A 13 -0.94 12.70 7.15
CA GLN A 13 0.13 12.52 6.19
C GLN A 13 -0.31 11.64 5.03
N ASP A 14 -0.19 12.18 3.81
CA ASP A 14 -0.58 11.44 2.62
C ASP A 14 -0.03 10.03 2.63
N LEU A 15 -0.80 9.09 2.10
CA LEU A 15 -0.38 7.69 2.07
C LEU A 15 0.85 7.51 1.17
N LYS A 16 1.81 6.73 1.64
CA LYS A 16 3.03 6.48 0.89
C LYS A 16 3.09 5.03 0.41
N THR A 17 4.06 4.73 -0.44
CA THR A 17 4.22 3.38 -0.97
C THR A 17 5.63 3.17 -1.51
N LYS A 18 5.93 1.93 -1.91
CA LYS A 18 7.25 1.60 -2.44
C LYS A 18 7.12 0.85 -3.76
N GLU A 19 8.24 0.68 -4.45
CA GLU A 19 8.25 -0.02 -5.73
C GLU A 19 8.98 -1.36 -5.62
N ALA A 20 8.23 -2.45 -5.69
CA ALA A 20 8.80 -3.78 -5.60
C ALA A 20 8.55 -4.59 -6.88
N SER A 21 9.26 -5.70 -7.02
CA SER A 21 9.11 -6.55 -8.20
C SER A 21 8.12 -7.67 -7.93
N GLU A 22 7.66 -8.32 -9.00
CA GLU A 22 6.70 -9.41 -8.89
C GLU A 22 7.13 -10.40 -7.81
N GLY A 23 6.17 -10.88 -7.04
CA GLY A 23 6.47 -11.83 -5.98
C GLY A 23 6.98 -11.16 -4.72
N ALA A 24 7.43 -9.91 -4.86
CA ALA A 24 7.95 -9.16 -3.73
C ALA A 24 6.82 -8.69 -2.81
N THR A 25 7.19 -8.04 -1.71
CA THR A 25 6.21 -7.55 -0.75
C THR A 25 6.34 -6.06 -0.56
N ALA A 26 5.26 -5.33 -0.85
CA ALA A 26 5.25 -3.87 -0.70
C ALA A 26 5.03 -3.47 0.74
N THR A 27 5.04 -2.16 1.00
CA THR A 27 4.85 -1.64 2.35
C THR A 27 4.36 -0.20 2.31
N LEU A 28 3.09 0.00 2.65
CA LEU A 28 2.50 1.34 2.66
C LEU A 28 2.19 1.79 4.09
N GLN A 29 2.55 3.03 4.39
CA GLN A 29 2.31 3.58 5.73
C GLN A 29 1.46 4.84 5.64
N CYS A 30 0.61 5.04 6.64
CA CYS A 30 -0.26 6.21 6.68
C CYS A 30 -0.45 6.71 8.11
N GLU A 31 -0.33 8.01 8.31
CA GLU A 31 -0.48 8.61 9.63
C GLU A 31 -1.92 9.03 9.88
N LEU A 32 -2.29 9.15 11.14
CA LEU A 32 -3.64 9.55 11.51
C LEU A 32 -3.62 10.53 12.69
N SER A 33 -4.59 11.45 12.70
CA SER A 33 -4.67 12.44 13.76
C SER A 33 -4.74 11.78 15.13
N LYS A 34 -5.28 10.56 15.16
CA LYS A 34 -5.42 9.81 16.39
C LYS A 34 -5.64 8.32 16.11
N VAL A 35 -5.35 7.48 17.10
CA VAL A 35 -5.53 6.05 16.97
C VAL A 35 -6.99 5.70 16.66
N ALA A 36 -7.23 5.20 15.45
CA ALA A 36 -8.58 4.83 15.04
C ALA A 36 -8.54 3.70 14.01
N PRO A 37 -9.56 2.83 14.05
CA PRO A 37 -9.67 1.71 13.11
C PRO A 37 -9.98 2.15 11.69
N VAL A 38 -9.12 1.75 10.75
CA VAL A 38 -9.30 2.11 9.35
C VAL A 38 -9.45 0.87 8.48
N GLU A 39 -9.67 1.08 7.18
CA GLU A 39 -9.84 -0.02 6.25
C GLU A 39 -9.15 0.28 4.92
N TRP A 40 -8.45 -0.71 4.39
CA TRP A 40 -7.74 -0.55 3.12
C TRP A 40 -8.58 -1.05 1.96
N LYS A 41 -8.52 -0.33 0.85
CA LYS A 41 -9.28 -0.70 -0.34
C LYS A 41 -8.38 -0.72 -1.58
N LYS A 42 -8.69 -1.61 -2.51
CA LYS A 42 -7.92 -1.75 -3.74
C LYS A 42 -8.75 -1.34 -4.96
N GLY A 43 -9.87 -0.67 -4.71
CA GLY A 43 -10.74 -0.24 -5.79
C GLY A 43 -12.20 -0.22 -5.38
N PRO A 44 -13.08 -0.59 -6.32
CA PRO A 44 -14.53 -0.62 -6.08
C PRO A 44 -14.93 -1.73 -5.11
N GLU A 45 -13.94 -2.43 -4.58
CA GLU A 45 -14.20 -3.52 -3.64
C GLU A 45 -13.53 -3.25 -2.29
N THR A 46 -13.73 -4.16 -1.34
CA THR A 46 -13.15 -4.01 -0.01
C THR A 46 -12.18 -5.15 0.29
N LEU A 47 -11.07 -4.82 0.92
CA LEU A 47 -10.07 -5.83 1.28
C LEU A 47 -10.19 -6.22 2.75
N ARG A 48 -9.27 -7.06 3.21
CA ARG A 48 -9.27 -7.53 4.59
C ARG A 48 -7.88 -7.97 5.02
N ASP A 49 -7.70 -8.15 6.32
CA ASP A 49 -6.42 -8.58 6.86
C ASP A 49 -6.45 -10.05 7.25
N GLY A 50 -5.68 -10.87 6.53
CA GLY A 50 -5.65 -12.29 6.81
C GLY A 50 -5.28 -13.12 5.59
N GLY A 51 -3.98 -13.24 5.33
CA GLY A 51 -3.52 -14.01 4.19
C GLY A 51 -2.56 -13.23 3.32
N ARG A 52 -2.84 -13.20 2.02
CA ARG A 52 -2.00 -12.48 1.07
C ARG A 52 -1.80 -11.04 1.50
N TYR A 53 -2.87 -10.41 1.97
CA TYR A 53 -2.82 -9.02 2.43
C TYR A 53 -2.64 -8.94 3.94
N SER A 54 -1.47 -8.48 4.37
CA SER A 54 -1.18 -8.36 5.80
C SER A 54 -1.03 -6.90 6.20
N LEU A 55 -1.91 -6.43 7.06
CA LEU A 55 -1.87 -5.05 7.53
C LEU A 55 -1.90 -4.98 9.06
N LYS A 56 -0.90 -4.32 9.63
CA LYS A 56 -0.82 -4.19 11.09
C LYS A 56 -1.00 -2.73 11.50
N GLN A 57 -1.87 -2.50 12.48
CA GLN A 57 -2.13 -1.15 12.97
C GLN A 57 -1.23 -0.82 14.16
N ASP A 58 -0.90 0.45 14.30
CA ASP A 58 -0.04 0.91 15.39
C ASP A 58 -0.42 2.32 15.83
N GLY A 59 0.24 2.81 16.87
CA GLY A 59 -0.03 4.14 17.37
C GLY A 59 -0.16 5.17 16.25
N THR A 60 -1.40 5.56 15.96
CA THR A 60 -1.64 6.54 14.91
C THR A 60 -0.77 6.27 13.69
N ARG A 61 -0.47 5.01 13.45
CA ARG A 61 0.36 4.62 12.31
C ARG A 61 0.03 3.21 11.85
N CYS A 62 -0.43 3.09 10.60
CA CYS A 62 -0.78 1.80 10.04
C CYS A 62 0.24 1.36 8.99
N GLU A 63 0.34 0.06 8.78
CA GLU A 63 1.28 -0.49 7.80
C GLU A 63 0.63 -1.60 6.99
N LEU A 64 0.62 -1.43 5.67
CA LEU A 64 0.02 -2.41 4.77
C LEU A 64 1.10 -3.18 4.01
N GLN A 65 1.01 -4.51 4.04
CA GLN A 65 1.99 -5.35 3.36
C GLN A 65 1.29 -6.34 2.43
N ILE A 66 1.67 -6.31 1.15
CA ILE A 66 1.09 -7.20 0.16
C ILE A 66 2.04 -8.33 -0.21
N HIS A 67 1.73 -9.54 0.23
CA HIS A 67 2.56 -10.70 -0.05
C HIS A 67 2.29 -11.24 -1.46
N ASP A 68 3.33 -11.74 -2.11
CA ASP A 68 3.20 -12.28 -3.45
C ASP A 68 2.69 -11.22 -4.42
N LEU A 69 3.36 -10.06 -4.44
CA LEU A 69 2.97 -8.97 -5.32
C LEU A 69 2.75 -9.46 -6.74
N SER A 70 2.33 -8.55 -7.63
CA SER A 70 2.09 -8.89 -9.02
C SER A 70 1.84 -7.65 -9.85
N VAL A 71 2.13 -7.74 -11.15
CA VAL A 71 1.94 -6.61 -12.05
C VAL A 71 0.48 -6.14 -12.05
N ALA A 72 -0.41 -6.98 -11.54
CA ALA A 72 -1.82 -6.65 -11.47
C ALA A 72 -2.14 -5.85 -10.21
N ASP A 73 -1.41 -6.13 -9.14
CA ASP A 73 -1.62 -5.44 -7.88
C ASP A 73 -1.25 -3.96 -8.00
N ALA A 74 -0.38 -3.65 -8.96
CA ALA A 74 0.04 -2.27 -9.18
C ALA A 74 -1.12 -1.40 -9.63
N GLY A 75 -1.64 -0.60 -8.71
CA GLY A 75 -2.75 0.27 -9.03
C GLY A 75 -2.84 1.47 -8.10
N GLU A 76 -3.97 1.58 -7.40
CA GLU A 76 -4.16 2.69 -6.46
C GLU A 76 -4.83 2.21 -5.18
N TYR A 77 -4.09 2.23 -4.08
CA TYR A 77 -4.61 1.80 -2.80
C TYR A 77 -5.06 2.99 -1.95
N SER A 78 -6.32 2.96 -1.54
CA SER A 78 -6.87 4.05 -0.74
C SER A 78 -7.30 3.54 0.64
N CYS A 79 -7.14 4.38 1.65
CA CYS A 79 -7.50 4.02 3.02
C CYS A 79 -8.51 5.01 3.58
N MET A 80 -9.71 4.51 3.88
CA MET A 80 -10.77 5.34 4.43
C MET A 80 -10.78 5.28 5.96
N CYS A 81 -10.78 6.43 6.60
CA CYS A 81 -10.79 6.50 8.06
C CYS A 81 -11.83 7.51 8.55
N GLY A 82 -13.02 7.00 8.85
CA GLY A 82 -14.09 7.86 9.34
C GLY A 82 -14.73 8.67 8.22
N GLN A 83 -14.14 9.82 7.91
CA GLN A 83 -14.65 10.67 6.85
C GLN A 83 -13.59 10.95 5.80
N GLU A 84 -12.38 11.23 6.25
CA GLU A 84 -11.26 11.51 5.34
C GLU A 84 -10.97 10.30 4.45
N ARG A 85 -10.12 10.49 3.46
CA ARG A 85 -9.75 9.42 2.54
C ARG A 85 -8.48 9.77 1.77
N THR A 86 -7.58 8.81 1.66
CA THR A 86 -6.32 9.02 0.95
C THR A 86 -6.06 7.90 -0.06
N SER A 87 -5.18 8.16 -1.01
CA SER A 87 -4.84 7.18 -2.04
C SER A 87 -3.34 7.16 -2.31
N ALA A 88 -2.84 5.99 -2.70
CA ALA A 88 -1.42 5.85 -3.00
C ALA A 88 -1.20 4.93 -4.20
N THR A 89 -0.51 5.44 -5.22
CA THR A 89 -0.24 4.66 -6.41
C THR A 89 0.99 3.77 -6.23
N LEU A 90 0.76 2.46 -6.13
CA LEU A 90 1.83 1.51 -5.96
C LEU A 90 2.45 1.12 -7.30
N THR A 91 3.77 0.90 -7.29
CA THR A 91 4.48 0.53 -8.51
C THR A 91 5.01 -0.89 -8.43
N VAL A 92 4.76 -1.67 -9.47
CA VAL A 92 5.22 -3.06 -9.51
C VAL A 92 6.04 -3.33 -10.78
N ARG A 93 7.17 -4.02 -10.60
CA ARG A 93 8.04 -4.35 -11.72
C ARG A 93 7.96 -5.84 -12.06
N ALA A 94 7.93 -6.14 -13.35
CA ALA A 94 7.87 -7.54 -13.81
C ALA A 94 9.25 -8.16 -13.85
N LEU A 95 9.36 -9.39 -13.35
CA LEU A 95 10.62 -10.10 -13.33
C LEU A 95 11.33 -9.99 -14.67
N PRO A 96 12.67 -10.09 -14.66
CA PRO A 96 13.49 -10.01 -15.87
C PRO A 96 13.31 -11.22 -16.78
N ALA A 97 13.32 -10.99 -18.08
CA ALA A 97 13.16 -12.06 -19.05
C ALA A 97 14.16 -11.93 -20.19
N ARG A 98 14.20 -12.94 -21.05
CA ARG A 98 15.12 -12.93 -22.20
C ARG A 98 14.45 -12.36 -23.44
N PHE A 99 15.25 -12.01 -24.43
CA PHE A 99 14.73 -11.46 -25.68
C PHE A 99 15.27 -12.20 -26.88
N THR A 100 14.45 -12.34 -27.91
CA THR A 100 14.85 -13.04 -29.14
C THR A 100 16.27 -12.68 -29.53
N GLU A 101 17.19 -13.63 -29.36
CA GLU A 101 18.59 -13.41 -29.71
C GLU A 101 19.18 -12.26 -28.90
N GLY A 102 18.85 -12.23 -27.60
CA GLY A 102 19.36 -11.18 -26.74
C GLY A 102 20.77 -10.78 -27.08
N SER A 103 20.98 -9.48 -27.32
CA SER A 103 22.29 -8.97 -27.66
C SER A 103 22.76 -7.94 -26.63
N GLY A 104 24.04 -7.58 -26.71
CA GLY A 104 24.59 -6.61 -25.77
C GLY A 104 25.94 -6.09 -26.23
N PRO A 105 26.22 -4.81 -25.90
CA PRO A 105 27.47 -4.16 -26.26
C PRO A 105 28.67 -4.71 -25.49
N SER A 106 29.41 -5.61 -26.14
CA SER A 106 30.58 -6.23 -25.50
C SER A 106 31.77 -5.27 -25.52
N SER A 107 32.60 -5.35 -24.47
CA SER A 107 33.77 -4.49 -24.37
C SER A 107 34.96 -5.11 -25.10
N GLY A 108 35.30 -6.34 -24.74
CA GLY A 108 36.42 -7.02 -25.37
C GLY A 108 36.07 -8.43 -25.80
N GLY A 1 -17.69 28.90 4.90
CA GLY A 1 -17.12 27.56 4.88
C GLY A 1 -17.38 26.80 6.16
N SER A 2 -16.60 25.74 6.38
CA SER A 2 -16.74 24.92 7.58
C SER A 2 -15.50 25.03 8.45
N SER A 3 -15.46 26.06 9.29
CA SER A 3 -14.34 26.29 10.19
C SER A 3 -14.50 25.50 11.47
N GLY A 4 -13.52 24.64 11.75
CA GLY A 4 -13.58 23.82 12.96
C GLY A 4 -14.27 22.50 12.73
N SER A 5 -13.56 21.54 12.16
CA SER A 5 -14.13 20.22 11.89
C SER A 5 -13.78 19.23 13.01
N SER A 6 -14.75 18.43 13.41
CA SER A 6 -14.56 17.44 14.46
C SER A 6 -15.31 16.15 14.14
N GLY A 7 -15.12 15.15 15.00
CA GLY A 7 -15.78 13.86 14.80
C GLY A 7 -14.81 12.74 14.51
N PRO A 8 -14.88 12.19 13.30
CA PRO A 8 -14.00 11.09 12.88
C PRO A 8 -12.55 11.54 12.71
N ALA A 9 -11.63 10.58 12.80
CA ALA A 9 -10.21 10.88 12.65
C ALA A 9 -9.88 11.27 11.21
N ARG A 10 -8.70 11.85 11.02
CA ARG A 10 -8.27 12.27 9.69
C ARG A 10 -6.82 11.85 9.43
N PHE A 11 -6.30 12.24 8.27
CA PHE A 11 -4.93 11.90 7.91
C PHE A 11 -4.02 13.13 8.02
N THR A 12 -2.82 12.92 8.54
CA THR A 12 -1.86 13.99 8.70
C THR A 12 -0.66 13.81 7.79
N GLN A 13 -0.43 12.57 7.37
CA GLN A 13 0.69 12.26 6.49
C GLN A 13 0.23 11.45 5.29
N ASP A 14 0.26 12.08 4.11
CA ASP A 14 -0.16 11.42 2.88
C ASP A 14 0.34 9.98 2.84
N LEU A 15 -0.53 9.06 2.45
CA LEU A 15 -0.17 7.65 2.38
C LEU A 15 1.19 7.47 1.70
N LYS A 16 1.92 6.45 2.14
CA LYS A 16 3.24 6.16 1.58
C LYS A 16 3.26 4.79 0.91
N THR A 17 4.14 4.62 -0.07
CA THR A 17 4.27 3.35 -0.77
C THR A 17 5.69 3.14 -1.27
N LYS A 18 5.92 2.00 -1.91
CA LYS A 18 7.24 1.67 -2.43
C LYS A 18 7.13 0.85 -3.72
N GLU A 19 8.18 0.87 -4.53
CA GLU A 19 8.20 0.13 -5.78
C GLU A 19 8.90 -1.22 -5.61
N ALA A 20 8.20 -2.28 -6.00
CA ALA A 20 8.75 -3.63 -5.89
C ALA A 20 8.47 -4.44 -7.15
N SER A 21 9.13 -5.59 -7.26
CA SER A 21 8.95 -6.45 -8.42
C SER A 21 7.95 -7.58 -8.11
N GLU A 22 7.53 -8.28 -9.16
CA GLU A 22 6.58 -9.37 -9.01
C GLU A 22 7.02 -10.33 -7.91
N GLY A 23 6.06 -10.79 -7.10
CA GLY A 23 6.37 -11.70 -6.03
C GLY A 23 6.81 -10.98 -4.76
N ALA A 24 7.37 -9.79 -4.93
CA ALA A 24 7.84 -9.00 -3.80
C ALA A 24 6.68 -8.59 -2.90
N THR A 25 6.98 -7.85 -1.84
CA THR A 25 5.96 -7.38 -0.91
C THR A 25 6.01 -5.88 -0.75
N ALA A 26 4.90 -5.21 -1.06
CA ALA A 26 4.81 -3.76 -0.95
C ALA A 26 4.39 -3.34 0.46
N THR A 27 5.09 -2.34 1.01
CA THR A 27 4.80 -1.85 2.35
C THR A 27 4.38 -0.39 2.32
N LEU A 28 3.16 -0.12 2.77
CA LEU A 28 2.63 1.24 2.79
C LEU A 28 2.36 1.70 4.22
N GLN A 29 2.74 2.94 4.53
CA GLN A 29 2.54 3.49 5.85
C GLN A 29 1.79 4.83 5.78
N CYS A 30 0.86 5.04 6.70
CA CYS A 30 0.09 6.27 6.74
C CYS A 30 -0.20 6.69 8.19
N GLU A 31 -0.11 7.99 8.44
CA GLU A 31 -0.36 8.52 9.77
C GLU A 31 -1.78 9.05 9.90
N LEU A 32 -2.24 9.23 11.14
CA LEU A 32 -3.58 9.74 11.38
C LEU A 32 -3.57 10.77 12.50
N SER A 33 -4.61 11.61 12.53
CA SER A 33 -4.72 12.65 13.55
C SER A 33 -4.88 12.04 14.94
N LYS A 34 -5.45 10.85 14.99
CA LYS A 34 -5.67 10.15 16.26
C LYS A 34 -5.99 8.68 16.03
N VAL A 35 -5.77 7.86 17.06
CA VAL A 35 -6.03 6.44 16.96
C VAL A 35 -7.47 6.17 16.53
N ALA A 36 -7.63 5.61 15.33
CA ALA A 36 -8.95 5.30 14.80
C ALA A 36 -8.89 4.13 13.82
N PRO A 37 -10.01 3.42 13.67
CA PRO A 37 -10.12 2.28 12.76
C PRO A 37 -10.07 2.70 11.30
N VAL A 38 -9.42 1.88 10.48
CA VAL A 38 -9.31 2.17 9.04
C VAL A 38 -9.65 0.94 8.21
N GLU A 39 -9.61 1.10 6.90
CA GLU A 39 -9.92 0.00 5.98
C GLU A 39 -9.33 0.25 4.60
N TRP A 40 -8.32 -0.54 4.25
CA TRP A 40 -7.66 -0.41 2.96
C TRP A 40 -8.57 -0.87 1.83
N LYS A 41 -8.47 -0.21 0.69
CA LYS A 41 -9.29 -0.55 -0.48
C LYS A 41 -8.46 -0.49 -1.76
N LYS A 42 -8.80 -1.35 -2.72
CA LYS A 42 -8.10 -1.38 -3.99
C LYS A 42 -9.06 -1.09 -5.15
N GLY A 43 -10.03 -0.23 -4.90
CA GLY A 43 -11.00 0.11 -5.93
C GLY A 43 -12.43 0.02 -5.44
N PRO A 44 -13.34 -0.38 -6.33
CA PRO A 44 -14.77 -0.51 -6.01
C PRO A 44 -15.04 -1.68 -5.06
N GLU A 45 -13.98 -2.34 -4.62
CA GLU A 45 -14.10 -3.47 -3.71
C GLU A 45 -13.43 -3.17 -2.37
N THR A 46 -13.62 -4.06 -1.41
CA THR A 46 -13.03 -3.89 -0.08
C THR A 46 -12.07 -5.03 0.24
N LEU A 47 -10.97 -4.70 0.91
CA LEU A 47 -9.97 -5.69 1.28
C LEU A 47 -9.96 -5.92 2.79
N ARG A 48 -9.23 -6.94 3.23
CA ARG A 48 -9.13 -7.24 4.65
C ARG A 48 -7.76 -7.82 4.99
N ASP A 49 -7.58 -8.20 6.25
CA ASP A 49 -6.31 -8.77 6.70
C ASP A 49 -6.44 -10.28 6.90
N GLY A 50 -5.69 -11.04 6.11
CA GLY A 50 -5.73 -12.49 6.20
C GLY A 50 -4.41 -13.14 5.84
N GLY A 51 -4.33 -13.67 4.63
CA GLY A 51 -3.10 -14.32 4.18
C GLY A 51 -2.32 -13.45 3.21
N ARG A 52 -2.69 -13.52 1.93
CA ARG A 52 -2.01 -12.74 0.91
C ARG A 52 -1.74 -11.32 1.39
N TYR A 53 -2.72 -10.73 2.07
CA TYR A 53 -2.59 -9.38 2.58
C TYR A 53 -2.37 -9.38 4.10
N SER A 54 -1.47 -8.52 4.56
CA SER A 54 -1.17 -8.43 5.99
C SER A 54 -0.95 -6.97 6.40
N LEU A 55 -1.81 -6.49 7.29
CA LEU A 55 -1.71 -5.11 7.78
C LEU A 55 -1.75 -5.07 9.30
N LYS A 56 -1.03 -4.12 9.87
CA LYS A 56 -0.99 -3.96 11.33
C LYS A 56 -1.24 -2.51 11.72
N GLN A 57 -1.92 -2.33 12.86
CA GLN A 57 -2.23 -0.99 13.35
C GLN A 57 -1.34 -0.63 14.54
N ASP A 58 -0.73 0.55 14.48
CA ASP A 58 0.14 1.01 15.56
C ASP A 58 -0.25 2.42 16.01
N GLY A 59 -1.10 2.49 17.03
CA GLY A 59 -1.54 3.77 17.54
C GLY A 59 -2.10 4.66 16.45
N THR A 60 -1.29 5.61 15.99
CA THR A 60 -1.71 6.53 14.93
C THR A 60 -1.01 6.24 13.63
N ARG A 61 -0.74 4.97 13.37
CA ARG A 61 -0.06 4.55 12.15
C ARG A 61 -0.62 3.23 11.64
N CYS A 62 -0.60 3.05 10.32
CA CYS A 62 -1.10 1.83 9.70
C CYS A 62 -0.14 1.32 8.63
N GLU A 63 0.35 0.09 8.82
CA GLU A 63 1.29 -0.50 7.88
C GLU A 63 0.61 -1.61 7.07
N LEU A 64 0.64 -1.47 5.74
CA LEU A 64 0.03 -2.45 4.86
C LEU A 64 1.09 -3.22 4.07
N GLN A 65 1.15 -4.52 4.29
CA GLN A 65 2.12 -5.37 3.60
C GLN A 65 1.42 -6.39 2.71
N ILE A 66 1.56 -6.22 1.39
CA ILE A 66 0.94 -7.12 0.44
C ILE A 66 1.93 -8.17 -0.03
N HIS A 67 1.76 -9.40 0.44
CA HIS A 67 2.63 -10.51 0.07
C HIS A 67 2.22 -11.10 -1.27
N ASP A 68 3.20 -11.48 -2.08
CA ASP A 68 2.94 -12.05 -3.39
C ASP A 68 2.44 -10.99 -4.36
N LEU A 69 3.21 -9.92 -4.50
CA LEU A 69 2.85 -8.83 -5.40
C LEU A 69 2.68 -9.33 -6.83
N SER A 70 2.08 -8.50 -7.69
CA SER A 70 1.85 -8.86 -9.07
C SER A 70 1.62 -7.63 -9.93
N VAL A 71 1.98 -7.71 -11.20
CA VAL A 71 1.80 -6.60 -12.12
C VAL A 71 0.34 -6.16 -12.20
N ALA A 72 -0.55 -7.05 -11.80
CA ALA A 72 -1.98 -6.76 -11.81
C ALA A 72 -2.39 -5.99 -10.56
N ASP A 73 -1.63 -6.16 -9.49
CA ASP A 73 -1.91 -5.48 -8.23
C ASP A 73 -1.53 -4.01 -8.31
N ALA A 74 -0.54 -3.70 -9.15
CA ALA A 74 -0.08 -2.33 -9.32
C ALA A 74 -1.23 -1.41 -9.77
N GLY A 75 -1.73 -0.62 -8.82
CA GLY A 75 -2.83 0.29 -9.13
C GLY A 75 -2.90 1.45 -8.17
N GLU A 76 -4.06 1.62 -7.54
CA GLU A 76 -4.25 2.71 -6.59
C GLU A 76 -4.91 2.20 -5.30
N TYR A 77 -4.15 2.24 -4.21
CA TYR A 77 -4.65 1.78 -2.93
C TYR A 77 -5.13 2.95 -2.08
N SER A 78 -6.44 2.95 -1.79
CA SER A 78 -7.03 4.02 -0.98
C SER A 78 -7.47 3.49 0.38
N CYS A 79 -7.26 4.30 1.41
CA CYS A 79 -7.63 3.92 2.77
C CYS A 79 -8.65 4.89 3.35
N MET A 80 -9.80 4.37 3.75
CA MET A 80 -10.86 5.19 4.32
C MET A 80 -10.83 5.14 5.84
N CYS A 81 -10.84 6.31 6.47
CA CYS A 81 -10.81 6.39 7.93
C CYS A 81 -11.86 7.37 8.44
N GLY A 82 -13.02 6.84 8.83
CA GLY A 82 -14.09 7.68 9.32
C GLY A 82 -14.76 8.48 8.22
N GLN A 83 -14.14 9.60 7.85
CA GLN A 83 -14.68 10.46 6.81
C GLN A 83 -13.63 10.75 5.74
N GLU A 84 -12.42 11.06 6.18
CA GLU A 84 -11.33 11.37 5.26
C GLU A 84 -10.91 10.14 4.49
N ARG A 85 -10.01 10.33 3.53
CA ARG A 85 -9.52 9.21 2.71
C ARG A 85 -8.22 9.59 2.01
N THR A 86 -7.32 8.62 1.87
CA THR A 86 -6.04 8.86 1.21
C THR A 86 -5.74 7.76 0.20
N SER A 87 -5.04 8.13 -0.87
CA SER A 87 -4.68 7.17 -1.91
C SER A 87 -3.18 7.20 -2.19
N ALA A 88 -2.63 6.05 -2.53
CA ALA A 88 -1.21 5.94 -2.82
C ALA A 88 -0.94 4.96 -3.96
N THR A 89 -0.58 5.49 -5.12
CA THR A 89 -0.30 4.66 -6.29
C THR A 89 0.96 3.82 -6.09
N LEU A 90 0.81 2.51 -6.23
CA LEU A 90 1.93 1.60 -6.06
C LEU A 90 2.47 1.14 -7.41
N THR A 91 3.78 0.95 -7.49
CA THR A 91 4.42 0.52 -8.73
C THR A 91 4.91 -0.92 -8.61
N VAL A 92 4.74 -1.70 -9.68
CA VAL A 92 5.17 -3.09 -9.70
C VAL A 92 6.00 -3.39 -10.94
N ARG A 93 7.11 -4.10 -10.74
CA ARG A 93 8.00 -4.44 -11.84
C ARG A 93 7.86 -5.92 -12.20
N ALA A 94 7.57 -6.19 -13.48
CA ALA A 94 7.40 -7.55 -13.95
C ALA A 94 8.73 -8.30 -13.94
N LEU A 95 8.66 -9.62 -13.70
CA LEU A 95 9.85 -10.45 -13.65
C LEU A 95 10.64 -10.34 -14.95
N PRO A 96 11.95 -10.61 -14.87
CA PRO A 96 12.85 -10.56 -16.02
C PRO A 96 12.58 -11.67 -17.02
N ALA A 97 12.34 -11.30 -18.28
CA ALA A 97 12.07 -12.28 -19.33
C ALA A 97 12.76 -11.87 -20.63
N ARG A 98 12.99 -12.86 -21.50
CA ARG A 98 13.63 -12.61 -22.79
C ARG A 98 15.05 -12.07 -22.59
N PHE A 99 15.75 -12.63 -21.61
CA PHE A 99 17.12 -12.21 -21.31
C PHE A 99 18.13 -13.18 -21.92
N THR A 100 18.58 -12.88 -23.14
CA THR A 100 19.54 -13.73 -23.82
C THR A 100 20.97 -13.31 -23.50
N GLU A 101 21.13 -12.07 -23.06
CA GLU A 101 22.45 -11.54 -22.72
C GLU A 101 22.87 -12.00 -21.33
N GLY A 102 24.06 -12.60 -21.24
CA GLY A 102 24.56 -13.09 -19.97
C GLY A 102 26.07 -12.98 -19.86
N SER A 103 26.77 -13.52 -20.85
CA SER A 103 28.24 -13.50 -20.87
C SER A 103 28.77 -13.93 -22.23
N GLY A 104 29.91 -13.36 -22.60
CA GLY A 104 30.51 -13.70 -23.88
C GLY A 104 32.00 -13.41 -23.91
N PRO A 105 32.36 -12.13 -24.02
CA PRO A 105 33.75 -11.68 -24.06
C PRO A 105 34.47 -11.88 -22.72
N SER A 106 33.69 -11.99 -21.65
CA SER A 106 34.24 -12.18 -20.32
C SER A 106 34.00 -13.60 -19.83
N SER A 107 34.90 -14.09 -18.96
CA SER A 107 34.78 -15.44 -18.42
C SER A 107 34.37 -15.39 -16.94
N GLY A 108 33.86 -16.51 -16.45
CA GLY A 108 33.45 -16.58 -15.06
C GLY A 108 34.47 -17.26 -14.18
N GLY A 1 -12.11 26.42 17.99
CA GLY A 1 -11.59 25.72 19.15
C GLY A 1 -12.59 25.65 20.29
N SER A 2 -12.83 24.44 20.78
CA SER A 2 -13.79 24.24 21.86
C SER A 2 -13.43 22.99 22.67
N SER A 3 -14.08 22.84 23.83
CA SER A 3 -13.82 21.70 24.70
C SER A 3 -14.93 20.65 24.57
N GLY A 4 -15.38 20.42 23.34
CA GLY A 4 -16.44 19.46 23.10
C GLY A 4 -15.90 18.12 22.64
N SER A 5 -16.47 17.59 21.57
CA SER A 5 -16.04 16.30 21.03
C SER A 5 -15.20 16.48 19.78
N SER A 6 -14.35 15.49 19.49
CA SER A 6 -13.48 15.54 18.32
C SER A 6 -14.14 14.86 17.12
N GLY A 7 -14.63 13.64 17.34
CA GLY A 7 -15.27 12.90 16.28
C GLY A 7 -14.40 11.78 15.73
N PRO A 8 -14.66 11.37 14.49
CA PRO A 8 -13.91 10.31 13.83
C PRO A 8 -12.48 10.73 13.48
N ALA A 9 -11.55 9.80 13.60
CA ALA A 9 -10.15 10.08 13.30
C ALA A 9 -9.98 10.55 11.86
N ARG A 10 -8.84 11.18 11.57
CA ARG A 10 -8.57 11.68 10.23
C ARG A 10 -7.10 11.43 9.86
N PHE A 11 -6.76 11.76 8.61
CA PHE A 11 -5.39 11.57 8.12
C PHE A 11 -4.58 12.85 8.29
N THR A 12 -3.35 12.70 8.73
CA THR A 12 -2.45 13.84 8.94
C THR A 12 -1.29 13.81 7.95
N GLN A 13 -1.02 12.64 7.39
CA GLN A 13 0.06 12.48 6.43
C GLN A 13 -0.39 11.68 5.23
N ASP A 14 -0.49 12.34 4.07
CA ASP A 14 -0.92 11.68 2.85
C ASP A 14 -0.30 10.29 2.74
N LEU A 15 -1.15 9.27 2.61
CA LEU A 15 -0.69 7.90 2.49
C LEU A 15 0.22 7.73 1.28
N LYS A 16 1.29 6.96 1.46
CA LYS A 16 2.25 6.71 0.39
C LYS A 16 2.42 5.22 0.14
N THR A 17 3.28 4.87 -0.81
CA THR A 17 3.55 3.48 -1.13
C THR A 17 5.00 3.27 -1.54
N LYS A 18 5.35 2.02 -1.84
CA LYS A 18 6.71 1.69 -2.25
C LYS A 18 6.71 0.86 -3.53
N GLU A 19 7.85 0.81 -4.20
CA GLU A 19 7.99 0.05 -5.43
C GLU A 19 8.72 -1.25 -5.19
N ALA A 20 8.21 -2.34 -5.78
CA ALA A 20 8.82 -3.65 -5.62
C ALA A 20 8.69 -4.48 -6.90
N SER A 21 9.43 -5.58 -6.98
CA SER A 21 9.39 -6.45 -8.15
C SER A 21 8.34 -7.54 -7.97
N GLU A 22 7.97 -8.17 -9.08
CA GLU A 22 6.98 -9.24 -9.05
C GLU A 22 7.32 -10.28 -7.98
N GLY A 23 6.30 -10.81 -7.33
CA GLY A 23 6.51 -11.80 -6.29
C GLY A 23 6.99 -11.19 -4.99
N ALA A 24 7.37 -9.92 -5.05
CA ALA A 24 7.85 -9.21 -3.86
C ALA A 24 6.70 -8.80 -2.95
N THR A 25 7.02 -8.14 -1.85
CA THR A 25 6.01 -7.69 -0.90
C THR A 25 6.05 -6.17 -0.72
N ALA A 26 4.94 -5.52 -1.04
CA ALA A 26 4.86 -4.07 -0.92
C ALA A 26 4.74 -3.65 0.54
N THR A 27 4.89 -2.35 0.81
CA THR A 27 4.80 -1.82 2.16
C THR A 27 4.41 -0.35 2.15
N LEU A 28 3.17 -0.07 2.52
CA LEU A 28 2.67 1.30 2.55
C LEU A 28 2.58 1.81 3.98
N GLN A 29 2.77 3.11 4.15
CA GLN A 29 2.72 3.73 5.48
C GLN A 29 1.84 4.97 5.46
N CYS A 30 1.07 5.16 6.53
CA CYS A 30 0.18 6.31 6.64
C CYS A 30 0.03 6.73 8.09
N GLU A 31 -0.24 8.03 8.30
CA GLU A 31 -0.41 8.56 9.64
C GLU A 31 -1.87 8.92 9.90
N LEU A 32 -2.18 9.23 11.16
CA LEU A 32 -3.54 9.59 11.55
C LEU A 32 -3.54 10.55 12.73
N SER A 33 -4.59 11.35 12.85
CA SER A 33 -4.70 12.31 13.93
C SER A 33 -4.77 11.61 15.28
N LYS A 34 -5.31 10.40 15.28
CA LYS A 34 -5.43 9.60 16.50
C LYS A 34 -5.67 8.14 16.18
N VAL A 35 -5.36 7.27 17.14
CA VAL A 35 -5.54 5.83 16.96
C VAL A 35 -6.99 5.49 16.66
N ALA A 36 -7.24 4.99 15.46
CA ALA A 36 -8.60 4.62 15.05
C ALA A 36 -8.58 3.50 14.02
N PRO A 37 -9.63 2.69 14.01
CA PRO A 37 -9.76 1.56 13.07
C PRO A 37 -9.96 2.03 11.63
N VAL A 38 -9.08 1.59 10.74
CA VAL A 38 -9.16 1.95 9.34
C VAL A 38 -9.26 0.72 8.45
N GLU A 39 -9.61 0.93 7.18
CA GLU A 39 -9.74 -0.17 6.23
C GLU A 39 -9.15 0.21 4.88
N TRP A 40 -8.37 -0.71 4.31
CA TRP A 40 -7.73 -0.47 3.02
C TRP A 40 -8.61 -0.97 1.88
N LYS A 41 -8.55 -0.30 0.74
CA LYS A 41 -9.33 -0.67 -0.42
C LYS A 41 -8.49 -0.63 -1.69
N LYS A 42 -8.84 -1.48 -2.66
CA LYS A 42 -8.11 -1.54 -3.92
C LYS A 42 -9.03 -1.20 -5.09
N GLY A 43 -10.22 -0.69 -4.78
CA GLY A 43 -11.16 -0.34 -5.81
C GLY A 43 -12.60 -0.44 -5.34
N PRO A 44 -13.49 -0.92 -6.23
CA PRO A 44 -14.91 -1.08 -5.92
C PRO A 44 -15.16 -2.19 -4.91
N GLU A 45 -14.09 -2.80 -4.43
CA GLU A 45 -14.20 -3.89 -3.46
C GLU A 45 -13.58 -3.49 -2.13
N THR A 46 -13.77 -4.33 -1.11
CA THR A 46 -13.23 -4.07 0.21
C THR A 46 -12.16 -5.09 0.59
N LEU A 47 -11.13 -4.63 1.30
CA LEU A 47 -10.04 -5.51 1.72
C LEU A 47 -10.00 -5.63 3.23
N ARG A 48 -9.52 -6.77 3.71
CA ARG A 48 -9.43 -7.01 5.15
C ARG A 48 -8.27 -7.95 5.46
N ASP A 49 -7.67 -7.77 6.64
CA ASP A 49 -6.54 -8.60 7.06
C ASP A 49 -6.92 -10.08 7.02
N GLY A 50 -6.02 -10.90 6.48
CA GLY A 50 -6.27 -12.32 6.38
C GLY A 50 -6.17 -12.84 4.96
N GLY A 51 -5.13 -13.62 4.69
CA GLY A 51 -4.93 -14.17 3.36
C GLY A 51 -3.68 -13.62 2.69
N ARG A 52 -3.85 -13.03 1.52
CA ARG A 52 -2.74 -12.47 0.77
C ARG A 52 -2.58 -10.98 1.07
N TYR A 53 -2.92 -10.59 2.28
CA TYR A 53 -2.82 -9.19 2.69
C TYR A 53 -2.57 -9.08 4.19
N SER A 54 -1.56 -8.31 4.57
CA SER A 54 -1.21 -8.13 5.97
C SER A 54 -1.28 -6.65 6.36
N LEU A 55 -2.20 -6.32 7.26
CA LEU A 55 -2.38 -4.95 7.72
C LEU A 55 -2.29 -4.86 9.23
N LYS A 56 -1.20 -4.27 9.72
CA LYS A 56 -1.00 -4.12 11.17
C LYS A 56 -1.25 -2.68 11.60
N GLN A 57 -1.99 -2.52 12.69
CA GLN A 57 -2.29 -1.20 13.21
C GLN A 57 -1.24 -0.74 14.22
N ASP A 58 -1.06 0.57 14.33
CA ASP A 58 -0.08 1.12 15.26
C ASP A 58 -0.49 2.53 15.70
N GLY A 59 0.10 3.00 16.79
CA GLY A 59 -0.22 4.31 17.31
C GLY A 59 -0.24 5.37 16.22
N THR A 60 -1.45 5.79 15.83
CA THR A 60 -1.60 6.80 14.80
C THR A 60 -0.76 6.46 13.57
N ARG A 61 -0.57 5.16 13.33
CA ARG A 61 0.21 4.71 12.18
C ARG A 61 -0.25 3.34 11.71
N CYS A 62 -0.19 3.11 10.41
CA CYS A 62 -0.62 1.84 9.83
C CYS A 62 0.34 1.40 8.73
N GLU A 63 0.60 0.11 8.67
CA GLU A 63 1.51 -0.45 7.66
C GLU A 63 0.84 -1.59 6.90
N LEU A 64 0.61 -1.39 5.61
CA LEU A 64 -0.02 -2.39 4.77
C LEU A 64 1.02 -3.17 3.97
N GLN A 65 0.81 -4.47 3.81
CA GLN A 65 1.73 -5.32 3.07
C GLN A 65 0.98 -6.22 2.10
N ILE A 66 1.50 -6.35 0.88
CA ILE A 66 0.88 -7.19 -0.13
C ILE A 66 1.78 -8.35 -0.51
N HIS A 67 1.54 -9.51 0.09
CA HIS A 67 2.34 -10.70 -0.19
C HIS A 67 2.03 -11.25 -1.57
N ASP A 68 3.08 -11.58 -2.32
CA ASP A 68 2.92 -12.12 -3.65
C ASP A 68 2.53 -11.02 -4.64
N LEU A 69 3.33 -9.95 -4.67
CA LEU A 69 3.07 -8.83 -5.56
C LEU A 69 2.97 -9.29 -7.02
N SER A 70 2.41 -8.44 -7.86
CA SER A 70 2.26 -8.76 -9.27
C SER A 70 1.87 -7.53 -10.08
N VAL A 71 2.24 -7.51 -11.35
CA VAL A 71 1.93 -6.38 -12.23
C VAL A 71 0.46 -6.00 -12.12
N ALA A 72 -0.37 -6.96 -11.77
CA ALA A 72 -1.81 -6.72 -11.61
C ALA A 72 -2.11 -6.00 -10.31
N ASP A 73 -1.31 -6.29 -9.28
CA ASP A 73 -1.48 -5.67 -7.98
C ASP A 73 -1.22 -4.17 -8.03
N ALA A 74 -0.39 -3.76 -9.00
CA ALA A 74 -0.06 -2.36 -9.17
C ALA A 74 -1.28 -1.54 -9.59
N GLY A 75 -1.85 -0.81 -8.63
CA GLY A 75 -3.02 0.00 -8.94
C GLY A 75 -3.14 1.21 -8.01
N GLU A 76 -4.32 1.39 -7.43
CA GLU A 76 -4.56 2.51 -6.52
C GLU A 76 -5.22 2.03 -5.23
N TYR A 77 -4.45 2.04 -4.15
CA TYR A 77 -4.95 1.60 -2.85
C TYR A 77 -5.39 2.80 -2.01
N SER A 78 -6.69 2.85 -1.70
CA SER A 78 -7.23 3.94 -0.91
C SER A 78 -7.65 3.45 0.48
N CYS A 79 -7.31 4.23 1.50
CA CYS A 79 -7.66 3.88 2.88
C CYS A 79 -8.60 4.91 3.48
N MET A 80 -9.81 4.47 3.81
CA MET A 80 -10.81 5.35 4.40
C MET A 80 -10.79 5.27 5.93
N CYS A 81 -10.64 6.41 6.58
CA CYS A 81 -10.59 6.47 8.03
C CYS A 81 -11.55 7.53 8.57
N GLY A 82 -12.74 7.11 8.95
CA GLY A 82 -13.73 8.03 9.47
C GLY A 82 -14.39 8.84 8.39
N GLN A 83 -13.91 10.06 8.17
CA GLN A 83 -14.46 10.94 7.16
C GLN A 83 -13.43 11.23 6.07
N GLU A 84 -12.16 11.26 6.45
CA GLU A 84 -11.08 11.53 5.51
C GLU A 84 -10.73 10.28 4.72
N ARG A 85 -9.91 10.45 3.68
CA ARG A 85 -9.50 9.34 2.85
C ARG A 85 -8.23 9.68 2.06
N THR A 86 -7.42 8.66 1.78
CA THR A 86 -6.18 8.86 1.05
C THR A 86 -5.88 7.67 0.14
N SER A 87 -5.06 7.90 -0.88
CA SER A 87 -4.70 6.84 -1.82
C SER A 87 -3.22 6.92 -2.19
N ALA A 88 -2.64 5.78 -2.54
CA ALA A 88 -1.23 5.73 -2.91
C ALA A 88 -1.00 4.71 -4.04
N THR A 89 -0.65 5.21 -5.22
CA THR A 89 -0.40 4.35 -6.37
C THR A 89 0.84 3.50 -6.16
N LEU A 90 0.66 2.19 -6.07
CA LEU A 90 1.77 1.27 -5.88
C LEU A 90 2.50 1.02 -7.20
N THR A 91 3.79 0.69 -7.09
CA THR A 91 4.61 0.42 -8.28
C THR A 91 5.08 -1.03 -8.29
N VAL A 92 4.82 -1.71 -9.41
CA VAL A 92 5.23 -3.11 -9.56
C VAL A 92 6.13 -3.29 -10.76
N ARG A 93 7.40 -3.62 -10.51
CA ARG A 93 8.36 -3.83 -11.59
C ARG A 93 8.37 -5.28 -12.03
N ALA A 94 8.13 -5.50 -13.33
CA ALA A 94 8.10 -6.84 -13.89
C ALA A 94 9.51 -7.45 -13.91
N LEU A 95 9.59 -8.76 -13.69
CA LEU A 95 10.87 -9.45 -13.69
C LEU A 95 11.63 -9.20 -14.99
N PRO A 96 12.96 -9.23 -14.89
CA PRO A 96 13.84 -9.00 -16.05
C PRO A 96 13.78 -10.16 -17.06
N ALA A 97 13.45 -9.83 -18.30
CA ALA A 97 13.35 -10.84 -19.35
C ALA A 97 14.74 -11.21 -19.88
N ARG A 98 15.73 -10.40 -19.53
CA ARG A 98 17.10 -10.64 -19.97
C ARG A 98 17.94 -11.23 -18.85
N PHE A 99 17.27 -11.67 -17.79
CA PHE A 99 17.95 -12.26 -16.64
C PHE A 99 19.05 -13.22 -17.10
N THR A 100 18.67 -14.27 -17.82
CA THR A 100 19.62 -15.26 -18.31
C THR A 100 19.78 -15.15 -19.82
N GLU A 101 21.04 -15.12 -20.28
CA GLU A 101 21.33 -15.02 -21.70
C GLU A 101 20.63 -16.13 -22.48
N GLY A 102 19.69 -15.74 -23.35
CA GLY A 102 18.96 -16.70 -24.14
C GLY A 102 17.83 -16.07 -24.91
N SER A 103 17.23 -15.03 -24.36
CA SER A 103 16.12 -14.33 -25.01
C SER A 103 16.39 -14.18 -26.50
N GLY A 104 17.65 -14.01 -26.86
CA GLY A 104 18.01 -13.85 -28.26
C GLY A 104 18.70 -12.54 -28.54
N PRO A 105 20.02 -12.48 -28.30
CA PRO A 105 20.81 -11.27 -28.53
C PRO A 105 20.96 -10.94 -30.00
N SER A 106 20.35 -11.75 -30.86
CA SER A 106 20.41 -11.55 -32.30
C SER A 106 21.85 -11.70 -32.80
N SER A 107 22.47 -12.82 -32.46
CA SER A 107 23.83 -13.09 -32.88
C SER A 107 23.87 -13.71 -34.27
N GLY A 108 25.07 -14.08 -34.72
CA GLY A 108 25.21 -14.69 -36.03
C GLY A 108 26.65 -14.71 -36.50
N GLY A 1 -0.89 26.25 19.36
CA GLY A 1 -2.31 26.07 19.09
C GLY A 1 -2.86 24.79 19.71
N SER A 2 -2.94 24.76 21.04
CA SER A 2 -3.44 23.59 21.75
C SER A 2 -4.95 23.45 21.57
N SER A 3 -5.37 22.33 20.97
CA SER A 3 -6.78 22.08 20.74
C SER A 3 -7.04 20.59 20.53
N GLY A 4 -8.30 20.19 20.68
CA GLY A 4 -8.66 18.79 20.51
C GLY A 4 -10.13 18.61 20.21
N SER A 5 -10.46 18.45 18.92
CA SER A 5 -11.84 18.27 18.51
C SER A 5 -12.30 16.85 18.77
N SER A 6 -13.58 16.70 19.12
CA SER A 6 -14.14 15.38 19.42
C SER A 6 -14.73 14.76 18.16
N GLY A 7 -14.01 14.89 17.05
CA GLY A 7 -14.47 14.32 15.79
C GLY A 7 -13.73 13.06 15.42
N PRO A 8 -14.03 12.53 14.22
CA PRO A 8 -13.40 11.30 13.71
C PRO A 8 -11.92 11.51 13.37
N ALA A 9 -11.18 10.41 13.31
CA ALA A 9 -9.76 10.46 13.00
C ALA A 9 -9.53 10.91 11.55
N ARG A 10 -8.71 11.94 11.38
CA ARG A 10 -8.42 12.47 10.06
C ARG A 10 -6.95 12.23 9.69
N PHE A 11 -6.73 11.80 8.44
CA PHE A 11 -5.38 11.54 7.97
C PHE A 11 -4.51 12.79 8.04
N THR A 12 -3.24 12.61 8.37
CA THR A 12 -2.31 13.73 8.47
C THR A 12 -1.21 13.63 7.43
N GLN A 13 -0.89 12.40 7.03
CA GLN A 13 0.16 12.16 6.04
C GLN A 13 -0.36 11.25 4.93
N ASP A 14 -0.49 11.82 3.73
CA ASP A 14 -0.97 11.06 2.58
C ASP A 14 -0.39 9.66 2.58
N LEU A 15 -1.16 8.70 2.06
CA LEU A 15 -0.73 7.31 2.00
C LEU A 15 0.44 7.15 1.04
N LYS A 16 1.51 6.49 1.52
CA LYS A 16 2.69 6.27 0.69
C LYS A 16 2.83 4.79 0.35
N THR A 17 3.72 4.49 -0.60
CA THR A 17 3.94 3.12 -1.03
C THR A 17 5.39 2.91 -1.46
N LYS A 18 5.72 1.68 -1.84
CA LYS A 18 7.08 1.35 -2.28
C LYS A 18 7.05 0.65 -3.63
N GLU A 19 8.23 0.48 -4.23
CA GLU A 19 8.34 -0.17 -5.52
C GLU A 19 9.01 -1.54 -5.38
N ALA A 20 8.23 -2.60 -5.58
CA ALA A 20 8.74 -3.96 -5.48
C ALA A 20 8.62 -4.69 -6.81
N SER A 21 9.33 -5.81 -6.93
CA SER A 21 9.30 -6.60 -8.15
C SER A 21 8.23 -7.69 -8.08
N GLU A 22 7.79 -8.17 -9.24
CA GLU A 22 6.78 -9.21 -9.29
C GLU A 22 7.11 -10.36 -8.35
N GLY A 23 6.12 -10.77 -7.56
CA GLY A 23 6.33 -11.86 -6.62
C GLY A 23 6.93 -11.39 -5.31
N ALA A 24 7.04 -10.07 -5.17
CA ALA A 24 7.60 -9.49 -3.95
C ALA A 24 6.50 -8.99 -3.03
N THR A 25 6.90 -8.44 -1.88
CA THR A 25 5.94 -7.92 -0.91
C THR A 25 6.11 -6.42 -0.70
N ALA A 26 5.07 -5.66 -1.02
CA ALA A 26 5.11 -4.22 -0.87
C ALA A 26 4.83 -3.81 0.57
N THR A 27 5.08 -2.54 0.88
CA THR A 27 4.85 -2.02 2.22
C THR A 27 4.50 -0.53 2.18
N LEU A 28 3.26 -0.22 2.58
CA LEU A 28 2.81 1.17 2.60
C LEU A 28 2.72 1.70 4.03
N GLN A 29 3.13 2.95 4.21
CA GLN A 29 3.11 3.58 5.53
C GLN A 29 2.26 4.84 5.51
N CYS A 30 1.36 4.97 6.48
CA CYS A 30 0.49 6.14 6.57
C CYS A 30 0.34 6.58 8.02
N GLU A 31 -0.02 7.86 8.20
CA GLU A 31 -0.20 8.41 9.54
C GLU A 31 -1.64 8.85 9.77
N LEU A 32 -1.98 9.12 11.01
CA LEU A 32 -3.33 9.55 11.36
C LEU A 32 -3.30 10.60 12.47
N SER A 33 -4.42 11.31 12.64
CA SER A 33 -4.52 12.35 13.66
C SER A 33 -4.65 11.72 15.05
N LYS A 34 -5.12 10.48 15.09
CA LYS A 34 -5.28 9.77 16.35
C LYS A 34 -5.67 8.31 16.11
N VAL A 35 -5.34 7.45 17.07
CA VAL A 35 -5.66 6.03 16.96
C VAL A 35 -7.12 5.82 16.64
N ALA A 36 -7.38 5.26 15.45
CA ALA A 36 -8.75 5.00 15.02
C ALA A 36 -8.79 3.86 13.99
N PRO A 37 -9.94 3.17 13.93
CA PRO A 37 -10.13 2.05 12.99
C PRO A 37 -10.20 2.51 11.54
N VAL A 38 -9.52 1.78 10.66
CA VAL A 38 -9.50 2.11 9.24
C VAL A 38 -9.64 0.86 8.38
N GLU A 39 -9.93 1.06 7.10
CA GLU A 39 -10.09 -0.06 6.17
C GLU A 39 -9.49 0.28 4.82
N TRP A 40 -8.53 -0.53 4.38
CA TRP A 40 -7.87 -0.31 3.09
C TRP A 40 -8.74 -0.84 1.95
N LYS A 41 -8.62 -0.21 0.79
CA LYS A 41 -9.38 -0.62 -0.38
C LYS A 41 -8.53 -0.54 -1.65
N LYS A 42 -8.83 -1.41 -2.60
CA LYS A 42 -8.09 -1.45 -3.87
C LYS A 42 -9.02 -1.20 -5.05
N GLY A 43 -10.20 -0.66 -4.76
CA GLY A 43 -11.16 -0.38 -5.82
C GLY A 43 -12.60 -0.53 -5.35
N PRO A 44 -13.45 -1.05 -6.24
CA PRO A 44 -14.88 -1.25 -5.92
C PRO A 44 -15.09 -2.37 -4.91
N GLU A 45 -14.00 -2.94 -4.41
CA GLU A 45 -14.07 -4.01 -3.44
C GLU A 45 -13.47 -3.59 -2.10
N THR A 46 -13.64 -4.41 -1.09
CA THR A 46 -13.12 -4.13 0.24
C THR A 46 -11.99 -5.08 0.61
N LEU A 47 -11.05 -4.60 1.42
CA LEU A 47 -9.92 -5.41 1.85
C LEU A 47 -9.82 -5.44 3.37
N ARG A 48 -9.19 -6.49 3.89
CA ARG A 48 -9.02 -6.63 5.34
C ARG A 48 -7.87 -7.57 5.66
N ASP A 49 -7.33 -7.46 6.87
CA ASP A 49 -6.22 -8.30 7.30
C ASP A 49 -6.67 -9.75 7.44
N GLY A 50 -6.02 -10.63 6.68
CA GLY A 50 -6.36 -12.04 6.73
C GLY A 50 -5.79 -12.82 5.55
N GLY A 51 -6.20 -12.45 4.35
CA GLY A 51 -5.71 -13.13 3.16
C GLY A 51 -4.36 -12.62 2.71
N ARG A 52 -4.21 -12.41 1.41
CA ARG A 52 -2.95 -11.92 0.84
C ARG A 52 -2.79 -10.43 1.10
N TYR A 53 -3.02 -10.01 2.35
CA TYR A 53 -2.91 -8.60 2.72
C TYR A 53 -2.79 -8.44 4.23
N SER A 54 -1.62 -8.04 4.69
CA SER A 54 -1.38 -7.85 6.11
C SER A 54 -1.41 -6.37 6.48
N LEU A 55 -2.34 -6.00 7.36
CA LEU A 55 -2.48 -4.61 7.79
C LEU A 55 -2.29 -4.50 9.30
N LYS A 56 -1.17 -3.92 9.71
CA LYS A 56 -0.87 -3.75 11.12
C LYS A 56 -1.15 -2.31 11.57
N GLN A 57 -1.65 -2.16 12.78
CA GLN A 57 -1.96 -0.84 13.32
C GLN A 57 -1.03 -0.50 14.48
N ASP A 58 -0.12 0.44 14.23
CA ASP A 58 0.83 0.87 15.25
C ASP A 58 0.48 2.24 15.79
N GLY A 59 -0.43 2.29 16.76
CA GLY A 59 -0.84 3.55 17.34
C GLY A 59 -1.58 4.43 16.34
N THR A 60 -0.91 5.47 15.85
CA THR A 60 -1.52 6.38 14.90
C THR A 60 -0.97 6.14 13.49
N ARG A 61 -0.32 5.00 13.30
CA ARG A 61 0.24 4.65 12.00
C ARG A 61 -0.19 3.24 11.58
N CYS A 62 -0.27 3.01 10.28
CA CYS A 62 -0.67 1.71 9.76
C CYS A 62 0.33 1.22 8.70
N GLU A 63 0.44 -0.10 8.58
CA GLU A 63 1.36 -0.70 7.62
C GLU A 63 0.69 -1.82 6.85
N LEU A 64 0.59 -1.66 5.54
CA LEU A 64 -0.05 -2.67 4.68
C LEU A 64 1.01 -3.47 3.93
N GLN A 65 0.78 -4.78 3.82
CA GLN A 65 1.72 -5.66 3.13
C GLN A 65 0.99 -6.51 2.09
N ILE A 66 1.49 -6.48 0.86
CA ILE A 66 0.88 -7.25 -0.23
C ILE A 66 1.81 -8.36 -0.69
N HIS A 67 1.59 -9.57 -0.17
CA HIS A 67 2.42 -10.71 -0.55
C HIS A 67 2.06 -11.20 -1.94
N ASP A 68 3.04 -11.82 -2.61
CA ASP A 68 2.83 -12.33 -3.96
C ASP A 68 2.37 -11.22 -4.90
N LEU A 69 3.09 -10.11 -4.90
CA LEU A 69 2.76 -8.98 -5.75
C LEU A 69 2.63 -9.41 -7.21
N SER A 70 2.26 -8.46 -8.07
CA SER A 70 2.10 -8.74 -9.49
C SER A 70 1.84 -7.47 -10.28
N VAL A 71 2.46 -7.34 -11.44
CA VAL A 71 2.29 -6.17 -12.28
C VAL A 71 0.83 -5.76 -12.36
N ALA A 72 -0.07 -6.74 -12.32
CA ALA A 72 -1.49 -6.47 -12.39
C ALA A 72 -1.98 -5.79 -11.12
N ASP A 73 -1.40 -6.17 -9.99
CA ASP A 73 -1.78 -5.59 -8.70
C ASP A 73 -1.52 -4.09 -8.68
N ALA A 74 -0.41 -3.68 -9.29
CA ALA A 74 -0.05 -2.27 -9.36
C ALA A 74 -1.24 -1.41 -9.74
N GLY A 75 -1.77 -0.68 -8.77
CA GLY A 75 -2.92 0.18 -9.03
C GLY A 75 -2.99 1.36 -8.07
N GLU A 76 -4.13 1.51 -7.41
CA GLU A 76 -4.32 2.60 -6.46
C GLU A 76 -5.00 2.11 -5.19
N TYR A 77 -4.27 2.17 -4.08
CA TYR A 77 -4.80 1.73 -2.80
C TYR A 77 -5.33 2.90 -1.98
N SER A 78 -6.63 2.90 -1.71
CA SER A 78 -7.25 3.97 -0.95
C SER A 78 -7.70 3.46 0.42
N CYS A 79 -7.55 4.31 1.43
CA CYS A 79 -7.94 3.96 2.79
C CYS A 79 -8.96 4.95 3.35
N MET A 80 -10.11 4.44 3.77
CA MET A 80 -11.17 5.28 4.32
C MET A 80 -11.17 5.22 5.84
N CYS A 81 -11.12 6.39 6.47
CA CYS A 81 -11.12 6.46 7.93
C CYS A 81 -12.18 7.44 8.42
N GLY A 82 -13.34 6.91 8.81
CA GLY A 82 -14.42 7.75 9.29
C GLY A 82 -15.04 8.59 8.18
N GLN A 83 -14.43 9.73 7.89
CA GLN A 83 -14.92 10.63 6.85
C GLN A 83 -13.84 10.93 5.83
N GLU A 84 -12.61 11.11 6.30
CA GLU A 84 -11.49 11.40 5.43
C GLU A 84 -11.12 10.18 4.58
N ARG A 85 -10.25 10.38 3.60
CA ARG A 85 -9.82 9.30 2.71
C ARG A 85 -8.51 9.66 2.02
N THR A 86 -7.68 8.65 1.79
CA THR A 86 -6.39 8.85 1.13
C THR A 86 -6.15 7.80 0.05
N SER A 87 -5.22 8.09 -0.85
CA SER A 87 -4.89 7.17 -1.94
C SER A 87 -3.39 7.06 -2.12
N ALA A 88 -2.93 5.90 -2.56
CA ALA A 88 -1.51 5.65 -2.78
C ALA A 88 -1.28 4.79 -4.01
N THR A 89 -0.44 5.26 -4.92
CA THR A 89 -0.15 4.52 -6.14
C THR A 89 1.05 3.61 -5.96
N LEU A 90 0.80 2.31 -5.87
CA LEU A 90 1.86 1.33 -5.69
C LEU A 90 2.63 1.12 -6.98
N THR A 91 3.93 0.82 -6.85
CA THR A 91 4.79 0.60 -8.01
C THR A 91 5.20 -0.86 -8.11
N VAL A 92 5.01 -1.45 -9.28
CA VAL A 92 5.37 -2.84 -9.51
C VAL A 92 6.27 -2.99 -10.73
N ARG A 93 7.47 -3.51 -10.52
CA ARG A 93 8.42 -3.70 -11.61
C ARG A 93 8.37 -5.14 -12.14
N ALA A 94 8.16 -5.27 -13.44
CA ALA A 94 8.08 -6.58 -14.06
C ALA A 94 9.42 -7.30 -13.99
N LEU A 95 9.38 -8.63 -13.86
CA LEU A 95 10.58 -9.43 -13.77
C LEU A 95 11.55 -9.09 -14.89
N PRO A 96 12.85 -9.32 -14.65
CA PRO A 96 13.90 -9.04 -15.64
C PRO A 96 13.86 -10.00 -16.81
N ALA A 97 13.55 -9.47 -18.00
CA ALA A 97 13.47 -10.27 -19.20
C ALA A 97 14.87 -10.64 -19.71
N ARG A 98 14.97 -11.79 -20.37
CA ARG A 98 16.25 -12.26 -20.89
C ARG A 98 16.69 -11.42 -22.09
N PHE A 99 17.66 -10.55 -21.87
CA PHE A 99 18.17 -9.69 -22.93
C PHE A 99 19.44 -10.27 -23.54
N THR A 100 20.42 -10.57 -22.69
CA THR A 100 21.69 -11.13 -23.14
C THR A 100 21.54 -12.60 -23.52
N GLU A 101 21.66 -12.89 -24.80
CA GLU A 101 21.54 -14.26 -25.29
C GLU A 101 22.91 -14.85 -25.60
N GLY A 102 23.51 -15.48 -24.60
CA GLY A 102 24.82 -16.08 -24.78
C GLY A 102 25.78 -15.18 -25.54
N SER A 103 26.84 -15.77 -26.07
CA SER A 103 27.84 -15.00 -26.82
C SER A 103 27.33 -14.68 -28.22
N GLY A 104 27.21 -13.39 -28.52
CA GLY A 104 26.73 -12.98 -29.83
C GLY A 104 27.84 -12.95 -30.86
N PRO A 105 28.42 -11.77 -31.09
CA PRO A 105 29.50 -11.58 -32.06
C PRO A 105 30.81 -12.24 -31.61
N SER A 106 31.23 -13.27 -32.34
CA SER A 106 32.46 -13.99 -32.01
C SER A 106 33.44 -13.93 -33.17
N SER A 107 34.18 -12.83 -33.28
CA SER A 107 35.15 -12.66 -34.34
C SER A 107 34.52 -12.92 -35.71
N GLY A 108 33.40 -12.24 -35.98
CA GLY A 108 32.71 -12.41 -37.24
C GLY A 108 31.70 -11.31 -37.51
N GLY A 1 -28.50 19.21 16.04
CA GLY A 1 -27.08 19.40 16.25
C GLY A 1 -26.57 18.67 17.48
N SER A 2 -26.13 19.44 18.47
CA SER A 2 -25.62 18.86 19.71
C SER A 2 -24.41 17.97 19.43
N SER A 3 -23.53 18.42 18.55
CA SER A 3 -22.34 17.67 18.18
C SER A 3 -21.26 17.80 19.25
N GLY A 4 -21.23 16.84 20.18
CA GLY A 4 -20.23 16.87 21.24
C GLY A 4 -18.92 16.26 20.82
N SER A 5 -18.96 14.99 20.44
CA SER A 5 -17.75 14.28 20.02
C SER A 5 -17.08 14.99 18.85
N SER A 6 -15.85 15.46 19.07
CA SER A 6 -15.10 16.16 18.03
C SER A 6 -15.32 15.51 16.67
N GLY A 7 -15.20 14.19 16.63
CA GLY A 7 -15.38 13.47 15.38
C GLY A 7 -14.41 12.32 15.23
N PRO A 8 -14.58 11.53 14.15
CA PRO A 8 -13.72 10.38 13.87
C PRO A 8 -12.30 10.79 13.49
N ALA A 9 -11.36 9.85 13.65
CA ALA A 9 -9.96 10.12 13.31
C ALA A 9 -9.82 10.50 11.85
N ARG A 10 -8.79 11.28 11.54
CA ARG A 10 -8.53 11.71 10.17
C ARG A 10 -7.07 11.44 9.78
N PHE A 11 -6.75 11.74 8.53
CA PHE A 11 -5.39 11.53 8.03
C PHE A 11 -4.57 12.80 8.16
N THR A 12 -3.32 12.65 8.57
CA THR A 12 -2.41 13.78 8.74
C THR A 12 -1.27 13.74 7.74
N GLN A 13 -0.91 12.52 7.31
CA GLN A 13 0.17 12.33 6.36
C GLN A 13 -0.30 11.49 5.17
N ASP A 14 -0.52 12.15 4.04
CA ASP A 14 -0.96 11.46 2.83
C ASP A 14 -0.32 10.08 2.72
N LEU A 15 -1.14 9.07 2.49
CA LEU A 15 -0.64 7.70 2.37
C LEU A 15 0.59 7.64 1.48
N LYS A 16 1.46 6.68 1.75
CA LYS A 16 2.68 6.52 0.96
C LYS A 16 2.92 5.05 0.63
N THR A 17 3.63 4.80 -0.47
CA THR A 17 3.94 3.44 -0.89
C THR A 17 5.39 3.31 -1.34
N LYS A 18 5.74 2.14 -1.84
CA LYS A 18 7.10 1.88 -2.30
C LYS A 18 7.09 1.21 -3.67
N GLU A 19 8.29 0.89 -4.18
CA GLU A 19 8.41 0.26 -5.48
C GLU A 19 9.10 -1.11 -5.36
N ALA A 20 8.34 -2.17 -5.57
CA ALA A 20 8.86 -3.52 -5.48
C ALA A 20 8.66 -4.28 -6.79
N SER A 21 9.32 -5.43 -6.91
CA SER A 21 9.21 -6.25 -8.11
C SER A 21 8.26 -7.43 -7.89
N GLU A 22 7.92 -8.11 -8.97
CA GLU A 22 7.03 -9.27 -8.88
C GLU A 22 7.51 -10.24 -7.82
N GLY A 23 6.55 -10.86 -7.12
CA GLY A 23 6.89 -11.81 -6.07
C GLY A 23 7.35 -11.13 -4.80
N ALA A 24 7.32 -9.81 -4.79
CA ALA A 24 7.74 -9.04 -3.62
C ALA A 24 6.59 -8.89 -2.64
N THR A 25 6.82 -8.10 -1.59
CA THR A 25 5.80 -7.87 -0.56
C THR A 25 5.54 -6.38 -0.38
N ALA A 26 4.47 -5.89 -1.00
CA ALA A 26 4.10 -4.48 -0.91
C ALA A 26 4.30 -3.96 0.52
N THR A 27 4.35 -2.65 0.66
CA THR A 27 4.53 -2.02 1.96
C THR A 27 4.18 -0.53 1.92
N LEU A 28 3.07 -0.19 2.56
CA LEU A 28 2.63 1.21 2.60
C LEU A 28 2.49 1.70 4.03
N GLN A 29 3.01 2.90 4.28
CA GLN A 29 2.94 3.49 5.62
C GLN A 29 2.14 4.79 5.60
N CYS A 30 1.26 4.95 6.58
CA CYS A 30 0.44 6.14 6.68
C CYS A 30 0.42 6.67 8.11
N GLU A 31 -0.29 7.77 8.33
CA GLU A 31 -0.40 8.38 9.65
C GLU A 31 -1.84 8.76 9.96
N LEU A 32 -2.10 9.06 11.23
CA LEU A 32 -3.44 9.44 11.66
C LEU A 32 -3.38 10.43 12.81
N SER A 33 -4.43 11.24 12.95
CA SER A 33 -4.49 12.23 14.02
C SER A 33 -4.58 11.57 15.38
N LYS A 34 -5.06 10.33 15.40
CA LYS A 34 -5.19 9.58 16.64
C LYS A 34 -5.35 8.08 16.36
N VAL A 35 -5.05 7.26 17.35
CA VAL A 35 -5.15 5.82 17.21
C VAL A 35 -6.60 5.39 16.94
N ALA A 36 -6.89 5.05 15.70
CA ALA A 36 -8.24 4.63 15.32
C ALA A 36 -8.19 3.58 14.22
N PRO A 37 -9.18 2.68 14.21
CA PRO A 37 -9.27 1.60 13.21
C PRO A 37 -9.61 2.13 11.82
N VAL A 38 -8.84 1.72 10.83
CA VAL A 38 -9.05 2.15 9.46
C VAL A 38 -9.26 0.96 8.53
N GLU A 39 -9.66 1.24 7.29
CA GLU A 39 -9.90 0.19 6.31
C GLU A 39 -9.23 0.52 4.98
N TRP A 40 -8.53 -0.46 4.42
CA TRP A 40 -7.84 -0.26 3.15
C TRP A 40 -8.70 -0.74 1.99
N LYS A 41 -8.53 -0.10 0.83
CA LYS A 41 -9.30 -0.45 -0.36
C LYS A 41 -8.41 -0.45 -1.60
N LYS A 42 -8.71 -1.33 -2.55
CA LYS A 42 -7.95 -1.43 -3.78
C LYS A 42 -8.77 -0.98 -4.97
N GLY A 43 -9.88 -0.30 -4.70
CA GLY A 43 -10.74 0.19 -5.76
C GLY A 43 -12.19 0.22 -5.35
N PRO A 44 -13.08 -0.12 -6.30
CA PRO A 44 -14.53 -0.12 -6.06
C PRO A 44 -14.96 -1.25 -5.12
N GLU A 45 -13.97 -1.99 -4.60
CA GLU A 45 -14.25 -3.09 -3.70
C GLU A 45 -13.56 -2.88 -2.35
N THR A 46 -13.83 -3.77 -1.40
CA THR A 46 -13.24 -3.67 -0.08
C THR A 46 -12.30 -4.84 0.20
N LEU A 47 -11.15 -4.54 0.79
CA LEU A 47 -10.16 -5.57 1.11
C LEU A 47 -10.25 -5.98 2.58
N ARG A 48 -9.38 -6.89 2.99
CA ARG A 48 -9.36 -7.37 4.37
C ARG A 48 -7.99 -7.92 4.73
N ASP A 49 -7.78 -8.16 6.03
CA ASP A 49 -6.51 -8.70 6.50
C ASP A 49 -6.55 -10.22 6.57
N GLY A 50 -5.74 -10.86 5.72
CA GLY A 50 -5.71 -12.31 5.70
C GLY A 50 -5.28 -12.86 4.35
N GLY A 51 -5.11 -14.17 4.27
CA GLY A 51 -4.71 -14.79 3.02
C GLY A 51 -3.45 -14.17 2.45
N ARG A 52 -3.62 -13.21 1.55
CA ARG A 52 -2.49 -12.55 0.92
C ARG A 52 -2.50 -11.04 1.23
N TYR A 53 -2.80 -10.71 2.47
CA TYR A 53 -2.86 -9.31 2.90
C TYR A 53 -2.63 -9.19 4.40
N SER A 54 -1.63 -8.41 4.78
CA SER A 54 -1.30 -8.20 6.18
C SER A 54 -1.30 -6.71 6.53
N LEU A 55 -2.23 -6.32 7.40
CA LEU A 55 -2.34 -4.92 7.81
C LEU A 55 -2.08 -4.78 9.30
N LYS A 56 -0.89 -4.30 9.65
CA LYS A 56 -0.52 -4.11 11.06
C LYS A 56 -0.73 -2.67 11.48
N GLN A 57 -1.61 -2.47 12.45
CA GLN A 57 -1.89 -1.13 12.96
C GLN A 57 -0.95 -0.77 14.10
N ASP A 58 -0.73 0.54 14.28
CA ASP A 58 0.15 1.02 15.34
C ASP A 58 -0.17 2.47 15.68
N GLY A 59 0.54 3.00 16.67
CA GLY A 59 0.33 4.38 17.09
C GLY A 59 0.13 5.32 15.91
N THR A 60 -1.12 5.69 15.66
CA THR A 60 -1.44 6.59 14.56
C THR A 60 -0.61 6.25 13.32
N ARG A 61 -0.40 4.96 13.09
CA ARG A 61 0.37 4.51 11.94
C ARG A 61 -0.01 3.08 11.55
N CYS A 62 -0.21 2.86 10.26
CA CYS A 62 -0.59 1.54 9.75
C CYS A 62 0.36 1.10 8.64
N GLU A 63 0.60 -0.21 8.56
CA GLU A 63 1.49 -0.76 7.54
C GLU A 63 0.80 -1.88 6.78
N LEU A 64 0.55 -1.66 5.49
CA LEU A 64 -0.10 -2.66 4.65
C LEU A 64 0.93 -3.47 3.87
N GLN A 65 0.84 -4.79 3.97
CA GLN A 65 1.77 -5.67 3.27
C GLN A 65 1.02 -6.63 2.35
N ILE A 66 1.46 -6.71 1.11
CA ILE A 66 0.83 -7.59 0.12
C ILE A 66 1.78 -8.70 -0.31
N HIS A 67 1.67 -9.86 0.32
CA HIS A 67 2.51 -10.99 -0.01
C HIS A 67 2.20 -11.52 -1.40
N ASP A 68 3.24 -11.86 -2.16
CA ASP A 68 3.07 -12.38 -3.51
C ASP A 68 2.69 -11.26 -4.48
N LEU A 69 3.49 -10.20 -4.48
CA LEU A 69 3.23 -9.06 -5.36
C LEU A 69 3.16 -9.50 -6.81
N SER A 70 2.62 -8.63 -7.66
CA SER A 70 2.50 -8.93 -9.08
C SER A 70 2.04 -7.71 -9.86
N VAL A 71 2.35 -7.68 -11.16
CA VAL A 71 1.97 -6.56 -12.01
C VAL A 71 0.48 -6.24 -11.87
N ALA A 72 -0.31 -7.28 -11.62
CA ALA A 72 -1.75 -7.12 -11.46
C ALA A 72 -2.08 -6.30 -10.21
N ASP A 73 -1.26 -6.46 -9.18
CA ASP A 73 -1.46 -5.74 -7.93
C ASP A 73 -1.03 -4.29 -8.05
N ALA A 74 -0.29 -3.99 -9.13
CA ALA A 74 0.18 -2.63 -9.36
C ALA A 74 -0.96 -1.71 -9.79
N GLY A 75 -1.46 -0.93 -8.85
CA GLY A 75 -2.55 -0.01 -9.15
C GLY A 75 -2.63 1.14 -8.16
N GLU A 76 -3.77 1.26 -7.49
CA GLU A 76 -3.97 2.33 -6.52
C GLU A 76 -4.71 1.82 -5.28
N TYR A 77 -4.25 2.22 -4.11
CA TYR A 77 -4.86 1.80 -2.86
C TYR A 77 -5.39 3.00 -2.08
N SER A 78 -6.64 2.91 -1.66
CA SER A 78 -7.27 3.99 -0.90
C SER A 78 -7.69 3.51 0.49
N CYS A 79 -7.51 4.37 1.48
CA CYS A 79 -7.86 4.04 2.86
C CYS A 79 -8.83 5.07 3.44
N MET A 80 -10.01 4.62 3.83
CA MET A 80 -11.02 5.51 4.40
C MET A 80 -11.00 5.44 5.93
N CYS A 81 -10.98 6.60 6.57
CA CYS A 81 -10.95 6.67 8.03
C CYS A 81 -11.99 7.68 8.53
N GLY A 82 -13.17 7.18 8.89
CA GLY A 82 -14.22 8.04 9.39
C GLY A 82 -14.88 8.85 8.28
N GLN A 83 -14.30 10.01 7.99
CA GLN A 83 -14.84 10.88 6.94
C GLN A 83 -13.78 11.18 5.89
N GLU A 84 -12.54 11.34 6.33
CA GLU A 84 -11.44 11.62 5.42
C GLU A 84 -11.11 10.41 4.55
N ARG A 85 -10.30 10.62 3.52
CA ARG A 85 -9.91 9.54 2.63
C ARG A 85 -8.57 9.85 1.96
N THR A 86 -7.83 8.81 1.63
CA THR A 86 -6.53 8.96 0.98
C THR A 86 -6.28 7.84 -0.03
N SER A 87 -5.34 8.08 -0.95
CA SER A 87 -5.01 7.11 -1.97
C SER A 87 -3.51 7.06 -2.21
N ALA A 88 -3.03 5.93 -2.75
CA ALA A 88 -1.61 5.77 -3.02
C ALA A 88 -1.40 4.79 -4.18
N THR A 89 -0.66 5.24 -5.20
CA THR A 89 -0.38 4.40 -6.35
C THR A 89 0.86 3.55 -6.13
N LEU A 90 0.68 2.23 -6.12
CA LEU A 90 1.80 1.30 -5.92
C LEU A 90 2.51 1.03 -7.23
N THR A 91 3.83 0.85 -7.15
CA THR A 91 4.64 0.57 -8.33
C THR A 91 5.22 -0.84 -8.29
N VAL A 92 4.92 -1.63 -9.31
CA VAL A 92 5.41 -2.99 -9.40
C VAL A 92 6.27 -3.20 -10.64
N ARG A 93 7.42 -3.85 -10.46
CA ARG A 93 8.33 -4.11 -11.57
C ARG A 93 8.23 -5.55 -12.02
N ALA A 94 7.98 -5.75 -13.32
CA ALA A 94 7.86 -7.09 -13.88
C ALA A 94 9.23 -7.76 -13.99
N LEU A 95 9.29 -9.04 -13.65
CA LEU A 95 10.54 -9.79 -13.71
C LEU A 95 11.28 -9.51 -15.01
N PRO A 96 12.61 -9.70 -14.98
CA PRO A 96 13.46 -9.46 -16.15
C PRO A 96 13.24 -10.50 -17.25
N ALA A 97 13.40 -10.08 -18.50
CA ALA A 97 13.22 -10.97 -19.64
C ALA A 97 14.50 -11.75 -19.94
N ARG A 98 15.64 -11.11 -19.68
CA ARG A 98 16.93 -11.74 -19.93
C ARG A 98 17.76 -11.79 -18.64
N PHE A 99 18.40 -12.94 -18.41
CA PHE A 99 19.22 -13.13 -17.22
C PHE A 99 20.70 -12.94 -17.55
N THR A 100 21.54 -12.97 -16.51
CA THR A 100 22.98 -12.80 -16.70
C THR A 100 23.55 -13.90 -17.59
N GLU A 101 23.81 -13.57 -18.84
CA GLU A 101 24.36 -14.53 -19.79
C GLU A 101 25.77 -14.13 -20.23
N GLY A 102 26.58 -15.11 -20.60
CA GLY A 102 27.93 -14.83 -21.04
C GLY A 102 28.04 -14.67 -22.54
N SER A 103 29.19 -14.20 -23.01
CA SER A 103 29.41 -14.00 -24.43
C SER A 103 30.74 -14.60 -24.87
N GLY A 104 31.83 -14.08 -24.30
CA GLY A 104 33.15 -14.58 -24.64
C GLY A 104 33.91 -13.64 -25.54
N PRO A 105 35.23 -13.89 -25.68
CA PRO A 105 36.10 -13.05 -26.52
C PRO A 105 35.80 -13.21 -28.01
N SER A 106 36.27 -12.25 -28.81
CA SER A 106 36.05 -12.29 -30.25
C SER A 106 36.47 -13.64 -30.84
N SER A 107 36.02 -13.91 -32.05
CA SER A 107 36.35 -15.16 -32.72
C SER A 107 37.82 -15.20 -33.13
N GLY A 108 38.39 -16.40 -33.13
CA GLY A 108 39.79 -16.55 -33.50
C GLY A 108 40.09 -17.91 -34.10
N GLY A 1 -12.00 28.49 16.96
CA GLY A 1 -12.57 29.15 18.12
C GLY A 1 -12.97 28.16 19.22
N SER A 2 -14.27 27.98 19.39
CA SER A 2 -14.79 27.07 20.41
C SER A 2 -14.39 25.63 20.09
N SER A 3 -13.27 25.19 20.64
CA SER A 3 -12.77 23.84 20.41
C SER A 3 -13.69 22.81 21.06
N GLY A 4 -13.86 21.67 20.39
CA GLY A 4 -14.72 20.62 20.92
C GLY A 4 -15.27 19.72 19.83
N SER A 5 -15.82 20.33 18.78
CA SER A 5 -16.40 19.58 17.68
C SER A 5 -15.33 18.72 17.00
N SER A 6 -15.38 17.42 17.25
CA SER A 6 -14.41 16.49 16.67
C SER A 6 -14.82 15.05 16.94
N GLY A 7 -15.16 14.33 15.88
CA GLY A 7 -15.56 12.94 16.03
C GLY A 7 -14.54 11.98 15.45
N PRO A 8 -14.69 11.65 14.16
CA PRO A 8 -13.79 10.73 13.46
C PRO A 8 -12.40 11.33 13.25
N ALA A 9 -11.41 10.47 13.02
CA ALA A 9 -10.04 10.92 12.80
C ALA A 9 -9.81 11.29 11.34
N ARG A 10 -8.84 12.16 11.10
CA ARG A 10 -8.53 12.60 9.75
C ARG A 10 -7.04 12.36 9.44
N PHE A 11 -6.77 11.95 8.19
CA PHE A 11 -5.40 11.69 7.77
C PHE A 11 -4.54 12.93 7.92
N THR A 12 -3.31 12.74 8.39
CA THR A 12 -2.37 13.85 8.58
C THR A 12 -1.19 13.73 7.63
N GLN A 13 -0.89 12.52 7.19
CA GLN A 13 0.21 12.29 6.28
C GLN A 13 -0.22 11.43 5.09
N ASP A 14 -0.25 12.03 3.91
CA ASP A 14 -0.65 11.31 2.70
C ASP A 14 -0.10 9.90 2.70
N LEU A 15 -0.88 8.96 2.18
CA LEU A 15 -0.48 7.56 2.11
C LEU A 15 0.88 7.42 1.42
N LYS A 16 1.70 6.50 1.92
CA LYS A 16 3.02 6.27 1.35
C LYS A 16 3.07 4.93 0.60
N THR A 17 4.01 4.81 -0.31
CA THR A 17 4.16 3.59 -1.10
C THR A 17 5.48 3.58 -1.86
N LYS A 18 5.88 2.39 -2.33
CA LYS A 18 7.12 2.25 -3.08
C LYS A 18 6.93 1.34 -4.28
N GLU A 19 8.02 1.05 -4.99
CA GLU A 19 7.96 0.20 -6.16
C GLU A 19 8.83 -1.05 -5.96
N ALA A 20 8.16 -2.20 -5.83
CA ALA A 20 8.85 -3.46 -5.63
C ALA A 20 8.68 -4.38 -6.84
N SER A 21 9.46 -5.45 -6.87
CA SER A 21 9.40 -6.40 -7.98
C SER A 21 8.38 -7.50 -7.70
N GLU A 22 8.08 -8.31 -8.72
CA GLU A 22 7.12 -9.39 -8.58
C GLU A 22 7.56 -10.38 -7.50
N GLY A 23 6.59 -10.90 -6.75
CA GLY A 23 6.88 -11.84 -5.70
C GLY A 23 7.34 -11.15 -4.42
N ALA A 24 7.81 -9.92 -4.55
CA ALA A 24 8.26 -9.16 -3.40
C ALA A 24 7.11 -8.88 -2.43
N THR A 25 7.39 -8.07 -1.42
CA THR A 25 6.38 -7.72 -0.42
C THR A 25 6.24 -6.21 -0.28
N ALA A 26 5.09 -5.69 -0.70
CA ALA A 26 4.83 -4.27 -0.62
C ALA A 26 4.79 -3.79 0.82
N THR A 27 4.63 -2.48 1.02
CA THR A 27 4.58 -1.89 2.35
C THR A 27 4.11 -0.45 2.30
N LEU A 28 2.88 -0.23 2.75
CA LEU A 28 2.30 1.12 2.77
C LEU A 28 2.08 1.60 4.20
N GLN A 29 2.66 2.76 4.51
CA GLN A 29 2.53 3.33 5.85
C GLN A 29 1.79 4.66 5.80
N CYS A 30 0.73 4.78 6.60
CA CYS A 30 -0.07 6.00 6.64
C CYS A 30 -0.24 6.49 8.07
N GLU A 31 -0.56 7.77 8.22
CA GLU A 31 -0.76 8.35 9.54
C GLU A 31 -2.21 8.79 9.74
N LEU A 32 -2.56 9.12 10.97
CA LEU A 32 -3.92 9.54 11.30
C LEU A 32 -3.92 10.56 12.43
N SER A 33 -4.97 11.38 12.49
CA SER A 33 -5.09 12.39 13.53
C SER A 33 -5.13 11.75 14.91
N LYS A 34 -5.66 10.54 14.98
CA LYS A 34 -5.76 9.82 16.24
C LYS A 34 -6.01 8.33 16.00
N VAL A 35 -5.95 7.55 17.08
CA VAL A 35 -6.18 6.11 16.98
C VAL A 35 -7.63 5.80 16.62
N ALA A 36 -7.83 5.35 15.40
CA ALA A 36 -9.17 5.01 14.92
C ALA A 36 -9.13 3.86 13.92
N PRO A 37 -10.25 3.15 13.79
CA PRO A 37 -10.37 2.01 12.87
C PRO A 37 -10.36 2.44 11.41
N VAL A 38 -9.51 1.80 10.61
CA VAL A 38 -9.41 2.12 9.19
C VAL A 38 -9.67 0.90 8.33
N GLU A 39 -9.87 1.12 7.03
CA GLU A 39 -10.13 0.03 6.10
C GLU A 39 -9.47 0.30 4.74
N TRP A 40 -8.58 -0.59 4.34
CA TRP A 40 -7.88 -0.44 3.07
C TRP A 40 -8.76 -0.91 1.91
N LYS A 41 -8.63 -0.23 0.77
CA LYS A 41 -9.41 -0.57 -0.41
C LYS A 41 -8.56 -0.47 -1.67
N LYS A 42 -8.85 -1.33 -2.65
CA LYS A 42 -8.12 -1.34 -3.90
C LYS A 42 -9.01 -0.88 -5.06
N GLY A 43 -10.21 -0.40 -4.72
CA GLY A 43 -11.13 0.07 -5.74
C GLY A 43 -12.57 0.02 -5.29
N PRO A 44 -13.47 -0.35 -6.20
CA PRO A 44 -14.91 -0.45 -5.91
C PRO A 44 -15.23 -1.62 -4.98
N GLU A 45 -14.19 -2.29 -4.51
CA GLU A 45 -14.37 -3.43 -3.62
C GLU A 45 -13.71 -3.17 -2.26
N THR A 46 -13.97 -4.06 -1.30
CA THR A 46 -13.39 -3.91 0.03
C THR A 46 -12.46 -5.08 0.35
N LEU A 47 -11.29 -4.76 0.90
CA LEU A 47 -10.31 -5.78 1.24
C LEU A 47 -10.34 -6.08 2.74
N ARG A 48 -9.61 -7.10 3.16
CA ARG A 48 -9.56 -7.48 4.56
C ARG A 48 -8.20 -8.09 4.91
N ASP A 49 -7.92 -8.19 6.20
CA ASP A 49 -6.65 -8.75 6.67
C ASP A 49 -6.74 -10.27 6.76
N GLY A 50 -5.79 -10.96 6.12
CA GLY A 50 -5.77 -12.41 6.14
C GLY A 50 -4.43 -12.97 5.75
N GLY A 51 -4.32 -13.44 4.51
CA GLY A 51 -3.08 -14.02 4.03
C GLY A 51 -2.15 -12.97 3.45
N ARG A 52 -1.98 -13.00 2.13
CA ARG A 52 -1.11 -12.06 1.44
C ARG A 52 -1.22 -10.67 2.07
N TYR A 53 -2.44 -10.19 2.22
CA TYR A 53 -2.68 -8.88 2.80
C TYR A 53 -2.46 -8.91 4.31
N SER A 54 -1.41 -8.24 4.78
CA SER A 54 -1.09 -8.20 6.20
C SER A 54 -1.01 -6.75 6.69
N LEU A 55 -2.07 -6.30 7.34
CA LEU A 55 -2.12 -4.94 7.86
C LEU A 55 -1.80 -4.91 9.36
N LYS A 56 -1.08 -3.90 9.79
CA LYS A 56 -0.71 -3.75 11.20
C LYS A 56 -0.94 -2.33 11.67
N GLN A 57 -1.75 -2.18 12.72
CA GLN A 57 -2.05 -0.86 13.28
C GLN A 57 -1.12 -0.54 14.43
N ASP A 58 -0.29 0.47 14.26
CA ASP A 58 0.65 0.89 15.30
C ASP A 58 0.31 2.27 15.83
N GLY A 59 -0.61 2.32 16.79
CA GLY A 59 -1.01 3.60 17.37
C GLY A 59 -1.79 4.45 16.39
N THR A 60 -1.13 5.46 15.83
CA THR A 60 -1.77 6.36 14.88
C THR A 60 -1.26 6.12 13.47
N ARG A 61 -0.73 4.92 13.22
CA ARG A 61 -0.21 4.56 11.92
C ARG A 61 -0.61 3.15 11.53
N CYS A 62 -0.59 2.86 10.24
CA CYS A 62 -0.96 1.54 9.73
C CYS A 62 -0.01 1.08 8.64
N GLU A 63 0.39 -0.19 8.69
CA GLU A 63 1.30 -0.73 7.69
C GLU A 63 0.65 -1.90 6.94
N LEU A 64 0.52 -1.75 5.63
CA LEU A 64 -0.08 -2.79 4.80
C LEU A 64 0.98 -3.52 3.98
N GLN A 65 1.05 -4.84 4.15
CA GLN A 65 2.02 -5.65 3.43
C GLN A 65 1.32 -6.57 2.44
N ILE A 66 1.76 -6.54 1.19
CA ILE A 66 1.18 -7.38 0.15
C ILE A 66 2.17 -8.46 -0.30
N HIS A 67 2.13 -9.61 0.37
CA HIS A 67 3.01 -10.72 0.04
C HIS A 67 2.74 -11.22 -1.38
N ASP A 68 3.78 -11.72 -2.04
CA ASP A 68 3.66 -12.24 -3.39
C ASP A 68 3.24 -11.13 -4.36
N LEU A 69 3.87 -9.97 -4.23
CA LEU A 69 3.57 -8.83 -5.09
C LEU A 69 3.38 -9.27 -6.54
N SER A 70 2.68 -8.46 -7.32
CA SER A 70 2.43 -8.78 -8.72
C SER A 70 2.10 -7.51 -9.51
N VAL A 71 2.38 -7.54 -10.81
CA VAL A 71 2.10 -6.41 -11.67
C VAL A 71 0.63 -5.99 -11.60
N ALA A 72 -0.21 -6.93 -11.20
CA ALA A 72 -1.64 -6.67 -11.08
C ALA A 72 -1.95 -5.82 -9.85
N ASP A 73 -1.14 -5.98 -8.81
CA ASP A 73 -1.32 -5.23 -7.58
C ASP A 73 -1.03 -3.75 -7.80
N ALA A 74 -0.10 -3.46 -8.70
CA ALA A 74 0.28 -2.08 -9.00
C ALA A 74 -0.93 -1.28 -9.49
N GLY A 75 -1.50 -0.48 -8.59
CA GLY A 75 -2.65 0.33 -8.95
C GLY A 75 -2.83 1.52 -8.03
N GLU A 76 -3.98 1.61 -7.38
CA GLU A 76 -4.28 2.70 -6.47
C GLU A 76 -5.01 2.20 -5.23
N TYR A 77 -4.32 2.22 -4.09
CA TYR A 77 -4.89 1.76 -2.84
C TYR A 77 -5.37 2.95 -2.00
N SER A 78 -6.67 2.98 -1.72
CA SER A 78 -7.25 4.05 -0.91
C SER A 78 -7.62 3.56 0.48
N CYS A 79 -7.35 4.40 1.48
CA CYS A 79 -7.65 4.05 2.86
C CYS A 79 -8.62 5.05 3.48
N MET A 80 -9.81 4.57 3.84
CA MET A 80 -10.83 5.43 4.44
C MET A 80 -10.78 5.35 5.96
N CYS A 81 -10.70 6.50 6.62
CA CYS A 81 -10.65 6.56 8.07
C CYS A 81 -11.62 7.60 8.62
N GLY A 82 -12.81 7.14 9.00
CA GLY A 82 -13.81 8.05 9.53
C GLY A 82 -14.50 8.85 8.44
N GLN A 83 -13.90 9.98 8.06
CA GLN A 83 -14.47 10.83 7.03
C GLN A 83 -13.44 11.10 5.93
N GLU A 84 -12.20 11.34 6.33
CA GLU A 84 -11.13 11.61 5.37
C GLU A 84 -10.80 10.36 4.56
N ARG A 85 -9.93 10.53 3.57
CA ARG A 85 -9.53 9.42 2.71
C ARG A 85 -8.26 9.76 1.93
N THR A 86 -7.37 8.79 1.80
CA THR A 86 -6.12 8.98 1.08
C THR A 86 -5.86 7.83 0.10
N SER A 87 -5.05 8.11 -0.91
CA SER A 87 -4.71 7.11 -1.91
C SER A 87 -3.23 7.16 -2.27
N ALA A 88 -2.68 6.01 -2.66
CA ALA A 88 -1.27 5.93 -3.04
C ALA A 88 -1.06 4.94 -4.17
N THR A 89 -0.54 5.43 -5.30
CA THR A 89 -0.30 4.59 -6.46
C THR A 89 0.92 3.70 -6.24
N LEU A 90 0.71 2.40 -6.20
CA LEU A 90 1.79 1.44 -6.01
C LEU A 90 2.36 0.98 -7.34
N THR A 91 3.68 0.85 -7.41
CA THR A 91 4.35 0.41 -8.62
C THR A 91 4.96 -0.98 -8.46
N VAL A 92 4.89 -1.77 -9.51
CA VAL A 92 5.43 -3.13 -9.48
C VAL A 92 6.25 -3.42 -10.73
N ARG A 93 7.51 -3.79 -10.53
CA ARG A 93 8.40 -4.11 -11.65
C ARG A 93 8.28 -5.57 -12.05
N ALA A 94 8.02 -5.81 -13.33
CA ALA A 94 7.87 -7.16 -13.84
C ALA A 94 9.23 -7.84 -14.00
N LEU A 95 9.33 -9.07 -13.52
CA LEU A 95 10.58 -9.82 -13.60
C LEU A 95 11.25 -9.64 -14.96
N PRO A 96 12.58 -9.78 -14.99
CA PRO A 96 13.35 -9.63 -16.23
C PRO A 96 13.11 -10.78 -17.21
N ALA A 97 12.49 -10.46 -18.34
CA ALA A 97 12.20 -11.46 -19.36
C ALA A 97 13.35 -12.45 -19.51
N ARG A 98 13.04 -13.65 -19.98
CA ARG A 98 14.05 -14.69 -20.16
C ARG A 98 13.65 -15.64 -21.29
N PHE A 99 14.55 -15.80 -22.26
CA PHE A 99 14.29 -16.68 -23.40
C PHE A 99 14.62 -18.12 -23.04
N THR A 100 15.86 -18.36 -22.60
CA THR A 100 16.30 -19.69 -22.23
C THR A 100 17.16 -19.66 -20.97
N GLU A 101 17.49 -20.85 -20.45
CA GLU A 101 18.30 -20.95 -19.25
C GLU A 101 19.79 -20.81 -19.59
N GLY A 102 20.31 -19.60 -19.49
CA GLY A 102 21.71 -19.36 -19.79
C GLY A 102 22.63 -19.98 -18.76
N SER A 103 23.52 -19.16 -18.21
CA SER A 103 24.47 -19.64 -17.20
C SER A 103 24.80 -18.53 -16.20
N GLY A 104 24.97 -18.92 -14.94
CA GLY A 104 25.28 -17.95 -13.91
C GLY A 104 26.37 -16.98 -14.33
N PRO A 105 26.54 -15.90 -13.55
CA PRO A 105 27.55 -14.88 -13.83
C PRO A 105 28.97 -15.38 -13.63
N SER A 106 29.91 -14.80 -14.36
CA SER A 106 31.31 -15.19 -14.27
C SER A 106 31.83 -15.01 -12.84
N SER A 107 32.89 -15.74 -12.51
CA SER A 107 33.49 -15.67 -11.17
C SER A 107 34.64 -14.68 -11.15
N GLY A 108 34.98 -14.19 -9.97
CA GLY A 108 36.08 -13.25 -9.83
C GLY A 108 37.35 -13.90 -9.32
N GLY A 1 -14.83 32.41 8.30
CA GLY A 1 -14.00 31.22 8.41
C GLY A 1 -14.81 29.97 8.72
N SER A 2 -14.14 28.82 8.70
CA SER A 2 -14.81 27.55 8.97
C SER A 2 -14.76 27.23 10.46
N SER A 3 -15.44 26.15 10.85
CA SER A 3 -15.47 25.74 12.25
C SER A 3 -15.83 24.26 12.37
N GLY A 4 -15.43 23.65 13.47
CA GLY A 4 -15.70 22.24 13.68
C GLY A 4 -14.58 21.35 13.19
N SER A 5 -14.78 20.73 12.04
CA SER A 5 -13.78 19.83 11.47
C SER A 5 -13.08 19.04 12.56
N SER A 6 -13.86 18.54 13.53
CA SER A 6 -13.30 17.77 14.63
C SER A 6 -14.21 16.58 14.96
N GLY A 7 -13.61 15.50 15.45
CA GLY A 7 -14.36 14.32 15.81
C GLY A 7 -13.62 13.04 15.48
N PRO A 8 -13.89 12.47 14.31
CA PRO A 8 -13.25 11.21 13.87
C PRO A 8 -11.78 11.41 13.54
N ALA A 9 -11.06 10.30 13.40
CA ALA A 9 -9.64 10.35 13.09
C ALA A 9 -9.40 10.80 11.65
N ARG A 10 -8.63 11.88 11.48
CA ARG A 10 -8.34 12.42 10.17
C ARG A 10 -6.88 12.20 9.81
N PHE A 11 -6.63 11.77 8.57
CA PHE A 11 -5.27 11.53 8.11
C PHE A 11 -4.41 12.78 8.25
N THR A 12 -3.16 12.58 8.66
CA THR A 12 -2.24 13.70 8.84
C THR A 12 -1.07 13.59 7.86
N GLN A 13 -0.64 12.37 7.59
CA GLN A 13 0.47 12.14 6.67
C GLN A 13 0.02 11.36 5.45
N ASP A 14 -0.03 12.05 4.31
CA ASP A 14 -0.45 11.43 3.06
C ASP A 14 0.06 9.99 2.97
N LEU A 15 -0.78 9.10 2.46
CA LEU A 15 -0.42 7.70 2.31
C LEU A 15 0.67 7.53 1.27
N LYS A 16 1.69 6.72 1.61
CA LYS A 16 2.80 6.47 0.71
C LYS A 16 2.93 4.98 0.41
N THR A 17 3.82 4.65 -0.52
CA THR A 17 4.04 3.25 -0.89
C THR A 17 5.47 3.03 -1.37
N LYS A 18 5.81 1.77 -1.65
CA LYS A 18 7.14 1.42 -2.12
C LYS A 18 7.07 0.63 -3.42
N GLU A 19 8.21 0.54 -4.11
CA GLU A 19 8.27 -0.19 -5.37
C GLU A 19 8.90 -1.56 -5.17
N ALA A 20 8.31 -2.58 -5.78
CA ALA A 20 8.80 -3.95 -5.66
C ALA A 20 8.56 -4.73 -6.95
N SER A 21 9.19 -5.90 -7.05
CA SER A 21 9.04 -6.74 -8.23
C SER A 21 7.88 -7.73 -8.05
N GLU A 22 7.56 -8.44 -9.12
CA GLU A 22 6.47 -9.41 -9.09
C GLU A 22 6.74 -10.48 -8.03
N GLY A 23 5.67 -10.92 -7.36
CA GLY A 23 5.80 -11.92 -6.33
C GLY A 23 6.22 -11.35 -5.00
N ALA A 24 6.96 -10.24 -5.05
CA ALA A 24 7.44 -9.58 -3.83
C ALA A 24 6.26 -9.06 -3.01
N THR A 25 6.57 -8.35 -1.93
CA THR A 25 5.55 -7.78 -1.06
C THR A 25 5.81 -6.30 -0.78
N ALA A 26 4.84 -5.46 -1.10
CA ALA A 26 4.95 -4.03 -0.89
C ALA A 26 4.82 -3.68 0.59
N THR A 27 4.90 -2.40 0.91
CA THR A 27 4.79 -1.93 2.29
C THR A 27 4.47 -0.44 2.34
N LEU A 28 3.22 -0.13 2.67
CA LEU A 28 2.80 1.27 2.74
C LEU A 28 2.71 1.72 4.21
N GLN A 29 3.03 2.98 4.44
CA GLN A 29 2.99 3.54 5.79
C GLN A 29 2.33 4.92 5.79
N CYS A 30 1.40 5.13 6.72
CA CYS A 30 0.70 6.41 6.82
C CYS A 30 0.46 6.77 8.28
N GLU A 31 0.06 8.02 8.52
CA GLU A 31 -0.21 8.50 9.87
C GLU A 31 -1.65 8.98 10.00
N LEU A 32 -2.11 9.09 11.24
CA LEU A 32 -3.48 9.55 11.50
C LEU A 32 -3.50 10.55 12.65
N SER A 33 -4.62 11.26 12.78
CA SER A 33 -4.77 12.26 13.83
C SER A 33 -4.79 11.60 15.21
N LYS A 34 -5.31 10.37 15.27
CA LYS A 34 -5.37 9.64 16.52
C LYS A 34 -5.65 8.16 16.27
N VAL A 35 -5.13 7.30 17.13
CA VAL A 35 -5.32 5.86 17.00
C VAL A 35 -6.76 5.53 16.64
N ALA A 36 -6.96 5.00 15.44
CA ALA A 36 -8.29 4.64 14.98
C ALA A 36 -8.23 3.54 13.93
N PRO A 37 -9.30 2.73 13.84
CA PRO A 37 -9.39 1.63 12.88
C PRO A 37 -9.53 2.12 11.44
N VAL A 38 -8.67 1.62 10.57
CA VAL A 38 -8.70 2.01 9.16
C VAL A 38 -9.08 0.83 8.27
N GLU A 39 -9.23 1.10 6.97
CA GLU A 39 -9.60 0.06 6.02
C GLU A 39 -9.06 0.39 4.62
N TRP A 40 -8.17 -0.47 4.13
CA TRP A 40 -7.58 -0.26 2.81
C TRP A 40 -8.52 -0.75 1.71
N LYS A 41 -8.39 -0.18 0.52
CA LYS A 41 -9.22 -0.55 -0.61
C LYS A 41 -8.43 -0.49 -1.92
N LYS A 42 -8.70 -1.43 -2.81
CA LYS A 42 -8.02 -1.49 -4.10
C LYS A 42 -8.99 -1.21 -5.24
N GLY A 43 -10.08 -0.52 -4.94
CA GLY A 43 -11.07 -0.20 -5.95
C GLY A 43 -12.49 -0.31 -5.43
N PRO A 44 -13.40 -0.76 -6.28
CA PRO A 44 -14.81 -0.92 -5.93
C PRO A 44 -15.05 -2.05 -4.93
N GLU A 45 -13.95 -2.65 -4.48
CA GLU A 45 -14.03 -3.75 -3.52
C GLU A 45 -13.40 -3.35 -2.18
N THR A 46 -13.58 -4.21 -1.18
CA THR A 46 -13.03 -3.94 0.15
C THR A 46 -11.99 -5.00 0.53
N LEU A 47 -11.00 -4.58 1.31
CA LEU A 47 -9.94 -5.48 1.75
C LEU A 47 -9.97 -5.66 3.27
N ARG A 48 -9.37 -6.75 3.74
CA ARG A 48 -9.33 -7.03 5.17
C ARG A 48 -8.02 -7.72 5.55
N ASP A 49 -7.46 -7.35 6.69
CA ASP A 49 -6.21 -7.93 7.16
C ASP A 49 -6.32 -9.45 7.23
N GLY A 50 -5.29 -10.14 6.76
CA GLY A 50 -5.28 -11.59 6.78
C GLY A 50 -5.25 -12.19 5.39
N GLY A 51 -4.20 -12.94 5.10
CA GLY A 51 -4.07 -13.56 3.79
C GLY A 51 -3.12 -12.80 2.88
N ARG A 52 -3.56 -12.53 1.66
CA ARG A 52 -2.74 -11.81 0.69
C ARG A 52 -2.41 -10.41 1.20
N TYR A 53 -3.34 -9.81 1.92
CA TYR A 53 -3.14 -8.47 2.47
C TYR A 53 -2.93 -8.52 3.97
N SER A 54 -1.76 -8.05 4.42
CA SER A 54 -1.43 -8.06 5.84
C SER A 54 -1.30 -6.62 6.37
N LEU A 55 -2.32 -6.17 7.10
CA LEU A 55 -2.32 -4.83 7.66
C LEU A 55 -1.81 -4.83 9.09
N LYS A 56 -1.21 -3.73 9.51
CA LYS A 56 -0.68 -3.61 10.86
C LYS A 56 -1.07 -2.27 11.48
N GLN A 57 -1.64 -2.33 12.68
CA GLN A 57 -2.07 -1.11 13.38
C GLN A 57 -0.96 -0.60 14.29
N ASP A 58 -0.95 0.71 14.52
CA ASP A 58 0.06 1.34 15.37
C ASP A 58 -0.36 2.74 15.77
N GLY A 59 0.24 3.25 16.84
CA GLY A 59 -0.09 4.58 17.32
C GLY A 59 -0.18 5.59 16.19
N THR A 60 -1.41 5.92 15.79
CA THR A 60 -1.63 6.88 14.71
C THR A 60 -0.80 6.52 13.48
N ARG A 61 -0.64 5.22 13.24
CA ARG A 61 0.14 4.76 12.09
C ARG A 61 -0.35 3.38 11.64
N CYS A 62 -0.25 3.12 10.34
CA CYS A 62 -0.67 1.84 9.78
C CYS A 62 0.34 1.34 8.76
N GLU A 63 0.48 0.01 8.67
CA GLU A 63 1.41 -0.60 7.74
C GLU A 63 0.74 -1.71 6.94
N LEU A 64 0.54 -1.46 5.65
CA LEU A 64 -0.09 -2.44 4.77
C LEU A 64 0.95 -3.30 4.06
N GLN A 65 0.65 -4.58 3.90
CA GLN A 65 1.57 -5.51 3.24
C GLN A 65 0.84 -6.32 2.16
N ILE A 66 1.18 -6.05 0.90
CA ILE A 66 0.56 -6.75 -0.22
C ILE A 66 1.39 -7.96 -0.63
N HIS A 67 1.02 -9.13 -0.11
CA HIS A 67 1.74 -10.36 -0.43
C HIS A 67 1.35 -10.86 -1.82
N ASP A 68 2.34 -11.38 -2.55
CA ASP A 68 2.11 -11.89 -3.90
C ASP A 68 1.90 -10.74 -4.88
N LEU A 69 2.78 -9.76 -4.84
CA LEU A 69 2.70 -8.60 -5.72
C LEU A 69 2.61 -9.05 -7.18
N SER A 70 2.05 -8.18 -8.02
CA SER A 70 1.90 -8.48 -9.44
C SER A 70 1.63 -7.22 -10.25
N VAL A 71 2.02 -7.23 -11.51
CA VAL A 71 1.82 -6.08 -12.38
C VAL A 71 0.37 -5.61 -12.35
N ALA A 72 -0.55 -6.55 -12.13
CA ALA A 72 -1.96 -6.23 -12.08
C ALA A 72 -2.30 -5.48 -10.79
N ASP A 73 -1.54 -5.73 -9.74
CA ASP A 73 -1.76 -5.08 -8.46
C ASP A 73 -1.43 -3.59 -8.55
N ALA A 74 -0.42 -3.26 -9.34
CA ALA A 74 0.00 -1.88 -9.52
C ALA A 74 -1.17 -1.00 -9.94
N GLY A 75 -1.76 -0.30 -8.99
CA GLY A 75 -2.89 0.57 -9.29
C GLY A 75 -3.01 1.72 -8.31
N GLU A 76 -4.14 1.78 -7.61
CA GLU A 76 -4.38 2.84 -6.63
C GLU A 76 -5.05 2.28 -5.38
N TYR A 77 -4.32 2.28 -4.27
CA TYR A 77 -4.84 1.78 -3.01
C TYR A 77 -5.35 2.91 -2.14
N SER A 78 -6.65 2.90 -1.85
CA SER A 78 -7.27 3.94 -1.03
C SER A 78 -7.64 3.38 0.35
N CYS A 79 -7.38 4.18 1.38
CA CYS A 79 -7.69 3.77 2.75
C CYS A 79 -8.69 4.72 3.39
N MET A 80 -9.79 4.17 3.90
CA MET A 80 -10.82 4.99 4.54
C MET A 80 -10.72 4.90 6.05
N CYS A 81 -10.70 6.05 6.71
CA CYS A 81 -10.61 6.11 8.16
C CYS A 81 -11.62 7.08 8.73
N GLY A 82 -12.72 6.53 9.25
CA GLY A 82 -13.77 7.36 9.83
C GLY A 82 -14.56 8.11 8.78
N GLN A 83 -14.07 9.28 8.38
CA GLN A 83 -14.74 10.09 7.37
C GLN A 83 -13.79 10.45 6.23
N GLU A 84 -12.55 10.78 6.59
CA GLU A 84 -11.55 11.14 5.60
C GLU A 84 -11.18 9.95 4.73
N ARG A 85 -10.30 10.18 3.75
CA ARG A 85 -9.87 9.12 2.85
C ARG A 85 -8.63 9.55 2.07
N THR A 86 -7.77 8.59 1.75
CA THR A 86 -6.55 8.87 0.99
C THR A 86 -6.28 7.78 -0.04
N SER A 87 -5.41 8.08 -0.99
CA SER A 87 -5.06 7.14 -2.04
C SER A 87 -3.55 7.08 -2.25
N ALA A 88 -3.06 5.92 -2.67
CA ALA A 88 -1.63 5.74 -2.91
C ALA A 88 -1.39 4.83 -4.10
N THR A 89 -0.48 5.23 -4.98
CA THR A 89 -0.16 4.45 -6.17
C THR A 89 1.09 3.61 -5.95
N LEU A 90 0.92 2.30 -5.89
CA LEU A 90 2.04 1.38 -5.69
C LEU A 90 2.78 1.13 -7.00
N THR A 91 4.06 0.80 -6.89
CA THR A 91 4.88 0.54 -8.06
C THR A 91 5.31 -0.93 -8.11
N VAL A 92 5.06 -1.58 -9.24
CA VAL A 92 5.44 -2.98 -9.41
C VAL A 92 6.28 -3.17 -10.66
N ARG A 93 7.34 -3.96 -10.54
CA ARG A 93 8.24 -4.23 -11.66
C ARG A 93 8.09 -5.68 -12.13
N ALA A 94 7.65 -5.84 -13.37
CA ALA A 94 7.46 -7.17 -13.95
C ALA A 94 8.77 -7.96 -13.92
N LEU A 95 8.65 -9.29 -13.87
CA LEU A 95 9.82 -10.16 -13.83
C LEU A 95 10.67 -9.97 -15.08
N PRO A 96 11.96 -10.30 -14.96
CA PRO A 96 12.92 -10.18 -16.07
C PRO A 96 12.65 -11.20 -17.18
N ALA A 97 12.44 -10.70 -18.40
CA ALA A 97 12.17 -11.56 -19.54
C ALA A 97 13.44 -11.82 -20.33
N ARG A 98 13.63 -13.07 -20.75
CA ARG A 98 14.81 -13.45 -21.52
C ARG A 98 14.99 -12.53 -22.73
N PHE A 99 16.11 -11.84 -22.79
CA PHE A 99 16.40 -10.93 -23.90
C PHE A 99 16.81 -11.71 -25.14
N THR A 100 16.01 -11.59 -26.19
CA THR A 100 16.29 -12.29 -27.45
C THR A 100 16.70 -11.30 -28.54
N GLU A 101 17.65 -11.72 -29.37
CA GLU A 101 18.15 -10.87 -30.46
C GLU A 101 18.99 -11.68 -31.44
N GLY A 102 19.12 -11.17 -32.65
CA GLY A 102 19.90 -11.85 -33.67
C GLY A 102 20.02 -11.05 -34.95
N SER A 103 20.53 -9.84 -34.84
CA SER A 103 20.69 -8.97 -36.00
C SER A 103 22.11 -8.42 -36.07
N GLY A 104 22.53 -8.06 -37.28
CA GLY A 104 23.87 -7.51 -37.47
C GLY A 104 23.93 -6.49 -38.58
N PRO A 105 24.68 -5.40 -38.35
CA PRO A 105 24.82 -4.32 -39.32
C PRO A 105 25.66 -4.75 -40.53
N SER A 106 25.24 -4.31 -41.71
CA SER A 106 25.94 -4.65 -42.94
C SER A 106 25.54 -3.72 -44.07
N SER A 107 26.45 -2.85 -44.47
CA SER A 107 26.20 -1.89 -45.55
C SER A 107 25.34 -2.53 -46.64
N GLY A 108 24.14 -2.00 -46.82
CA GLY A 108 23.24 -2.53 -47.84
C GLY A 108 23.38 -4.03 -48.01
N GLY A 1 -7.27 24.68 27.55
CA GLY A 1 -8.55 24.42 26.93
C GLY A 1 -9.03 23.00 27.16
N SER A 2 -9.21 22.25 26.08
CA SER A 2 -9.66 20.87 26.18
C SER A 2 -8.77 19.94 25.35
N SER A 3 -8.61 18.71 25.82
CA SER A 3 -7.78 17.72 25.13
C SER A 3 -8.32 16.31 25.34
N GLY A 4 -8.69 15.66 24.25
CA GLY A 4 -9.22 14.31 24.33
C GLY A 4 -9.74 13.81 23.00
N SER A 5 -10.88 13.14 23.04
CA SER A 5 -11.49 12.61 21.82
C SER A 5 -12.14 13.72 20.99
N SER A 6 -11.50 14.04 19.87
CA SER A 6 -12.00 15.08 18.99
C SER A 6 -12.49 14.51 17.67
N GLY A 7 -13.76 14.10 17.63
CA GLY A 7 -14.33 13.53 16.43
C GLY A 7 -13.55 12.32 15.94
N PRO A 8 -13.94 11.79 14.76
CA PRO A 8 -13.29 10.63 14.17
C PRO A 8 -11.88 10.93 13.67
N ALA A 9 -10.99 9.96 13.77
CA ALA A 9 -9.62 10.12 13.33
C ALA A 9 -9.56 10.72 11.93
N ARG A 10 -8.56 11.56 11.69
CA ARG A 10 -8.39 12.19 10.39
C ARG A 10 -6.95 12.05 9.89
N PHE A 11 -6.81 11.73 8.61
CA PHE A 11 -5.48 11.56 8.01
C PHE A 11 -4.65 12.83 8.17
N THR A 12 -3.36 12.64 8.45
CA THR A 12 -2.45 13.77 8.62
C THR A 12 -1.35 13.76 7.57
N GLN A 13 -0.97 12.56 7.13
CA GLN A 13 0.08 12.42 6.12
C GLN A 13 -0.39 11.54 4.97
N ASP A 14 -0.38 12.09 3.76
CA ASP A 14 -0.81 11.34 2.58
C ASP A 14 -0.26 9.92 2.61
N LEU A 15 -0.98 9.00 1.97
CA LEU A 15 -0.56 7.61 1.92
C LEU A 15 0.62 7.42 0.98
N LYS A 16 1.67 6.76 1.47
CA LYS A 16 2.86 6.51 0.67
C LYS A 16 3.01 5.03 0.36
N THR A 17 3.86 4.71 -0.62
CA THR A 17 4.09 3.34 -1.01
C THR A 17 5.52 3.13 -1.49
N LYS A 18 5.86 1.89 -1.83
CA LYS A 18 7.20 1.57 -2.32
C LYS A 18 7.13 0.81 -3.63
N GLU A 19 8.25 0.76 -4.35
CA GLU A 19 8.32 0.07 -5.63
C GLU A 19 8.92 -1.33 -5.46
N ALA A 20 8.08 -2.35 -5.61
CA ALA A 20 8.52 -3.73 -5.48
C ALA A 20 8.34 -4.50 -6.79
N SER A 21 8.92 -5.68 -6.87
CA SER A 21 8.84 -6.51 -8.06
C SER A 21 7.85 -7.65 -7.86
N GLU A 22 7.49 -8.31 -8.95
CA GLU A 22 6.54 -9.42 -8.90
C GLU A 22 6.94 -10.43 -7.83
N GLY A 23 5.96 -10.89 -7.06
CA GLY A 23 6.22 -11.86 -6.01
C GLY A 23 6.63 -11.19 -4.71
N ALA A 24 7.32 -10.06 -4.81
CA ALA A 24 7.77 -9.33 -3.64
C ALA A 24 6.58 -8.83 -2.82
N THR A 25 6.87 -8.29 -1.63
CA THR A 25 5.83 -7.77 -0.76
C THR A 25 5.98 -6.27 -0.55
N ALA A 26 4.98 -5.52 -1.02
CA ALA A 26 4.99 -4.07 -0.88
C ALA A 26 4.81 -3.65 0.58
N THR A 27 4.82 -2.35 0.81
CA THR A 27 4.65 -1.82 2.16
C THR A 27 4.14 -0.38 2.14
N LEU A 28 2.88 -0.20 2.52
CA LEU A 28 2.28 1.12 2.54
C LEU A 28 2.03 1.60 3.97
N GLN A 29 2.60 2.75 4.31
CA GLN A 29 2.45 3.32 5.64
C GLN A 29 1.80 4.70 5.59
N CYS A 30 0.93 4.98 6.54
CA CYS A 30 0.24 6.27 6.60
C CYS A 30 0.09 6.74 8.04
N GLU A 31 -0.14 8.04 8.21
CA GLU A 31 -0.29 8.62 9.54
C GLU A 31 -1.72 9.11 9.75
N LEU A 32 -2.11 9.24 11.01
CA LEU A 32 -3.45 9.71 11.36
C LEU A 32 -3.42 10.61 12.58
N SER A 33 -4.47 11.40 12.76
CA SER A 33 -4.57 12.31 13.90
C SER A 33 -4.56 11.54 15.21
N LYS A 34 -5.16 10.35 15.20
CA LYS A 34 -5.21 9.51 16.39
C LYS A 34 -5.46 8.06 16.02
N VAL A 35 -4.82 7.14 16.74
CA VAL A 35 -4.98 5.71 16.48
C VAL A 35 -6.45 5.34 16.32
N ALA A 36 -6.84 4.96 15.11
CA ALA A 36 -8.21 4.58 14.84
C ALA A 36 -8.27 3.47 13.79
N PRO A 37 -9.37 2.69 13.81
CA PRO A 37 -9.58 1.59 12.88
C PRO A 37 -9.83 2.07 11.45
N VAL A 38 -8.96 1.67 10.53
CA VAL A 38 -9.09 2.07 9.13
C VAL A 38 -9.26 0.85 8.24
N GLU A 39 -9.57 1.09 6.96
CA GLU A 39 -9.76 0.02 6.00
C GLU A 39 -9.01 0.30 4.71
N TRP A 40 -8.27 -0.68 4.22
CA TRP A 40 -7.50 -0.53 2.99
C TRP A 40 -8.33 -0.97 1.78
N LYS A 41 -8.12 -0.29 0.66
CA LYS A 41 -8.85 -0.61 -0.57
C LYS A 41 -7.91 -0.58 -1.77
N LYS A 42 -8.20 -1.41 -2.77
CA LYS A 42 -7.39 -1.48 -3.97
C LYS A 42 -8.23 -1.20 -5.22
N GLY A 43 -9.21 -0.31 -5.07
CA GLY A 43 -10.08 0.04 -6.19
C GLY A 43 -11.54 -0.01 -5.83
N PRO A 44 -12.39 -0.41 -6.79
CA PRO A 44 -13.84 -0.50 -6.58
C PRO A 44 -14.22 -1.65 -5.64
N GLU A 45 -13.21 -2.33 -5.11
CA GLU A 45 -13.43 -3.44 -4.20
C GLU A 45 -12.89 -3.12 -2.81
N THR A 46 -13.25 -3.96 -1.83
CA THR A 46 -12.80 -3.77 -0.45
C THR A 46 -11.88 -4.90 -0.02
N LEU A 47 -10.71 -4.54 0.49
CA LEU A 47 -9.74 -5.53 0.95
C LEU A 47 -10.07 -6.01 2.36
N ARG A 48 -9.27 -6.94 2.88
CA ARG A 48 -9.49 -7.47 4.22
C ARG A 48 -8.16 -7.91 4.84
N ASP A 49 -8.15 -8.05 6.16
CA ASP A 49 -6.95 -8.46 6.88
C ASP A 49 -7.03 -9.94 7.24
N GLY A 50 -6.19 -10.74 6.59
CA GLY A 50 -6.17 -12.17 6.86
C GLY A 50 -5.81 -12.99 5.63
N GLY A 51 -4.51 -13.24 5.45
CA GLY A 51 -4.06 -14.02 4.31
C GLY A 51 -3.17 -13.21 3.38
N ARG A 52 -3.31 -13.44 2.08
CA ARG A 52 -2.51 -12.73 1.10
C ARG A 52 -2.25 -11.29 1.53
N TYR A 53 -3.28 -10.65 2.07
CA TYR A 53 -3.16 -9.27 2.53
C TYR A 53 -2.92 -9.21 4.04
N SER A 54 -1.77 -8.69 4.43
CA SER A 54 -1.42 -8.58 5.84
C SER A 54 -1.18 -7.12 6.23
N LEU A 55 -1.88 -6.68 7.27
CA LEU A 55 -1.74 -5.30 7.75
C LEU A 55 -1.69 -5.25 9.27
N LYS A 56 -1.10 -4.19 9.81
CA LYS A 56 -0.99 -4.02 11.25
C LYS A 56 -1.26 -2.57 11.65
N GLN A 57 -1.83 -2.40 12.84
CA GLN A 57 -2.14 -1.06 13.34
C GLN A 57 -1.07 -0.59 14.34
N ASP A 58 -0.95 0.72 14.49
CA ASP A 58 0.03 1.30 15.40
C ASP A 58 -0.32 2.75 15.73
N GLY A 59 0.14 3.22 16.88
CA GLY A 59 -0.14 4.59 17.29
C GLY A 59 -0.08 5.56 16.13
N THR A 60 -1.23 6.11 15.76
CA THR A 60 -1.32 7.05 14.65
C THR A 60 -0.41 6.63 13.50
N ARG A 61 -0.42 5.34 13.19
CA ARG A 61 0.40 4.81 12.11
C ARG A 61 -0.11 3.44 11.66
N CYS A 62 -0.14 3.24 10.35
CA CYS A 62 -0.61 1.98 9.79
C CYS A 62 0.40 1.39 8.81
N GLU A 63 0.34 0.09 8.61
CA GLU A 63 1.26 -0.59 7.70
C GLU A 63 0.56 -1.71 6.93
N LEU A 64 0.51 -1.57 5.62
CA LEU A 64 -0.14 -2.57 4.77
C LEU A 64 0.89 -3.31 3.93
N GLN A 65 0.96 -4.63 4.10
CA GLN A 65 1.90 -5.45 3.35
C GLN A 65 1.15 -6.47 2.49
N ILE A 66 1.35 -6.36 1.17
CA ILE A 66 0.70 -7.26 0.23
C ILE A 66 1.66 -8.35 -0.23
N HIS A 67 1.28 -9.61 0.01
CA HIS A 67 2.10 -10.75 -0.37
C HIS A 67 1.77 -11.20 -1.79
N ASP A 68 2.78 -11.71 -2.49
CA ASP A 68 2.60 -12.18 -3.86
C ASP A 68 2.22 -11.02 -4.79
N LEU A 69 3.04 -9.98 -4.79
CA LEU A 69 2.78 -8.81 -5.63
C LEU A 69 2.69 -9.20 -7.10
N SER A 70 2.05 -8.36 -7.89
CA SER A 70 1.89 -8.61 -9.32
C SER A 70 1.47 -7.34 -10.06
N VAL A 71 1.90 -7.23 -11.31
CA VAL A 71 1.57 -6.07 -12.13
C VAL A 71 0.10 -5.71 -12.00
N ALA A 72 -0.74 -6.70 -11.78
CA ALA A 72 -2.17 -6.49 -11.63
C ALA A 72 -2.48 -5.68 -10.37
N ASP A 73 -1.75 -5.98 -9.30
CA ASP A 73 -1.95 -5.27 -8.04
C ASP A 73 -1.58 -3.80 -8.16
N ALA A 74 -0.55 -3.53 -8.96
CA ALA A 74 -0.09 -2.16 -9.17
C ALA A 74 -1.23 -1.27 -9.67
N GLY A 75 -1.81 -0.48 -8.78
CA GLY A 75 -2.91 0.39 -9.15
C GLY A 75 -3.03 1.59 -8.23
N GLU A 76 -4.11 1.64 -7.47
CA GLU A 76 -4.35 2.75 -6.54
C GLU A 76 -4.92 2.25 -5.23
N TYR A 77 -4.12 2.35 -4.16
CA TYR A 77 -4.56 1.89 -2.85
C TYR A 77 -5.08 3.06 -2.02
N SER A 78 -6.36 3.00 -1.67
CA SER A 78 -7.00 4.05 -0.88
C SER A 78 -7.40 3.53 0.50
N CYS A 79 -7.14 4.33 1.53
CA CYS A 79 -7.47 3.95 2.90
C CYS A 79 -8.56 4.86 3.46
N MET A 80 -9.68 4.25 3.84
CA MET A 80 -10.80 5.00 4.40
C MET A 80 -10.76 4.99 5.93
N CYS A 81 -10.86 6.17 6.52
CA CYS A 81 -10.84 6.30 7.98
C CYS A 81 -11.96 7.21 8.46
N GLY A 82 -13.08 6.60 8.84
CA GLY A 82 -14.22 7.37 9.31
C GLY A 82 -14.82 8.25 8.24
N GLN A 83 -14.26 9.43 8.05
CA GLN A 83 -14.74 10.37 7.05
C GLN A 83 -13.66 10.71 6.04
N GLU A 84 -12.44 10.93 6.54
CA GLU A 84 -11.31 11.27 5.69
C GLU A 84 -10.88 10.07 4.86
N ARG A 85 -10.17 10.33 3.76
CA ARG A 85 -9.70 9.26 2.88
C ARG A 85 -8.46 9.70 2.12
N THR A 86 -7.65 8.73 1.71
CA THR A 86 -6.42 9.01 0.98
C THR A 86 -6.16 7.97 -0.09
N SER A 87 -5.28 8.29 -1.04
CA SER A 87 -4.96 7.38 -2.13
C SER A 87 -3.45 7.33 -2.36
N ALA A 88 -2.96 6.19 -2.83
CA ALA A 88 -1.55 6.01 -3.10
C ALA A 88 -1.32 5.13 -4.32
N THR A 89 -0.40 5.54 -5.19
CA THR A 89 -0.09 4.78 -6.40
C THR A 89 1.11 3.87 -6.19
N LEU A 90 0.86 2.57 -6.15
CA LEU A 90 1.91 1.59 -5.95
C LEU A 90 2.55 1.19 -7.29
N THR A 91 3.87 0.99 -7.26
CA THR A 91 4.60 0.62 -8.47
C THR A 91 5.11 -0.81 -8.38
N VAL A 92 4.81 -1.61 -9.40
CA VAL A 92 5.25 -3.00 -9.43
C VAL A 92 6.14 -3.27 -10.64
N ARG A 93 7.26 -3.94 -10.40
CA ARG A 93 8.20 -4.26 -11.47
C ARG A 93 8.15 -5.75 -11.82
N ALA A 94 7.63 -6.06 -13.01
CA ALA A 94 7.53 -7.44 -13.45
C ALA A 94 8.84 -8.20 -13.21
N LEU A 95 8.74 -9.52 -13.20
CA LEU A 95 9.92 -10.36 -12.99
C LEU A 95 10.94 -10.17 -14.11
N PRO A 96 12.21 -10.50 -13.82
CA PRO A 96 13.29 -10.38 -14.79
C PRO A 96 13.19 -11.40 -15.91
N ALA A 97 13.28 -10.94 -17.15
CA ALA A 97 13.20 -11.81 -18.31
C ALA A 97 14.43 -11.68 -19.19
N ARG A 98 14.75 -12.74 -19.91
CA ARG A 98 15.92 -12.75 -20.80
C ARG A 98 15.96 -11.48 -21.64
N PHE A 99 17.17 -11.10 -22.06
CA PHE A 99 17.34 -9.90 -22.88
C PHE A 99 16.86 -10.14 -24.31
N THR A 100 16.14 -9.17 -24.85
CA THR A 100 15.61 -9.27 -26.21
C THR A 100 16.69 -9.78 -27.17
N GLU A 101 16.24 -10.48 -28.21
CA GLU A 101 17.16 -11.02 -29.21
C GLU A 101 17.84 -9.91 -29.99
N GLY A 102 17.05 -8.92 -30.42
CA GLY A 102 17.59 -7.81 -31.18
C GLY A 102 18.20 -8.24 -32.49
N SER A 103 17.54 -9.18 -33.17
CA SER A 103 18.01 -9.69 -34.45
C SER A 103 18.50 -8.54 -35.33
N GLY A 104 17.71 -7.48 -35.39
CA GLY A 104 18.07 -6.33 -36.21
C GLY A 104 18.07 -6.66 -37.70
N PRO A 105 18.23 -5.62 -38.53
CA PRO A 105 18.24 -5.77 -39.99
C PRO A 105 19.51 -6.48 -40.48
N SER A 106 20.59 -6.33 -39.73
CA SER A 106 21.86 -6.96 -40.09
C SER A 106 22.20 -6.69 -41.56
N SER A 107 22.04 -5.44 -41.98
CA SER A 107 22.32 -5.06 -43.36
C SER A 107 23.32 -3.92 -43.41
N GLY A 108 23.98 -3.77 -44.56
CA GLY A 108 24.97 -2.72 -44.71
C GLY A 108 24.39 -1.33 -44.48
N GLY A 1 -29.93 15.62 15.65
CA GLY A 1 -29.24 14.35 15.49
C GLY A 1 -27.89 14.34 16.20
N SER A 2 -26.82 14.17 15.43
CA SER A 2 -25.47 14.13 15.99
C SER A 2 -25.28 15.24 17.02
N SER A 3 -24.97 14.84 18.25
CA SER A 3 -24.77 15.80 19.33
C SER A 3 -23.82 15.23 20.38
N GLY A 4 -22.60 15.79 20.42
CA GLY A 4 -21.61 15.33 21.37
C GLY A 4 -20.21 15.79 21.01
N SER A 5 -19.31 15.75 21.99
CA SER A 5 -17.93 16.16 21.77
C SER A 5 -17.10 15.03 21.17
N SER A 6 -17.70 14.33 20.20
CA SER A 6 -17.02 13.22 19.55
C SER A 6 -16.81 13.51 18.07
N GLY A 7 -15.71 13.00 17.52
CA GLY A 7 -15.41 13.21 16.11
C GLY A 7 -14.46 12.16 15.55
N PRO A 8 -14.63 11.84 14.26
CA PRO A 8 -13.80 10.84 13.58
C PRO A 8 -12.37 11.33 13.38
N ALA A 9 -11.45 10.39 13.12
CA ALA A 9 -10.06 10.72 12.90
C ALA A 9 -9.81 11.15 11.46
N ARG A 10 -8.69 11.82 11.24
CA ARG A 10 -8.34 12.29 9.90
C ARG A 10 -6.87 12.00 9.59
N PHE A 11 -6.52 12.04 8.30
CA PHE A 11 -5.16 11.77 7.88
C PHE A 11 -4.29 13.02 8.01
N THR A 12 -3.08 12.85 8.53
CA THR A 12 -2.15 13.96 8.72
C THR A 12 -0.94 13.82 7.81
N GLN A 13 -0.70 12.61 7.32
CA GLN A 13 0.43 12.34 6.45
C GLN A 13 0.01 11.50 5.25
N ASP A 14 -0.16 12.13 4.10
CA ASP A 14 -0.58 11.43 2.89
C ASP A 14 0.06 10.05 2.82
N LEU A 15 -0.73 9.06 2.44
CA LEU A 15 -0.25 7.69 2.33
C LEU A 15 1.04 7.62 1.52
N LYS A 16 1.90 6.66 1.86
CA LYS A 16 3.17 6.49 1.17
C LYS A 16 3.31 5.07 0.63
N THR A 17 4.05 4.92 -0.46
CA THR A 17 4.26 3.61 -1.07
C THR A 17 5.56 3.58 -1.86
N LYS A 18 5.95 2.39 -2.31
CA LYS A 18 7.18 2.22 -3.08
C LYS A 18 6.95 1.29 -4.26
N GLU A 19 8.02 1.00 -5.00
CA GLU A 19 7.94 0.13 -6.16
C GLU A 19 8.77 -1.13 -5.95
N ALA A 20 8.10 -2.26 -5.78
CA ALA A 20 8.77 -3.54 -5.58
C ALA A 20 8.67 -4.42 -6.81
N SER A 21 9.46 -5.49 -6.82
CA SER A 21 9.46 -6.42 -7.95
C SER A 21 8.49 -7.57 -7.71
N GLU A 22 8.16 -8.28 -8.78
CA GLU A 22 7.24 -9.41 -8.69
C GLU A 22 7.72 -10.43 -7.65
N GLY A 23 6.82 -10.85 -6.78
CA GLY A 23 7.17 -11.81 -5.75
C GLY A 23 7.57 -11.14 -4.45
N ALA A 24 7.93 -9.87 -4.53
CA ALA A 24 8.34 -9.12 -3.35
C ALA A 24 7.14 -8.81 -2.45
N THR A 25 7.38 -8.04 -1.39
CA THR A 25 6.33 -7.67 -0.46
C THR A 25 6.20 -6.16 -0.33
N ALA A 26 5.07 -5.63 -0.76
CA ALA A 26 4.82 -4.20 -0.69
C ALA A 26 4.83 -3.70 0.75
N THR A 27 4.65 -2.40 0.93
CA THR A 27 4.64 -1.81 2.26
C THR A 27 4.09 -0.38 2.22
N LEU A 28 2.85 -0.23 2.70
CA LEU A 28 2.20 1.08 2.72
C LEU A 28 1.98 1.56 4.15
N GLN A 29 2.61 2.67 4.50
CA GLN A 29 2.47 3.23 5.84
C GLN A 29 1.78 4.58 5.80
N CYS A 30 0.84 4.79 6.73
CA CYS A 30 0.10 6.04 6.79
C CYS A 30 0.01 6.54 8.23
N GLU A 31 -0.45 7.79 8.39
CA GLU A 31 -0.57 8.39 9.71
C GLU A 31 -2.00 8.87 9.95
N LEU A 32 -2.37 9.01 11.22
CA LEU A 32 -3.71 9.48 11.58
C LEU A 32 -3.63 10.51 12.71
N SER A 33 -4.63 11.38 12.75
CA SER A 33 -4.68 12.42 13.77
C SER A 33 -4.87 11.80 15.16
N LYS A 34 -5.46 10.61 15.20
CA LYS A 34 -5.70 9.92 16.46
C LYS A 34 -6.07 8.46 16.22
N VAL A 35 -5.77 7.61 17.20
CA VAL A 35 -6.07 6.18 17.08
C VAL A 35 -7.51 5.97 16.63
N ALA A 36 -7.66 5.41 15.43
CA ALA A 36 -8.98 5.14 14.86
C ALA A 36 -8.93 3.99 13.87
N PRO A 37 -10.03 3.22 13.80
CA PRO A 37 -10.13 2.08 12.89
C PRO A 37 -10.23 2.51 11.43
N VAL A 38 -9.44 1.86 10.57
CA VAL A 38 -9.43 2.17 9.15
C VAL A 38 -9.53 0.91 8.30
N GLU A 39 -9.77 1.09 7.01
CA GLU A 39 -9.90 -0.03 6.09
C GLU A 39 -9.26 0.29 4.74
N TRP A 40 -8.48 -0.65 4.22
CA TRP A 40 -7.81 -0.47 2.93
C TRP A 40 -8.70 -0.96 1.79
N LYS A 41 -8.72 -0.20 0.70
CA LYS A 41 -9.52 -0.55 -0.46
C LYS A 41 -8.70 -0.46 -1.74
N LYS A 42 -8.96 -1.36 -2.67
CA LYS A 42 -8.24 -1.40 -3.95
C LYS A 42 -9.19 -1.14 -5.11
N GLY A 43 -10.04 -0.12 -4.97
CA GLY A 43 -10.98 0.21 -6.02
C GLY A 43 -12.42 0.13 -5.55
N PRO A 44 -13.33 -0.24 -6.47
CA PRO A 44 -14.76 -0.37 -6.18
C PRO A 44 -15.05 -1.55 -5.26
N GLU A 45 -14.01 -2.23 -4.81
CA GLU A 45 -14.16 -3.39 -3.94
C GLU A 45 -13.51 -3.13 -2.58
N THR A 46 -13.73 -4.04 -1.65
CA THR A 46 -13.18 -3.91 -0.30
C THR A 46 -12.24 -5.08 0.02
N LEU A 47 -11.04 -4.76 0.49
CA LEU A 47 -10.06 -5.79 0.84
C LEU A 47 -10.22 -6.21 2.30
N ARG A 48 -9.46 -7.22 2.69
CA ARG A 48 -9.50 -7.72 4.07
C ARG A 48 -8.14 -8.28 4.49
N ASP A 49 -7.81 -8.10 5.77
CA ASP A 49 -6.54 -8.57 6.29
C ASP A 49 -6.45 -10.10 6.19
N GLY A 50 -5.22 -10.60 6.18
CA GLY A 50 -5.02 -12.04 6.09
C GLY A 50 -4.76 -12.51 4.67
N GLY A 51 -4.58 -13.80 4.49
CA GLY A 51 -4.33 -14.34 3.17
C GLY A 51 -3.10 -13.74 2.52
N ARG A 52 -3.31 -12.93 1.49
CA ARG A 52 -2.22 -12.30 0.78
C ARG A 52 -2.14 -10.81 1.12
N TYR A 53 -2.46 -10.48 2.36
CA TYR A 53 -2.43 -9.08 2.81
C TYR A 53 -2.31 -9.01 4.33
N SER A 54 -1.24 -8.38 4.80
CA SER A 54 -1.00 -8.24 6.24
C SER A 54 -1.01 -6.77 6.64
N LEU A 55 -1.92 -6.42 7.55
CA LEU A 55 -2.03 -5.05 8.03
C LEU A 55 -1.76 -4.97 9.52
N LYS A 56 -1.08 -3.91 9.94
CA LYS A 56 -0.75 -3.70 11.35
C LYS A 56 -0.98 -2.25 11.75
N GLN A 57 -1.84 -2.06 12.75
CA GLN A 57 -2.14 -0.72 13.23
C GLN A 57 -1.31 -0.38 14.46
N ASP A 58 -0.25 0.38 14.26
CA ASP A 58 0.64 0.77 15.36
C ASP A 58 0.19 2.10 15.96
N GLY A 59 -0.89 2.06 16.75
CA GLY A 59 -1.39 3.26 17.37
C GLY A 59 -2.11 4.17 16.39
N THR A 60 -1.40 5.19 15.91
CA THR A 60 -1.98 6.14 14.97
C THR A 60 -1.43 5.91 13.56
N ARG A 61 -0.71 4.81 13.39
CA ARG A 61 -0.13 4.48 12.09
C ARG A 61 -0.55 3.08 11.65
N CYS A 62 -0.65 2.89 10.34
CA CYS A 62 -1.04 1.59 9.79
C CYS A 62 -0.08 1.15 8.70
N GLU A 63 0.31 -0.11 8.74
CA GLU A 63 1.24 -0.66 7.76
C GLU A 63 0.61 -1.85 7.02
N LEU A 64 0.58 -1.75 5.69
CA LEU A 64 0.01 -2.82 4.87
C LEU A 64 1.08 -3.49 4.02
N GLN A 65 1.09 -4.82 4.03
CA GLN A 65 2.06 -5.58 3.26
C GLN A 65 1.36 -6.50 2.25
N ILE A 66 1.83 -6.46 1.01
CA ILE A 66 1.26 -7.28 -0.04
C ILE A 66 2.23 -8.38 -0.48
N HIS A 67 2.14 -9.53 0.18
CA HIS A 67 3.02 -10.66 -0.14
C HIS A 67 2.78 -11.14 -1.56
N ASP A 68 3.85 -11.58 -2.22
CA ASP A 68 3.76 -12.06 -3.59
C ASP A 68 3.30 -10.95 -4.54
N LEU A 69 4.00 -9.82 -4.49
CA LEU A 69 3.66 -8.68 -5.34
C LEU A 69 3.52 -9.12 -6.80
N SER A 70 2.60 -8.47 -7.51
CA SER A 70 2.36 -8.79 -8.91
C SER A 70 1.99 -7.53 -9.70
N VAL A 71 2.33 -7.53 -10.98
CA VAL A 71 2.03 -6.39 -11.85
C VAL A 71 0.55 -6.01 -11.76
N ALA A 72 -0.28 -6.97 -11.37
CA ALA A 72 -1.71 -6.73 -11.25
C ALA A 72 -2.04 -5.93 -10.00
N ASP A 73 -1.23 -6.10 -8.96
CA ASP A 73 -1.42 -5.38 -7.71
C ASP A 73 -1.05 -3.91 -7.86
N ALA A 74 -0.23 -3.62 -8.86
CA ALA A 74 0.20 -2.25 -9.11
C ALA A 74 -0.95 -1.38 -9.60
N GLY A 75 -1.50 -0.58 -8.69
CA GLY A 75 -2.61 0.28 -9.04
C GLY A 75 -2.74 1.47 -8.10
N GLU A 76 -3.89 1.58 -7.45
CA GLU A 76 -4.14 2.68 -6.51
C GLU A 76 -4.87 2.17 -5.26
N TYR A 77 -4.19 2.26 -4.13
CA TYR A 77 -4.75 1.81 -2.86
C TYR A 77 -5.31 2.99 -2.07
N SER A 78 -6.61 2.96 -1.79
CA SER A 78 -7.26 4.02 -1.04
C SER A 78 -7.51 3.60 0.40
N CYS A 79 -7.22 4.50 1.33
CA CYS A 79 -7.41 4.22 2.75
C CYS A 79 -8.39 5.22 3.37
N MET A 80 -9.58 4.73 3.73
CA MET A 80 -10.60 5.57 4.34
C MET A 80 -10.56 5.46 5.86
N CYS A 81 -10.58 6.60 6.53
CA CYS A 81 -10.55 6.63 7.98
C CYS A 81 -11.63 7.56 8.53
N GLY A 82 -12.74 6.98 8.96
CA GLY A 82 -13.84 7.77 9.50
C GLY A 82 -14.59 8.52 8.42
N GLN A 83 -14.08 9.69 8.05
CA GLN A 83 -14.72 10.50 7.02
C GLN A 83 -13.74 10.84 5.90
N GLU A 84 -12.51 11.17 6.28
CA GLU A 84 -11.48 11.51 5.30
C GLU A 84 -11.10 10.29 4.46
N ARG A 85 -10.16 10.48 3.54
CA ARG A 85 -9.71 9.41 2.67
C ARG A 85 -8.42 9.78 1.96
N THR A 86 -7.60 8.77 1.65
CA THR A 86 -6.33 9.00 0.99
C THR A 86 -6.04 7.90 -0.03
N SER A 87 -5.11 8.17 -0.94
CA SER A 87 -4.75 7.20 -1.97
C SER A 87 -3.23 7.15 -2.16
N ALA A 88 -2.73 5.99 -2.59
CA ALA A 88 -1.30 5.81 -2.81
C ALA A 88 -1.04 4.88 -3.98
N THR A 89 -0.58 5.46 -5.09
CA THR A 89 -0.30 4.67 -6.29
C THR A 89 0.89 3.74 -6.06
N LEU A 90 0.66 2.44 -6.25
CA LEU A 90 1.70 1.44 -6.07
C LEU A 90 2.27 1.00 -7.41
N THR A 91 3.59 0.84 -7.47
CA THR A 91 4.26 0.43 -8.70
C THR A 91 4.85 -0.98 -8.54
N VAL A 92 4.69 -1.79 -9.58
CA VAL A 92 5.21 -3.16 -9.56
C VAL A 92 6.05 -3.44 -10.80
N ARG A 93 7.30 -3.84 -10.59
CA ARG A 93 8.20 -4.14 -11.69
C ARG A 93 8.22 -5.65 -11.98
N ALA A 94 7.95 -6.00 -13.24
CA ALA A 94 7.93 -7.40 -13.65
C ALA A 94 9.35 -7.96 -13.73
N LEU A 95 9.51 -9.20 -13.30
CA LEU A 95 10.81 -9.86 -13.31
C LEU A 95 11.48 -9.71 -14.68
N PRO A 96 12.82 -9.72 -14.70
CA PRO A 96 13.60 -9.59 -15.94
C PRO A 96 13.48 -10.83 -16.82
N ALA A 97 13.17 -10.61 -18.09
CA ALA A 97 13.04 -11.70 -19.05
C ALA A 97 14.13 -11.63 -20.12
N ARG A 98 15.38 -11.57 -19.69
CA ARG A 98 16.50 -11.51 -20.61
C ARG A 98 17.10 -12.89 -20.84
N PHE A 99 17.15 -13.31 -22.11
CA PHE A 99 17.69 -14.61 -22.47
C PHE A 99 19.12 -14.47 -22.99
N THR A 100 20.08 -14.71 -22.10
CA THR A 100 21.50 -14.62 -22.47
C THR A 100 22.21 -15.95 -22.22
N GLU A 101 23.32 -16.15 -22.93
CA GLU A 101 24.09 -17.38 -22.79
C GLU A 101 25.41 -17.12 -22.06
N GLY A 102 25.57 -17.74 -20.90
CA GLY A 102 26.77 -17.56 -20.12
C GLY A 102 27.70 -18.75 -20.21
N SER A 103 28.62 -18.73 -21.18
CA SER A 103 29.56 -19.82 -21.37
C SER A 103 30.10 -20.31 -20.04
N GLY A 104 30.72 -19.41 -19.29
CA GLY A 104 31.27 -19.77 -17.99
C GLY A 104 32.72 -19.33 -17.84
N PRO A 105 32.93 -18.01 -17.68
CA PRO A 105 34.27 -17.44 -17.51
C PRO A 105 34.89 -17.80 -16.17
N SER A 106 36.19 -17.54 -16.03
CA SER A 106 36.91 -17.84 -14.81
C SER A 106 38.25 -17.11 -14.77
N SER A 107 38.69 -16.76 -13.57
CA SER A 107 39.96 -16.06 -13.39
C SER A 107 41.11 -17.04 -13.19
N GLY A 108 42.32 -16.60 -13.48
CA GLY A 108 43.48 -17.46 -13.32
C GLY A 108 43.63 -18.45 -14.46
N GLY A 1 -20.45 18.90 22.44
CA GLY A 1 -20.52 19.63 23.70
C GLY A 1 -19.45 20.72 23.78
N SER A 2 -19.15 21.14 25.01
CA SER A 2 -18.15 22.18 25.23
C SER A 2 -16.75 21.58 25.35
N SER A 3 -15.96 21.75 24.30
CA SER A 3 -14.60 21.22 24.27
C SER A 3 -14.59 19.70 24.38
N GLY A 4 -15.68 19.08 23.92
CA GLY A 4 -15.79 17.64 23.97
C GLY A 4 -15.20 16.97 22.74
N SER A 5 -14.35 15.97 22.96
CA SER A 5 -13.72 15.25 21.86
C SER A 5 -14.75 14.47 21.06
N SER A 6 -15.16 15.03 19.93
CA SER A 6 -16.16 14.38 19.07
C SER A 6 -15.73 14.46 17.60
N GLY A 7 -15.81 13.34 16.91
CA GLY A 7 -15.43 13.31 15.50
C GLY A 7 -14.47 12.16 15.19
N PRO A 8 -14.60 11.60 13.98
CA PRO A 8 -13.75 10.49 13.53
C PRO A 8 -12.32 10.93 13.29
N ALA A 9 -11.43 9.96 13.08
CA ALA A 9 -10.02 10.24 12.83
C ALA A 9 -9.81 10.67 11.38
N ARG A 10 -8.98 11.70 11.20
CA ARG A 10 -8.68 12.21 9.87
C ARG A 10 -7.19 12.08 9.56
N PHE A 11 -6.88 11.62 8.35
CA PHE A 11 -5.50 11.45 7.92
C PHE A 11 -4.71 12.75 8.10
N THR A 12 -3.43 12.61 8.43
CA THR A 12 -2.57 13.77 8.63
C THR A 12 -1.42 13.78 7.63
N GLN A 13 -1.00 12.59 7.20
CA GLN A 13 0.09 12.46 6.24
C GLN A 13 -0.31 11.53 5.09
N ASP A 14 -0.31 12.06 3.88
CA ASP A 14 -0.66 11.29 2.70
C ASP A 14 -0.14 9.86 2.82
N LEU A 15 -0.82 8.92 2.17
CA LEU A 15 -0.42 7.52 2.20
C LEU A 15 1.00 7.35 1.67
N LYS A 16 1.69 6.33 2.17
CA LYS A 16 3.05 6.05 1.74
C LYS A 16 3.15 4.68 1.08
N THR A 17 3.51 4.67 -0.19
CA THR A 17 3.65 3.43 -0.94
C THR A 17 5.06 3.24 -1.47
N LYS A 18 5.43 2.01 -1.76
CA LYS A 18 6.76 1.70 -2.28
C LYS A 18 6.67 0.92 -3.59
N GLU A 19 7.80 0.80 -4.28
CA GLU A 19 7.85 0.08 -5.54
C GLU A 19 8.63 -1.23 -5.41
N ALA A 20 7.93 -2.35 -5.51
CA ALA A 20 8.56 -3.65 -5.40
C ALA A 20 8.36 -4.47 -6.67
N SER A 21 9.10 -5.58 -6.78
CA SER A 21 9.01 -6.44 -7.95
C SER A 21 7.90 -7.49 -7.77
N GLU A 22 7.56 -8.16 -8.86
CA GLU A 22 6.51 -9.18 -8.82
C GLU A 22 6.83 -10.23 -7.76
N GLY A 23 5.79 -10.76 -7.13
CA GLY A 23 5.97 -11.76 -6.10
C GLY A 23 6.36 -11.17 -4.76
N ALA A 24 7.21 -10.14 -4.80
CA ALA A 24 7.65 -9.47 -3.57
C ALA A 24 6.47 -8.97 -2.76
N THR A 25 6.76 -8.25 -1.68
CA THR A 25 5.72 -7.71 -0.82
C THR A 25 5.77 -6.19 -0.78
N ALA A 26 4.61 -5.55 -0.97
CA ALA A 26 4.52 -4.10 -0.96
C ALA A 26 4.20 -3.58 0.43
N THR A 27 5.08 -2.72 0.95
CA THR A 27 4.89 -2.16 2.28
C THR A 27 4.50 -0.68 2.20
N LEU A 28 3.32 -0.36 2.69
CA LEU A 28 2.82 1.02 2.68
C LEU A 28 2.62 1.54 4.09
N GLN A 29 2.91 2.82 4.30
CA GLN A 29 2.77 3.45 5.60
C GLN A 29 1.91 4.70 5.51
N CYS A 30 1.03 4.87 6.50
CA CYS A 30 0.13 6.03 6.52
C CYS A 30 -0.03 6.54 7.95
N GLU A 31 -0.36 7.83 8.08
CA GLU A 31 -0.54 8.45 9.38
C GLU A 31 -2.01 8.80 9.61
N LEU A 32 -2.35 9.11 10.86
CA LEU A 32 -3.72 9.46 11.21
C LEU A 32 -3.74 10.51 12.32
N SER A 33 -4.86 11.21 12.45
CA SER A 33 -5.01 12.24 13.48
C SER A 33 -5.00 11.62 14.87
N LYS A 34 -5.50 10.39 14.96
CA LYS A 34 -5.55 9.68 16.23
C LYS A 34 -5.86 8.20 16.02
N VAL A 35 -5.53 7.39 17.01
CA VAL A 35 -5.78 5.95 16.94
C VAL A 35 -7.22 5.67 16.55
N ALA A 36 -7.40 5.11 15.35
CA ALA A 36 -8.73 4.78 14.85
C ALA A 36 -8.66 3.68 13.80
N PRO A 37 -9.74 2.88 13.71
CA PRO A 37 -9.83 1.77 12.76
C PRO A 37 -9.94 2.24 11.32
N VAL A 38 -9.15 1.65 10.44
CA VAL A 38 -9.16 2.02 9.03
C VAL A 38 -9.50 0.81 8.15
N GLU A 39 -9.61 1.06 6.85
CA GLU A 39 -9.93 -0.01 5.90
C GLU A 39 -9.27 0.25 4.55
N TRP A 40 -8.42 -0.68 4.13
CA TRP A 40 -7.72 -0.55 2.85
C TRP A 40 -8.60 -1.04 1.70
N LYS A 41 -8.53 -0.33 0.58
CA LYS A 41 -9.31 -0.69 -0.60
C LYS A 41 -8.45 -0.66 -1.86
N LYS A 42 -8.73 -1.58 -2.77
CA LYS A 42 -7.98 -1.66 -4.03
C LYS A 42 -8.87 -1.31 -5.21
N GLY A 43 -9.94 -0.57 -4.95
CA GLY A 43 -10.85 -0.17 -6.01
C GLY A 43 -12.29 -0.19 -5.56
N PRO A 44 -13.21 -0.57 -6.47
CA PRO A 44 -14.64 -0.64 -6.18
C PRO A 44 -14.98 -1.77 -5.23
N GLU A 45 -13.97 -2.46 -4.74
CA GLU A 45 -14.16 -3.57 -3.81
C GLU A 45 -13.54 -3.26 -2.44
N THR A 46 -13.86 -4.07 -1.46
CA THR A 46 -13.34 -3.90 -0.11
C THR A 46 -12.41 -5.04 0.28
N LEU A 47 -11.33 -4.71 0.96
CA LEU A 47 -10.36 -5.72 1.40
C LEU A 47 -10.39 -5.89 2.91
N ARG A 48 -9.70 -6.91 3.40
CA ARG A 48 -9.65 -7.18 4.84
C ARG A 48 -8.27 -7.68 5.25
N ASP A 49 -8.06 -7.82 6.55
CA ASP A 49 -6.79 -8.29 7.08
C ASP A 49 -6.83 -9.79 7.33
N GLY A 50 -5.88 -10.51 6.72
CA GLY A 50 -5.83 -11.96 6.89
C GLY A 50 -5.48 -12.67 5.60
N GLY A 51 -4.34 -13.35 5.59
CA GLY A 51 -3.91 -14.07 4.41
C GLY A 51 -2.94 -13.27 3.56
N ARG A 52 -3.21 -13.22 2.26
CA ARG A 52 -2.35 -12.49 1.33
C ARG A 52 -2.19 -11.04 1.78
N TYR A 53 -3.29 -10.43 2.22
CA TYR A 53 -3.28 -9.05 2.67
C TYR A 53 -3.04 -8.97 4.18
N SER A 54 -1.83 -8.56 4.57
CA SER A 54 -1.48 -8.44 5.97
C SER A 54 -1.23 -6.99 6.35
N LEU A 55 -2.00 -6.48 7.30
CA LEU A 55 -1.85 -5.10 7.76
C LEU A 55 -1.75 -5.04 9.27
N LYS A 56 -0.98 -4.08 9.77
CA LYS A 56 -0.81 -3.90 11.21
C LYS A 56 -1.13 -2.47 11.63
N GLN A 57 -1.56 -2.31 12.87
CA GLN A 57 -1.91 -0.99 13.39
C GLN A 57 -0.96 -0.60 14.53
N ASP A 58 -0.38 0.60 14.42
CA ASP A 58 0.53 1.09 15.43
C ASP A 58 0.16 2.51 15.86
N GLY A 59 -0.53 2.62 16.99
CA GLY A 59 -0.95 3.93 17.48
C GLY A 59 -1.57 4.78 16.40
N THR A 60 -0.81 5.77 15.93
CA THR A 60 -1.31 6.67 14.88
C THR A 60 -0.61 6.40 13.55
N ARG A 61 -0.25 5.14 13.32
CA ARG A 61 0.42 4.76 12.08
C ARG A 61 0.03 3.34 11.67
N CYS A 62 -0.57 3.23 10.49
CA CYS A 62 -1.00 1.93 9.98
C CYS A 62 -0.18 1.53 8.75
N GLU A 63 0.18 0.26 8.68
CA GLU A 63 0.96 -0.25 7.56
C GLU A 63 0.21 -1.36 6.83
N LEU A 64 0.43 -1.46 5.52
CA LEU A 64 -0.22 -2.48 4.71
C LEU A 64 0.80 -3.28 3.91
N GLN A 65 0.85 -4.58 4.17
CA GLN A 65 1.78 -5.45 3.47
C GLN A 65 1.05 -6.39 2.52
N ILE A 66 1.32 -6.25 1.23
CA ILE A 66 0.69 -7.08 0.21
C ILE A 66 1.62 -8.18 -0.25
N HIS A 67 1.35 -9.41 0.19
CA HIS A 67 2.17 -10.56 -0.18
C HIS A 67 1.79 -11.06 -1.57
N ASP A 68 2.75 -11.67 -2.26
CA ASP A 68 2.51 -12.20 -3.60
C ASP A 68 2.16 -11.08 -4.57
N LEU A 69 2.99 -10.04 -4.61
CA LEU A 69 2.76 -8.90 -5.48
C LEU A 69 2.65 -9.36 -6.94
N SER A 70 2.11 -8.49 -7.78
CA SER A 70 1.94 -8.81 -9.20
C SER A 70 1.65 -7.55 -10.00
N VAL A 71 2.23 -7.47 -11.20
CA VAL A 71 2.03 -6.32 -12.08
C VAL A 71 0.57 -5.89 -12.10
N ALA A 72 -0.33 -6.86 -11.96
CA ALA A 72 -1.76 -6.59 -11.97
C ALA A 72 -2.16 -5.76 -10.75
N ASP A 73 -1.57 -6.07 -9.61
CA ASP A 73 -1.87 -5.35 -8.37
C ASP A 73 -1.51 -3.88 -8.50
N ALA A 74 -0.42 -3.60 -9.21
CA ALA A 74 0.04 -2.23 -9.41
C ALA A 74 -1.12 -1.32 -9.83
N GLY A 75 -1.59 -0.51 -8.89
CA GLY A 75 -2.68 0.39 -9.19
C GLY A 75 -2.78 1.54 -8.21
N GLU A 76 -3.93 1.69 -7.56
CA GLU A 76 -4.13 2.76 -6.60
C GLU A 76 -4.80 2.23 -5.32
N TYR A 77 -4.04 2.21 -4.23
CA TYR A 77 -4.56 1.72 -2.96
C TYR A 77 -5.03 2.88 -2.09
N SER A 78 -6.33 2.90 -1.80
CA SER A 78 -6.91 3.96 -0.97
C SER A 78 -7.21 3.44 0.44
N CYS A 79 -7.26 4.36 1.39
CA CYS A 79 -7.54 4.00 2.79
C CYS A 79 -8.59 4.92 3.38
N MET A 80 -9.71 4.34 3.79
CA MET A 80 -10.80 5.11 4.39
C MET A 80 -10.73 5.08 5.91
N CYS A 81 -10.75 6.26 6.53
CA CYS A 81 -10.68 6.36 7.98
C CYS A 81 -11.75 7.30 8.50
N GLY A 82 -12.88 6.74 8.92
CA GLY A 82 -13.96 7.55 9.44
C GLY A 82 -14.70 8.32 8.35
N GLN A 83 -14.16 9.49 8.00
CA GLN A 83 -14.76 10.32 6.96
C GLN A 83 -13.75 10.63 5.86
N GLU A 84 -12.54 10.96 6.26
CA GLU A 84 -11.48 11.29 5.30
C GLU A 84 -10.98 10.03 4.59
N ARG A 85 -10.06 10.21 3.65
CA ARG A 85 -9.51 9.09 2.90
C ARG A 85 -8.21 9.50 2.19
N THR A 86 -7.37 8.51 1.89
CA THR A 86 -6.11 8.76 1.22
C THR A 86 -5.89 7.78 0.07
N SER A 87 -4.98 8.12 -0.83
CA SER A 87 -4.67 7.28 -1.97
C SER A 87 -3.18 7.31 -2.29
N ALA A 88 -2.63 6.14 -2.61
CA ALA A 88 -1.21 6.03 -2.93
C ALA A 88 -0.99 5.02 -4.06
N THR A 89 -0.63 5.52 -5.24
CA THR A 89 -0.39 4.67 -6.39
C THR A 89 0.80 3.73 -6.15
N LEU A 90 0.55 2.44 -6.22
CA LEU A 90 1.60 1.44 -6.01
C LEU A 90 2.31 1.11 -7.32
N THR A 91 3.62 0.93 -7.24
CA THR A 91 4.41 0.60 -8.42
C THR A 91 4.95 -0.82 -8.35
N VAL A 92 4.70 -1.60 -9.40
CA VAL A 92 5.17 -2.99 -9.45
C VAL A 92 6.05 -3.23 -10.67
N ARG A 93 7.26 -3.71 -10.43
CA ARG A 93 8.20 -3.97 -11.52
C ARG A 93 8.09 -5.42 -11.98
N ALA A 94 7.72 -5.60 -13.25
CA ALA A 94 7.57 -6.93 -13.82
C ALA A 94 8.88 -7.71 -13.73
N LEU A 95 8.78 -9.03 -13.54
CA LEU A 95 9.95 -9.88 -13.43
C LEU A 95 10.83 -9.76 -14.68
N PRO A 96 12.12 -10.08 -14.54
CA PRO A 96 13.08 -10.02 -15.64
C PRO A 96 12.84 -11.11 -16.67
N ALA A 97 12.50 -10.69 -17.89
CA ALA A 97 12.24 -11.62 -18.98
C ALA A 97 13.31 -12.70 -19.04
N ARG A 98 14.58 -12.29 -18.95
CA ARG A 98 15.69 -13.22 -18.99
C ARG A 98 16.69 -12.92 -17.88
N PHE A 99 17.39 -13.95 -17.42
CA PHE A 99 18.38 -13.80 -16.36
C PHE A 99 19.79 -14.04 -16.90
N THR A 100 20.73 -13.22 -16.45
CA THR A 100 22.12 -13.34 -16.89
C THR A 100 22.68 -14.71 -16.54
N GLU A 101 22.58 -15.64 -17.48
CA GLU A 101 23.09 -17.00 -17.27
C GLU A 101 24.58 -17.07 -17.56
N GLY A 102 25.15 -18.26 -17.40
CA GLY A 102 26.57 -18.45 -17.65
C GLY A 102 26.98 -19.90 -17.61
N SER A 103 27.98 -20.26 -18.42
CA SER A 103 28.45 -21.64 -18.47
C SER A 103 29.95 -21.71 -18.14
N GLY A 104 30.27 -22.47 -17.11
CA GLY A 104 31.66 -22.61 -16.69
C GLY A 104 32.10 -24.06 -16.63
N PRO A 105 32.55 -24.60 -17.78
CA PRO A 105 33.00 -25.98 -17.89
C PRO A 105 34.33 -26.20 -17.16
N SER A 106 34.58 -27.45 -16.78
CA SER A 106 35.82 -27.79 -16.07
C SER A 106 36.48 -29.02 -16.71
N SER A 107 37.68 -29.34 -16.23
CA SER A 107 38.43 -30.48 -16.76
C SER A 107 38.06 -31.76 -16.01
N GLY A 108 38.10 -32.89 -16.71
CA GLY A 108 37.78 -34.15 -16.10
C GLY A 108 36.54 -34.79 -16.69
N GLY A 1 -10.99 32.12 20.43
CA GLY A 1 -12.25 31.50 20.76
C GLY A 1 -12.08 30.10 21.31
N SER A 2 -12.90 29.17 20.84
CA SER A 2 -12.84 27.79 21.29
C SER A 2 -13.14 26.82 20.15
N SER A 3 -12.26 25.85 19.97
CA SER A 3 -12.43 24.86 18.91
C SER A 3 -11.87 23.51 19.34
N GLY A 4 -12.28 22.46 18.63
CA GLY A 4 -11.81 21.12 18.95
C GLY A 4 -12.94 20.20 19.39
N SER A 5 -13.75 19.77 18.44
CA SER A 5 -14.88 18.89 18.73
C SER A 5 -14.52 17.43 18.44
N SER A 6 -14.78 16.55 19.40
CA SER A 6 -14.48 15.14 19.24
C SER A 6 -15.22 14.55 18.03
N GLY A 7 -14.62 13.53 17.43
CA GLY A 7 -15.24 12.90 16.28
C GLY A 7 -14.37 11.81 15.69
N PRO A 8 -14.60 11.49 14.40
CA PRO A 8 -13.84 10.45 13.69
C PRO A 8 -12.40 10.87 13.43
N ALA A 9 -11.51 9.88 13.34
CA ALA A 9 -10.10 10.14 13.09
C ALA A 9 -9.88 10.61 11.65
N ARG A 10 -9.00 11.60 11.49
CA ARG A 10 -8.69 12.14 10.16
C ARG A 10 -7.24 11.87 9.80
N PHE A 11 -6.94 11.95 8.51
CA PHE A 11 -5.59 11.72 8.02
C PHE A 11 -4.74 12.98 8.18
N THR A 12 -3.47 12.78 8.56
CA THR A 12 -2.55 13.90 8.75
C THR A 12 -1.41 13.85 7.74
N GLN A 13 -1.19 12.67 7.15
CA GLN A 13 -0.13 12.50 6.17
C GLN A 13 -0.55 11.50 5.09
N ASP A 14 -0.64 11.99 3.86
CA ASP A 14 -1.03 11.16 2.73
C ASP A 14 -0.38 9.78 2.83
N LEU A 15 -0.98 8.80 2.15
CA LEU A 15 -0.46 7.44 2.16
C LEU A 15 0.96 7.39 1.59
N LYS A 16 1.66 6.30 1.86
CA LYS A 16 3.03 6.13 1.37
C LYS A 16 3.21 4.76 0.72
N THR A 17 4.15 4.67 -0.21
CA THR A 17 4.42 3.42 -0.91
C THR A 17 5.76 3.47 -1.63
N LYS A 18 6.20 2.32 -2.14
CA LYS A 18 7.47 2.24 -2.85
C LYS A 18 7.33 1.41 -4.12
N GLU A 19 8.43 1.25 -4.85
CA GLU A 19 8.42 0.48 -6.08
C GLU A 19 9.14 -0.85 -5.90
N ALA A 20 8.39 -1.93 -5.89
CA ALA A 20 8.96 -3.27 -5.73
C ALA A 20 8.71 -4.14 -6.97
N SER A 21 9.38 -5.28 -7.02
CA SER A 21 9.23 -6.19 -8.15
C SER A 21 8.33 -7.37 -7.79
N GLU A 22 7.93 -8.14 -8.80
CA GLU A 22 7.07 -9.29 -8.58
C GLU A 22 7.59 -10.16 -7.44
N GLY A 23 6.67 -10.67 -6.62
CA GLY A 23 7.05 -11.49 -5.49
C GLY A 23 7.34 -10.68 -4.25
N ALA A 24 7.79 -9.44 -4.44
CA ALA A 24 8.10 -8.57 -3.32
C ALA A 24 6.89 -8.35 -2.43
N THR A 25 7.00 -7.45 -1.46
CA THR A 25 5.91 -7.15 -0.54
C THR A 25 5.68 -5.65 -0.44
N ALA A 26 4.58 -5.19 -1.04
CA ALA A 26 4.24 -3.78 -1.01
C ALA A 26 4.04 -3.29 0.42
N THR A 27 4.78 -2.25 0.80
CA THR A 27 4.68 -1.69 2.14
C THR A 27 4.09 -0.29 2.11
N LEU A 28 2.84 -0.17 2.55
CA LEU A 28 2.14 1.11 2.58
C LEU A 28 1.95 1.60 4.01
N GLN A 29 2.50 2.78 4.30
CA GLN A 29 2.39 3.35 5.63
C GLN A 29 1.66 4.70 5.59
N CYS A 30 0.73 4.89 6.50
CA CYS A 30 -0.03 6.14 6.57
C CYS A 30 -0.11 6.66 7.99
N GLU A 31 -0.49 7.92 8.14
CA GLU A 31 -0.60 8.55 9.45
C GLU A 31 -2.04 8.97 9.74
N LEU A 32 -2.33 9.22 11.00
CA LEU A 32 -3.68 9.64 11.41
C LEU A 32 -3.62 10.64 12.56
N SER A 33 -4.70 11.37 12.75
CA SER A 33 -4.77 12.36 13.82
C SER A 33 -4.83 11.68 15.19
N LYS A 34 -5.21 10.42 15.20
CA LYS A 34 -5.30 9.65 16.44
C LYS A 34 -5.43 8.16 16.15
N VAL A 35 -5.09 7.35 17.14
CA VAL A 35 -5.15 5.90 17.00
C VAL A 35 -6.58 5.43 16.73
N ALA A 36 -6.91 5.25 15.46
CA ALA A 36 -8.24 4.81 15.08
C ALA A 36 -8.18 3.75 13.98
N PRO A 37 -9.20 2.87 13.95
CA PRO A 37 -9.27 1.79 12.95
C PRO A 37 -9.54 2.32 11.55
N VAL A 38 -8.87 1.72 10.56
CA VAL A 38 -9.04 2.13 9.18
C VAL A 38 -9.41 0.94 8.30
N GLU A 39 -9.83 1.22 7.07
CA GLU A 39 -10.22 0.18 6.14
C GLU A 39 -9.54 0.38 4.79
N TRP A 40 -8.66 -0.55 4.43
CA TRP A 40 -7.94 -0.49 3.16
C TRP A 40 -8.83 -0.92 2.00
N LYS A 41 -8.64 -0.28 0.85
CA LYS A 41 -9.43 -0.61 -0.33
C LYS A 41 -8.56 -0.59 -1.58
N LYS A 42 -8.93 -1.42 -2.56
CA LYS A 42 -8.18 -1.50 -3.82
C LYS A 42 -9.06 -1.13 -4.99
N GLY A 43 -10.20 -0.50 -4.71
CA GLY A 43 -11.11 -0.11 -5.77
C GLY A 43 -12.56 -0.14 -5.32
N PRO A 44 -13.46 -0.56 -6.24
CA PRO A 44 -14.89 -0.64 -5.95
C PRO A 44 -15.22 -1.77 -4.99
N GLU A 45 -14.19 -2.45 -4.50
CA GLU A 45 -14.37 -3.55 -3.56
C GLU A 45 -13.70 -3.24 -2.22
N THR A 46 -14.03 -4.04 -1.22
CA THR A 46 -13.46 -3.85 0.12
C THR A 46 -12.48 -4.98 0.46
N LEU A 47 -11.38 -4.62 1.09
CA LEU A 47 -10.36 -5.60 1.47
C LEU A 47 -10.48 -5.95 2.95
N ARG A 48 -9.61 -6.85 3.40
CA ARG A 48 -9.62 -7.28 4.80
C ARG A 48 -8.27 -7.86 5.20
N ASP A 49 -8.04 -7.98 6.50
CA ASP A 49 -6.78 -8.52 7.01
C ASP A 49 -6.91 -10.01 7.30
N GLY A 50 -6.15 -10.82 6.57
CA GLY A 50 -6.20 -12.26 6.76
C GLY A 50 -5.61 -13.02 5.59
N GLY A 51 -4.31 -13.24 5.62
CA GLY A 51 -3.64 -13.96 4.55
C GLY A 51 -2.58 -13.13 3.86
N ARG A 52 -2.58 -13.14 2.53
CA ARG A 52 -1.61 -12.39 1.76
C ARG A 52 -1.59 -10.93 2.19
N TYR A 53 -2.77 -10.38 2.42
CA TYR A 53 -2.89 -8.98 2.83
C TYR A 53 -2.78 -8.85 4.35
N SER A 54 -1.69 -8.24 4.81
CA SER A 54 -1.45 -8.05 6.24
C SER A 54 -1.60 -6.59 6.62
N LEU A 55 -2.53 -6.31 7.53
CA LEU A 55 -2.79 -4.94 7.99
C LEU A 55 -2.86 -4.89 9.51
N LYS A 56 -2.01 -4.06 10.11
CA LYS A 56 -1.98 -3.91 11.55
C LYS A 56 -1.78 -2.45 11.95
N GLN A 57 -2.19 -2.10 13.17
CA GLN A 57 -2.06 -0.74 13.66
C GLN A 57 -0.72 -0.54 14.35
N ASP A 58 -0.09 0.61 14.09
CA ASP A 58 1.20 0.92 14.70
C ASP A 58 1.19 2.33 15.28
N GLY A 59 0.34 2.56 16.27
CA GLY A 59 0.25 3.86 16.89
C GLY A 59 0.03 4.98 15.89
N THR A 60 -1.22 5.31 15.63
CA THR A 60 -1.57 6.35 14.68
C THR A 60 -0.84 6.15 13.36
N ARG A 61 -0.48 4.91 13.06
CA ARG A 61 0.22 4.57 11.83
C ARG A 61 -0.12 3.16 11.37
N CYS A 62 -0.75 3.06 10.19
CA CYS A 62 -1.13 1.77 9.65
C CYS A 62 -0.12 1.31 8.59
N GLU A 63 0.28 0.04 8.68
CA GLU A 63 1.24 -0.52 7.73
C GLU A 63 0.66 -1.76 7.04
N LEU A 64 0.41 -1.65 5.75
CA LEU A 64 -0.14 -2.76 4.97
C LEU A 64 0.96 -3.49 4.21
N GLN A 65 0.92 -4.81 4.25
CA GLN A 65 1.91 -5.63 3.57
C GLN A 65 1.25 -6.58 2.57
N ILE A 66 1.57 -6.41 1.29
CA ILE A 66 1.00 -7.24 0.24
C ILE A 66 2.00 -8.30 -0.21
N HIS A 67 2.01 -9.44 0.48
CA HIS A 67 2.91 -10.53 0.15
C HIS A 67 2.62 -11.08 -1.25
N ASP A 68 3.67 -11.38 -1.99
CA ASP A 68 3.52 -11.91 -3.35
C ASP A 68 3.08 -10.81 -4.32
N LEU A 69 3.82 -9.71 -4.32
CA LEU A 69 3.51 -8.59 -5.20
C LEU A 69 3.39 -9.04 -6.65
N SER A 70 2.60 -8.31 -7.43
CA SER A 70 2.40 -8.65 -8.84
C SER A 70 1.97 -7.42 -9.63
N VAL A 71 2.34 -7.38 -10.90
CA VAL A 71 2.00 -6.27 -11.78
C VAL A 71 0.52 -5.90 -11.64
N ALA A 72 -0.32 -6.92 -11.48
CA ALA A 72 -1.75 -6.71 -11.33
C ALA A 72 -2.06 -5.90 -10.07
N ASP A 73 -1.31 -6.14 -9.01
CA ASP A 73 -1.50 -5.44 -7.75
C ASP A 73 -1.10 -3.97 -7.88
N ALA A 74 -0.21 -3.69 -8.82
CA ALA A 74 0.26 -2.33 -9.05
C ALA A 74 -0.88 -1.43 -9.54
N GLY A 75 -1.43 -0.63 -8.63
CA GLY A 75 -2.52 0.25 -8.99
C GLY A 75 -2.66 1.42 -8.04
N GLU A 76 -3.83 1.54 -7.42
CA GLU A 76 -4.09 2.63 -6.48
C GLU A 76 -4.84 2.12 -5.26
N TYR A 77 -4.15 2.08 -4.12
CA TYR A 77 -4.77 1.61 -2.88
C TYR A 77 -5.24 2.79 -2.03
N SER A 78 -6.54 2.84 -1.78
CA SER A 78 -7.14 3.92 -0.99
C SER A 78 -7.46 3.43 0.41
N CYS A 79 -7.08 4.22 1.41
CA CYS A 79 -7.33 3.88 2.80
C CYS A 79 -8.38 4.80 3.41
N MET A 80 -9.51 4.24 3.81
CA MET A 80 -10.59 5.01 4.41
C MET A 80 -10.48 4.99 5.93
N CYS A 81 -10.41 6.18 6.53
CA CYS A 81 -10.30 6.31 7.98
C CYS A 81 -11.32 7.31 8.51
N GLY A 82 -12.45 6.80 9.01
CA GLY A 82 -13.48 7.66 9.54
C GLY A 82 -14.23 8.40 8.46
N GLN A 83 -13.81 9.62 8.16
CA GLN A 83 -14.45 10.43 7.13
C GLN A 83 -13.47 10.78 6.01
N GLU A 84 -12.21 10.95 6.37
CA GLU A 84 -11.17 11.29 5.41
C GLU A 84 -10.74 10.06 4.62
N ARG A 85 -9.91 10.27 3.60
CA ARG A 85 -9.43 9.17 2.78
C ARG A 85 -8.08 9.52 2.14
N THR A 86 -7.27 8.50 1.87
CA THR A 86 -5.97 8.70 1.27
C THR A 86 -5.69 7.67 0.18
N SER A 87 -4.94 8.07 -0.84
CA SER A 87 -4.60 7.18 -1.93
C SER A 87 -3.10 7.12 -2.15
N ALA A 88 -2.64 6.00 -2.72
CA ALA A 88 -1.21 5.81 -2.98
C ALA A 88 -0.99 4.85 -4.14
N THR A 89 -0.52 5.38 -5.26
CA THR A 89 -0.27 4.56 -6.45
C THR A 89 0.98 3.71 -6.26
N LEU A 90 0.78 2.40 -6.16
CA LEU A 90 1.89 1.47 -5.99
C LEU A 90 2.46 1.03 -7.33
N THR A 91 3.78 1.02 -7.44
CA THR A 91 4.45 0.62 -8.67
C THR A 91 5.08 -0.76 -8.52
N VAL A 92 4.78 -1.64 -9.48
CA VAL A 92 5.32 -2.99 -9.46
C VAL A 92 6.09 -3.29 -10.74
N ARG A 93 7.34 -3.73 -10.59
CA ARG A 93 8.19 -4.04 -11.73
C ARG A 93 8.17 -5.54 -12.01
N ALA A 94 7.54 -5.93 -13.12
CA ALA A 94 7.45 -7.33 -13.50
C ALA A 94 8.83 -7.97 -13.53
N LEU A 95 8.86 -9.30 -13.54
CA LEU A 95 10.13 -10.04 -13.58
C LEU A 95 10.89 -9.76 -14.87
N PRO A 96 12.21 -9.94 -14.82
CA PRO A 96 13.08 -9.72 -15.98
C PRO A 96 12.88 -10.75 -17.07
N ALA A 97 12.75 -10.30 -18.31
CA ALA A 97 12.54 -11.19 -19.44
C ALA A 97 13.55 -12.34 -19.43
N ARG A 98 13.05 -13.55 -19.62
CA ARG A 98 13.91 -14.73 -19.63
C ARG A 98 15.24 -14.44 -20.32
N PHE A 99 15.19 -13.59 -21.34
CA PHE A 99 16.38 -13.22 -22.08
C PHE A 99 16.98 -11.91 -21.56
N THR A 100 18.10 -12.01 -20.85
CA THR A 100 18.75 -10.84 -20.30
C THR A 100 20.17 -10.70 -20.84
N GLU A 101 20.77 -9.53 -20.65
CA GLU A 101 22.12 -9.27 -21.11
C GLU A 101 22.23 -9.50 -22.63
N GLY A 102 21.23 -9.03 -23.36
CA GLY A 102 21.23 -9.20 -24.80
C GLY A 102 22.63 -9.13 -25.40
N SER A 103 23.26 -7.96 -25.27
CA SER A 103 24.61 -7.77 -25.80
C SER A 103 25.66 -8.15 -24.77
N GLY A 104 26.85 -8.50 -25.25
CA GLY A 104 27.92 -8.88 -24.35
C GLY A 104 29.23 -8.17 -24.68
N PRO A 105 30.21 -8.30 -23.77
CA PRO A 105 31.52 -7.67 -23.95
C PRO A 105 32.33 -8.31 -25.06
N SER A 106 33.42 -7.65 -25.45
CA SER A 106 34.28 -8.15 -26.51
C SER A 106 35.64 -8.56 -25.97
N SER A 107 36.20 -7.71 -25.11
CA SER A 107 37.51 -7.96 -24.51
C SER A 107 38.45 -8.62 -25.53
N GLY A 108 38.41 -8.13 -26.76
CA GLY A 108 39.26 -8.68 -27.80
C GLY A 108 38.60 -9.83 -28.53
#